data_1SXE
#
_entry.id   1SXE
#
_entity_poly.entity_id   1
_entity_poly.type   'polypeptide(L)'
_entity_poly.pdbx_seq_one_letter_code
;GSHMEEKHMPPPNMTTNERRVIVPADPTLWSTDHVRQWLEWAVKEYGLPDVNILLFQNIDGKELCKMTKDDFQRLTPSYN
ADILLSHLHYLRETPLP
;
_entity_poly.pdbx_strand_id   A
#
# COMPACT_ATOMS: atom_id res chain seq x y z
N GLY A 1 22.69 2.44 17.50
CA GLY A 1 21.56 2.18 18.42
C GLY A 1 20.37 1.60 17.69
N SER A 2 20.38 0.30 17.49
CA SER A 2 19.33 -0.39 16.77
C SER A 2 18.77 -1.53 17.63
N HIS A 3 17.62 -1.31 18.22
CA HIS A 3 17.02 -2.29 19.12
C HIS A 3 15.53 -2.44 18.86
N MET A 4 15.03 -3.67 18.98
CA MET A 4 13.61 -3.99 18.80
C MET A 4 13.12 -3.54 17.43
N GLU A 5 13.83 -3.98 16.40
CA GLU A 5 13.54 -3.61 15.02
C GLU A 5 12.13 -4.03 14.59
N GLU A 6 11.64 -5.12 15.16
CA GLU A 6 10.33 -5.65 14.81
C GLU A 6 9.20 -4.78 15.36
N LYS A 7 9.55 -3.84 16.23
CA LYS A 7 8.55 -2.96 16.84
C LYS A 7 8.11 -1.89 15.85
N HIS A 8 8.96 -1.62 14.87
CA HIS A 8 8.68 -0.62 13.85
C HIS A 8 7.67 -1.15 12.85
N MET A 9 7.36 -2.44 12.97
CA MET A 9 6.37 -3.08 12.13
C MET A 9 5.06 -3.22 12.90
N PRO A 10 4.03 -2.46 12.50
CA PRO A 10 2.72 -2.51 13.15
C PRO A 10 2.06 -3.88 12.99
N PRO A 11 1.37 -4.35 14.04
CA PRO A 11 0.70 -5.65 14.04
C PRO A 11 -0.35 -5.77 12.94
N PRO A 12 -0.54 -6.99 12.41
CA PRO A 12 -1.57 -7.29 11.40
C PRO A 12 -2.91 -6.69 11.79
N ASN A 13 -3.54 -5.98 10.87
CA ASN A 13 -4.70 -5.17 11.19
C ASN A 13 -6.01 -5.94 11.07
N MET A 14 -6.81 -5.62 10.07
CA MET A 14 -8.21 -6.06 10.02
C MET A 14 -8.35 -7.46 9.47
N THR A 15 -9.46 -8.09 9.83
CA THR A 15 -9.85 -9.37 9.27
C THR A 15 -10.59 -9.11 7.94
N THR A 16 -10.81 -7.83 7.66
CA THR A 16 -11.38 -7.36 6.40
C THR A 16 -10.39 -7.55 5.26
N ASN A 17 -9.33 -8.29 5.53
CA ASN A 17 -8.31 -8.59 4.53
C ASN A 17 -8.78 -9.74 3.67
N GLU A 18 -9.91 -10.33 4.07
CA GLU A 18 -10.51 -11.46 3.34
C GLU A 18 -9.58 -12.68 3.32
N ARG A 19 -8.88 -12.84 2.22
CA ARG A 19 -7.92 -13.92 2.06
C ARG A 19 -6.73 -13.34 1.33
N ARG A 20 -6.68 -12.03 1.39
CA ARG A 20 -5.71 -11.23 0.65
C ARG A 20 -4.51 -10.91 1.52
N VAL A 21 -3.87 -9.79 1.21
CA VAL A 21 -2.91 -9.19 2.12
C VAL A 21 -3.63 -8.91 3.41
N ILE A 22 -3.02 -9.20 4.56
CA ILE A 22 -3.62 -8.89 5.85
C ILE A 22 -3.77 -7.38 6.06
N VAL A 23 -4.65 -6.79 5.27
CA VAL A 23 -4.89 -5.36 5.30
C VAL A 23 -6.38 -5.07 5.14
N PRO A 24 -6.90 -4.04 5.83
CA PRO A 24 -8.28 -3.59 5.69
C PRO A 24 -8.64 -3.28 4.24
N ALA A 25 -9.83 -3.68 3.83
CA ALA A 25 -10.37 -3.28 2.52
C ALA A 25 -10.57 -1.74 2.40
N ASP A 26 -9.85 -1.01 3.23
CA ASP A 26 -9.77 0.44 3.17
C ASP A 26 -8.32 0.74 3.32
N PRO A 27 -7.66 1.05 2.21
CA PRO A 27 -6.23 1.38 2.19
C PRO A 27 -5.92 2.66 2.95
N THR A 28 -6.66 2.90 4.01
CA THR A 28 -6.41 3.99 4.92
C THR A 28 -5.65 3.50 6.13
N LEU A 29 -6.03 2.30 6.60
CA LEU A 29 -5.47 1.74 7.80
C LEU A 29 -4.40 0.72 7.48
N TRP A 30 -4.03 0.55 6.22
CA TRP A 30 -2.82 -0.19 5.91
C TRP A 30 -1.65 0.48 6.60
N SER A 31 -1.04 -0.21 7.53
CA SER A 31 0.05 0.36 8.29
C SER A 31 1.29 0.58 7.41
N THR A 32 2.20 1.40 7.91
CA THR A 32 3.48 1.68 7.25
C THR A 32 4.04 0.43 6.57
N ASP A 33 4.10 -0.68 7.30
CA ASP A 33 4.66 -1.90 6.75
C ASP A 33 3.66 -2.56 5.83
N HIS A 34 2.38 -2.48 6.19
CA HIS A 34 1.32 -3.10 5.40
C HIS A 34 1.09 -2.40 4.06
N VAL A 35 1.64 -1.22 3.87
CA VAL A 35 1.43 -0.53 2.61
C VAL A 35 2.50 -1.04 1.70
N ARG A 36 3.67 -1.14 2.31
CA ARG A 36 4.86 -1.62 1.65
C ARG A 36 4.70 -3.10 1.34
N GLN A 37 3.90 -3.77 2.16
CA GLN A 37 3.60 -5.17 1.96
C GLN A 37 2.89 -5.38 0.63
N TRP A 38 1.68 -4.84 0.52
CA TRP A 38 0.96 -4.92 -0.74
C TRP A 38 1.78 -4.31 -1.86
N LEU A 39 2.20 -3.08 -1.64
CA LEU A 39 3.02 -2.34 -2.60
C LEU A 39 4.15 -3.21 -3.19
N GLU A 40 4.79 -3.98 -2.32
CA GLU A 40 5.83 -4.91 -2.76
C GLU A 40 5.17 -6.07 -3.53
N TRP A 41 4.23 -6.71 -2.86
CA TRP A 41 3.39 -7.76 -3.41
C TRP A 41 2.60 -7.31 -4.67
N ALA A 42 2.65 -6.04 -4.94
CA ALA A 42 1.86 -5.46 -6.02
C ALA A 42 2.69 -5.50 -7.27
N VAL A 43 3.91 -5.03 -7.14
CA VAL A 43 4.90 -5.25 -8.18
C VAL A 43 4.98 -6.73 -8.51
N LYS A 44 4.76 -7.53 -7.46
CA LYS A 44 4.86 -8.98 -7.56
C LYS A 44 3.69 -9.55 -8.34
N GLU A 45 2.46 -9.10 -8.09
CA GLU A 45 1.33 -9.64 -8.83
C GLU A 45 1.14 -9.02 -10.21
N TYR A 46 1.54 -7.77 -10.40
CA TYR A 46 1.11 -7.03 -11.57
C TYR A 46 2.24 -6.85 -12.57
N GLY A 47 3.43 -7.33 -12.21
CA GLY A 47 4.56 -7.25 -13.10
C GLY A 47 5.02 -5.82 -13.33
N LEU A 48 5.33 -5.13 -12.24
CA LEU A 48 5.65 -3.72 -12.29
C LEU A 48 7.16 -3.48 -12.18
N PRO A 49 7.85 -3.30 -13.32
CA PRO A 49 9.31 -3.11 -13.33
C PRO A 49 9.69 -1.70 -12.89
N ASP A 50 9.02 -0.72 -13.48
CA ASP A 50 9.27 0.68 -13.17
C ASP A 50 8.57 1.11 -11.89
N VAL A 51 8.98 0.54 -10.78
CA VAL A 51 8.40 0.88 -9.49
C VAL A 51 9.47 1.03 -8.42
N ASN A 52 9.58 2.22 -7.87
CA ASN A 52 10.48 2.46 -6.76
C ASN A 52 9.72 2.31 -5.45
N ILE A 53 9.49 1.06 -5.08
CA ILE A 53 8.62 0.74 -3.95
C ILE A 53 9.22 1.18 -2.61
N LEU A 54 10.54 1.08 -2.49
CA LEU A 54 11.24 1.46 -1.25
C LEU A 54 11.10 2.96 -0.93
N LEU A 55 10.27 3.68 -1.68
CA LEU A 55 10.06 5.10 -1.43
C LEU A 55 8.77 5.29 -0.62
N PHE A 56 7.94 4.26 -0.63
CA PHE A 56 6.65 4.33 0.06
C PHE A 56 6.76 3.74 1.47
N GLN A 57 7.93 3.18 1.77
CA GLN A 57 8.20 2.55 3.07
C GLN A 57 7.76 3.40 4.26
N ASN A 58 7.73 4.71 4.09
CA ASN A 58 7.36 5.62 5.19
C ASN A 58 5.92 6.10 5.02
N ILE A 59 5.27 5.58 3.99
CA ILE A 59 3.88 5.92 3.69
C ILE A 59 2.96 4.81 4.15
N ASP A 60 1.97 5.17 4.97
CA ASP A 60 0.95 4.22 5.35
C ASP A 60 -0.34 4.53 4.62
N GLY A 61 -1.40 3.82 4.96
CA GLY A 61 -2.65 3.93 4.24
C GLY A 61 -3.22 5.34 4.23
N LYS A 62 -3.02 6.08 5.31
CA LYS A 62 -3.61 7.41 5.42
C LYS A 62 -2.97 8.34 4.41
N GLU A 63 -1.76 7.99 4.02
CA GLU A 63 -1.00 8.81 3.13
C GLU A 63 -1.19 8.33 1.70
N LEU A 64 -1.55 7.06 1.55
CA LEU A 64 -1.76 6.46 0.24
C LEU A 64 -3.21 6.60 -0.22
N CYS A 65 -4.11 6.69 0.75
CA CYS A 65 -5.51 7.00 0.50
C CYS A 65 -5.62 8.43 0.02
N LYS A 66 -4.61 9.22 0.37
CA LYS A 66 -4.47 10.57 -0.10
C LYS A 66 -4.02 10.56 -1.56
N MET A 67 -2.85 9.93 -1.80
CA MET A 67 -2.20 9.88 -3.12
C MET A 67 -3.14 9.91 -4.30
N THR A 68 -2.82 10.78 -5.23
CA THR A 68 -3.52 10.85 -6.47
C THR A 68 -2.64 10.27 -7.58
N LYS A 69 -3.15 10.25 -8.80
CA LYS A 69 -2.38 9.70 -9.91
C LYS A 69 -1.07 10.44 -10.11
N ASP A 70 -1.05 11.72 -9.75
CA ASP A 70 0.15 12.54 -9.88
C ASP A 70 1.20 12.17 -8.85
N ASP A 71 0.75 11.88 -7.64
CA ASP A 71 1.62 11.61 -6.50
C ASP A 71 2.40 10.32 -6.71
N PHE A 72 1.80 9.35 -7.35
CA PHE A 72 2.53 8.13 -7.65
C PHE A 72 3.53 8.37 -8.76
N GLN A 73 3.21 9.27 -9.67
CA GLN A 73 4.07 9.51 -10.83
C GLN A 73 5.39 10.20 -10.47
N ARG A 74 5.58 10.57 -9.21
CA ARG A 74 6.84 11.19 -8.82
C ARG A 74 7.72 10.20 -8.07
N LEU A 75 7.20 9.00 -7.89
CA LEU A 75 7.92 7.91 -7.25
C LEU A 75 7.91 6.69 -8.16
N THR A 76 6.83 6.58 -8.93
CA THR A 76 6.58 5.46 -9.81
C THR A 76 5.61 5.91 -10.90
N PRO A 77 6.14 6.43 -12.02
CA PRO A 77 5.36 7.15 -13.02
C PRO A 77 4.68 6.23 -14.05
N SER A 78 4.24 6.85 -15.14
CA SER A 78 3.64 6.16 -16.28
C SER A 78 2.49 5.23 -15.86
N TYR A 79 2.49 4.03 -16.41
CA TYR A 79 1.39 3.08 -16.27
C TYR A 79 1.34 2.47 -14.87
N ASN A 80 2.46 2.53 -14.17
CA ASN A 80 2.59 1.82 -12.91
C ASN A 80 1.77 2.53 -11.83
N ALA A 81 1.82 3.85 -11.86
CA ALA A 81 1.02 4.69 -10.98
C ALA A 81 -0.46 4.32 -11.09
N ASP A 82 -0.93 4.31 -12.33
CA ASP A 82 -2.32 3.98 -12.64
C ASP A 82 -2.67 2.56 -12.21
N ILE A 83 -1.83 1.57 -12.48
CA ILE A 83 -2.08 0.22 -11.98
C ILE A 83 -2.33 0.22 -10.47
N LEU A 84 -1.35 0.70 -9.72
CA LEU A 84 -1.41 0.70 -8.26
C LEU A 84 -2.66 1.41 -7.73
N LEU A 85 -2.84 2.65 -8.17
CA LEU A 85 -3.95 3.47 -7.67
C LEU A 85 -5.30 2.89 -8.08
N SER A 86 -5.42 2.51 -9.35
CA SER A 86 -6.66 1.88 -9.84
C SER A 86 -7.00 0.63 -9.05
N HIS A 87 -6.03 0.04 -8.38
CA HIS A 87 -6.31 -1.07 -7.51
C HIS A 87 -6.73 -0.59 -6.14
N LEU A 88 -6.09 0.47 -5.68
CA LEU A 88 -6.30 0.96 -4.34
C LEU A 88 -7.70 1.54 -4.19
N HIS A 89 -8.09 2.32 -5.18
CA HIS A 89 -9.34 3.05 -5.12
C HIS A 89 -10.53 2.09 -5.25
N TYR A 90 -10.29 0.92 -5.83
CA TYR A 90 -11.33 -0.08 -5.98
C TYR A 90 -11.42 -0.90 -4.70
N LEU A 91 -10.26 -1.11 -4.08
CA LEU A 91 -10.18 -1.79 -2.79
C LEU A 91 -11.05 -1.09 -1.74
N ARG A 92 -10.97 0.23 -1.70
CA ARG A 92 -11.75 1.04 -0.77
C ARG A 92 -13.17 1.29 -1.26
N GLU A 93 -13.51 0.76 -2.42
CA GLU A 93 -14.90 0.78 -2.87
C GLU A 93 -15.73 -0.07 -1.89
N THR A 94 -15.05 -0.97 -1.19
CA THR A 94 -15.66 -1.78 -0.15
C THR A 94 -14.83 -1.70 1.13
N PRO A 95 -14.88 -0.54 1.83
CA PRO A 95 -13.98 -0.24 2.95
C PRO A 95 -14.33 -1.02 4.23
N LEU A 96 -13.41 -1.01 5.19
CA LEU A 96 -13.69 -1.62 6.48
C LEU A 96 -14.53 -0.63 7.31
N PRO A 97 -15.61 -1.11 7.93
CA PRO A 97 -16.55 -0.26 8.65
C PRO A 97 -16.12 -0.01 10.09
N GLY A 1 10.53 -20.65 11.25
CA GLY A 1 11.98 -20.35 11.15
C GLY A 1 12.21 -18.92 10.72
N SER A 2 13.37 -18.36 11.08
CA SER A 2 13.70 -16.98 10.77
C SER A 2 12.68 -16.06 11.46
N HIS A 3 12.89 -15.82 12.74
CA HIS A 3 11.89 -15.18 13.59
C HIS A 3 11.85 -13.67 13.42
N MET A 4 12.61 -13.17 12.43
CA MET A 4 12.61 -11.75 12.06
C MET A 4 13.30 -10.87 13.09
N GLU A 5 14.05 -9.89 12.58
CA GLU A 5 14.68 -8.89 13.42
C GLU A 5 13.95 -7.56 13.26
N GLU A 6 13.29 -7.40 12.12
CA GLU A 6 12.55 -6.19 11.82
C GLU A 6 11.16 -6.24 12.46
N LYS A 7 11.13 -6.14 13.78
CA LYS A 7 9.87 -6.20 14.53
C LYS A 7 9.31 -4.80 14.71
N HIS A 8 9.37 -4.02 13.64
CA HIS A 8 8.88 -2.63 13.65
C HIS A 8 7.45 -2.58 13.14
N MET A 9 6.94 -3.73 12.73
CA MET A 9 5.59 -3.84 12.18
C MET A 9 4.57 -4.00 13.29
N PRO A 10 3.47 -3.25 13.23
CA PRO A 10 2.35 -3.43 14.16
C PRO A 10 1.60 -4.72 13.88
N PRO A 11 1.20 -5.44 14.93
CA PRO A 11 0.44 -6.70 14.81
C PRO A 11 -0.93 -6.47 14.18
N PRO A 12 -1.68 -7.55 13.83
CA PRO A 12 -3.01 -7.47 13.21
C PRO A 12 -3.79 -6.22 13.61
N ASN A 13 -3.78 -5.23 12.73
CA ASN A 13 -4.23 -3.89 13.06
C ASN A 13 -5.73 -3.78 13.00
N MET A 14 -6.31 -4.23 11.90
CA MET A 14 -7.69 -3.92 11.60
C MET A 14 -8.58 -5.15 11.64
N THR A 15 -9.85 -4.90 11.96
CA THR A 15 -10.84 -5.94 12.21
C THR A 15 -11.05 -6.86 10.99
N THR A 16 -10.70 -6.37 9.82
CA THR A 16 -10.88 -7.12 8.59
C THR A 16 -9.90 -6.66 7.51
N ASN A 17 -9.20 -7.61 6.91
CA ASN A 17 -8.35 -7.31 5.76
C ASN A 17 -9.16 -7.49 4.48
N GLU A 18 -8.57 -7.15 3.33
CA GLU A 18 -9.24 -7.37 2.05
C GLU A 18 -9.55 -8.87 1.80
N ARG A 19 -8.65 -9.60 1.15
CA ARG A 19 -8.92 -11.02 0.86
C ARG A 19 -7.64 -11.85 0.86
N ARG A 20 -6.59 -11.29 0.28
CA ARG A 20 -5.37 -12.03 -0.01
C ARG A 20 -4.13 -11.45 0.66
N VAL A 21 -4.19 -10.18 1.06
CA VAL A 21 -3.12 -9.59 1.87
C VAL A 21 -3.67 -9.28 3.25
N ILE A 22 -2.85 -9.47 4.29
CA ILE A 22 -3.21 -8.96 5.62
C ILE A 22 -3.16 -7.42 5.61
N VAL A 23 -4.06 -6.83 4.85
CA VAL A 23 -4.24 -5.40 4.82
C VAL A 23 -5.75 -5.12 4.77
N PRO A 24 -6.26 -4.27 5.66
CA PRO A 24 -7.69 -3.96 5.73
C PRO A 24 -8.24 -3.50 4.39
N ALA A 25 -9.49 -3.90 4.15
CA ALA A 25 -10.18 -3.59 2.91
C ALA A 25 -10.11 -2.09 2.54
N ASP A 26 -9.95 -1.22 3.54
CA ASP A 26 -9.66 0.19 3.29
C ASP A 26 -8.18 0.40 3.35
N PRO A 27 -7.61 0.78 2.20
CA PRO A 27 -6.19 1.06 2.06
C PRO A 27 -5.78 2.35 2.76
N THR A 28 -6.53 2.72 3.80
CA THR A 28 -6.24 3.90 4.56
C THR A 28 -5.53 3.56 5.85
N LEU A 29 -5.89 2.43 6.41
CA LEU A 29 -5.35 2.01 7.68
C LEU A 29 -4.29 0.95 7.50
N TRP A 30 -3.84 0.70 6.28
CA TRP A 30 -2.62 -0.06 6.08
C TRP A 30 -1.48 0.63 6.82
N SER A 31 -0.78 -0.12 7.64
CA SER A 31 0.35 0.45 8.34
C SER A 31 1.52 0.71 7.37
N THR A 32 2.42 1.57 7.81
CA THR A 32 3.67 1.86 7.10
C THR A 32 4.20 0.61 6.38
N ASP A 33 4.26 -0.51 7.10
CA ASP A 33 4.81 -1.73 6.54
C ASP A 33 3.76 -2.45 5.70
N HIS A 34 2.50 -2.40 6.11
CA HIS A 34 1.42 -3.05 5.36
C HIS A 34 1.17 -2.38 4.02
N VAL A 35 1.71 -1.19 3.81
CA VAL A 35 1.47 -0.52 2.55
C VAL A 35 2.54 -1.01 1.62
N ARG A 36 3.71 -1.12 2.22
CA ARG A 36 4.89 -1.62 1.55
C ARG A 36 4.67 -3.09 1.22
N GLN A 37 3.86 -3.73 2.05
CA GLN A 37 3.52 -5.13 1.86
C GLN A 37 2.80 -5.35 0.54
N TRP A 38 1.61 -4.77 0.41
CA TRP A 38 0.89 -4.83 -0.84
C TRP A 38 1.71 -4.24 -1.96
N LEU A 39 2.14 -3.01 -1.75
CA LEU A 39 2.94 -2.28 -2.74
C LEU A 39 4.07 -3.16 -3.33
N GLU A 40 4.74 -3.91 -2.48
CA GLU A 40 5.75 -4.86 -2.95
C GLU A 40 5.06 -6.01 -3.70
N TRP A 41 4.13 -6.63 -3.01
CA TRP A 41 3.25 -7.69 -3.55
C TRP A 41 2.45 -7.24 -4.80
N ALA A 42 2.52 -5.97 -5.09
CA ALA A 42 1.76 -5.38 -6.18
C ALA A 42 2.62 -5.43 -7.42
N VAL A 43 3.85 -4.95 -7.27
CA VAL A 43 4.85 -5.16 -8.30
C VAL A 43 4.97 -6.64 -8.61
N LYS A 44 4.77 -7.45 -7.57
CA LYS A 44 4.88 -8.88 -7.67
C LYS A 44 3.73 -9.45 -8.50
N GLU A 45 2.49 -9.04 -8.23
CA GLU A 45 1.37 -9.60 -8.96
C GLU A 45 1.14 -8.97 -10.33
N TYR A 46 1.47 -7.69 -10.48
CA TYR A 46 0.97 -6.94 -11.63
C TYR A 46 2.06 -6.72 -12.67
N GLY A 47 3.26 -7.19 -12.35
CA GLY A 47 4.37 -7.17 -13.29
C GLY A 47 4.82 -5.76 -13.61
N LEU A 48 5.17 -5.01 -12.59
CA LEU A 48 5.51 -3.61 -12.75
C LEU A 48 7.03 -3.43 -12.85
N PRO A 49 7.48 -2.85 -13.98
CA PRO A 49 8.90 -2.62 -14.23
C PRO A 49 9.43 -1.34 -13.56
N ASP A 50 8.75 -0.24 -13.83
CA ASP A 50 9.15 1.07 -13.27
C ASP A 50 8.55 1.31 -11.90
N VAL A 51 9.02 0.57 -10.90
CA VAL A 51 8.53 0.76 -9.53
C VAL A 51 9.67 0.68 -8.53
N ASN A 52 9.84 1.72 -7.72
CA ASN A 52 10.78 1.68 -6.62
C ASN A 52 10.02 1.73 -5.29
N ILE A 53 10.12 0.67 -4.49
CA ILE A 53 9.19 0.52 -3.36
C ILE A 53 9.66 1.26 -2.11
N LEU A 54 10.96 1.23 -1.86
CA LEU A 54 11.53 1.83 -0.64
C LEU A 54 11.23 3.33 -0.48
N LEU A 55 10.37 3.89 -1.33
CA LEU A 55 10.06 5.30 -1.26
C LEU A 55 8.75 5.48 -0.50
N PHE A 56 7.97 4.39 -0.45
CA PHE A 56 6.66 4.42 0.22
C PHE A 56 6.74 3.82 1.62
N GLN A 57 7.87 3.18 1.90
CA GLN A 57 8.13 2.46 3.16
C GLN A 57 7.66 3.21 4.41
N ASN A 58 7.71 4.53 4.37
CA ASN A 58 7.38 5.34 5.54
C ASN A 58 5.99 5.96 5.39
N ILE A 59 5.27 5.51 4.39
CA ILE A 59 3.91 5.96 4.12
C ILE A 59 2.91 4.92 4.60
N ASP A 60 1.93 5.37 5.39
CA ASP A 60 0.84 4.51 5.79
C ASP A 60 -0.28 4.58 4.75
N GLY A 61 -1.32 3.78 4.93
CA GLY A 61 -2.43 3.81 3.99
C GLY A 61 -3.11 5.16 3.95
N LYS A 62 -2.99 5.90 5.05
CA LYS A 62 -3.66 7.18 5.21
C LYS A 62 -3.05 8.20 4.26
N GLU A 63 -1.79 7.97 3.96
CA GLU A 63 -1.03 8.84 3.12
C GLU A 63 -1.11 8.38 1.68
N LEU A 64 -1.39 7.09 1.48
CA LEU A 64 -1.45 6.51 0.15
C LEU A 64 -2.86 6.59 -0.44
N CYS A 65 -3.89 6.52 0.39
CA CYS A 65 -5.23 6.58 -0.16
C CYS A 65 -5.61 8.04 -0.42
N LYS A 66 -4.74 8.95 0.03
CA LYS A 66 -4.89 10.39 -0.23
C LYS A 66 -3.84 10.82 -1.25
N MET A 67 -3.39 9.86 -2.05
CA MET A 67 -2.50 10.13 -3.17
C MET A 67 -3.30 10.36 -4.43
N THR A 68 -2.85 11.29 -5.26
CA THR A 68 -3.42 11.44 -6.59
C THR A 68 -2.61 10.61 -7.58
N LYS A 69 -3.13 10.42 -8.79
CA LYS A 69 -2.40 9.67 -9.81
C LYS A 69 -1.03 10.29 -10.05
N ASP A 70 -0.86 11.57 -9.68
CA ASP A 70 0.37 12.25 -9.98
C ASP A 70 1.38 12.03 -8.86
N ASP A 71 0.86 11.65 -7.69
CA ASP A 71 1.69 11.38 -6.51
C ASP A 71 2.43 10.08 -6.69
N PHE A 72 1.80 9.13 -7.35
CA PHE A 72 2.52 7.90 -7.66
C PHE A 72 3.49 8.17 -8.79
N GLN A 73 3.22 9.17 -9.61
CA GLN A 73 4.08 9.45 -10.75
C GLN A 73 5.39 10.13 -10.38
N ARG A 74 5.55 10.47 -9.11
CA ARG A 74 6.80 11.10 -8.69
C ARG A 74 7.68 10.11 -7.94
N LEU A 75 7.17 8.88 -7.82
CA LEU A 75 7.92 7.79 -7.21
C LEU A 75 7.88 6.55 -8.12
N THR A 76 6.80 6.42 -8.86
CA THR A 76 6.53 5.27 -9.71
C THR A 76 5.62 5.68 -10.86
N PRO A 77 6.20 6.30 -11.89
CA PRO A 77 5.46 7.03 -12.92
C PRO A 77 5.05 6.20 -14.13
N SER A 78 4.82 6.91 -15.24
CA SER A 78 4.52 6.33 -16.53
C SER A 78 3.16 5.65 -16.56
N TYR A 79 3.09 4.37 -16.26
CA TYR A 79 1.84 3.64 -16.37
C TYR A 79 1.58 2.74 -15.18
N ASN A 80 2.41 2.83 -14.15
CA ASN A 80 2.23 1.98 -12.97
C ASN A 80 1.41 2.70 -11.92
N ALA A 81 1.43 4.02 -11.99
CA ALA A 81 0.58 4.85 -11.15
C ALA A 81 -0.88 4.42 -11.30
N ASP A 82 -1.32 4.36 -12.56
CA ASP A 82 -2.67 3.94 -12.93
C ASP A 82 -2.94 2.47 -12.59
N ILE A 83 -1.91 1.73 -12.20
CA ILE A 83 -2.10 0.34 -11.81
C ILE A 83 -2.42 0.30 -10.34
N LEU A 84 -1.43 0.69 -9.55
CA LEU A 84 -1.51 0.68 -8.09
C LEU A 84 -2.75 1.44 -7.58
N LEU A 85 -2.92 2.65 -8.09
CA LEU A 85 -3.97 3.53 -7.60
C LEU A 85 -5.35 2.97 -7.92
N SER A 86 -5.56 2.65 -9.18
CA SER A 86 -6.83 2.07 -9.62
C SER A 86 -7.19 0.84 -8.79
N HIS A 87 -6.19 0.04 -8.44
CA HIS A 87 -6.42 -1.12 -7.60
C HIS A 87 -6.77 -0.71 -6.18
N LEU A 88 -6.16 0.37 -5.70
CA LEU A 88 -6.45 0.86 -4.36
C LEU A 88 -7.89 1.34 -4.29
N HIS A 89 -8.38 1.89 -5.40
CA HIS A 89 -9.76 2.35 -5.50
C HIS A 89 -10.72 1.16 -5.61
N TYR A 90 -10.17 -0.01 -5.87
CA TYR A 90 -10.97 -1.20 -6.10
C TYR A 90 -11.08 -1.99 -4.80
N LEU A 91 -9.95 -2.20 -4.15
CA LEU A 91 -9.90 -2.88 -2.87
C LEU A 91 -10.79 -2.17 -1.85
N ARG A 92 -10.76 -0.85 -1.89
CA ARG A 92 -11.51 0.02 -1.00
C ARG A 92 -13.02 0.05 -1.30
N GLU A 93 -13.47 -0.70 -2.31
CA GLU A 93 -14.91 -0.81 -2.60
C GLU A 93 -15.64 -1.31 -1.36
N THR A 94 -14.91 -2.03 -0.53
CA THR A 94 -15.41 -2.48 0.74
C THR A 94 -14.43 -2.05 1.83
N PRO A 95 -14.93 -1.47 2.92
CA PRO A 95 -14.09 -1.01 4.02
C PRO A 95 -14.01 -2.01 5.18
N LEU A 96 -13.09 -1.75 6.10
CA LEU A 96 -12.98 -2.56 7.31
C LEU A 96 -13.64 -1.81 8.47
N PRO A 97 -14.24 -2.53 9.42
CA PRO A 97 -14.86 -1.92 10.60
C PRO A 97 -13.82 -1.38 11.58
N GLY A 1 16.07 -1.45 3.00
CA GLY A 1 17.50 -1.69 3.25
C GLY A 1 17.73 -2.78 4.26
N SER A 2 18.89 -2.80 4.88
CA SER A 2 19.17 -3.74 5.95
C SER A 2 19.00 -3.03 7.29
N HIS A 3 17.76 -2.85 7.69
CA HIS A 3 17.43 -2.17 8.92
C HIS A 3 17.12 -3.19 10.02
N MET A 4 16.53 -4.31 9.59
CA MET A 4 16.12 -5.38 10.49
C MET A 4 15.12 -4.84 11.50
N GLU A 5 14.19 -4.05 10.99
CA GLU A 5 13.13 -3.47 11.78
C GLU A 5 11.85 -3.46 10.96
N GLU A 6 11.19 -4.60 10.92
CA GLU A 6 9.88 -4.72 10.29
C GLU A 6 8.80 -4.59 11.36
N LYS A 7 9.08 -3.76 12.35
CA LYS A 7 8.20 -3.60 13.50
C LYS A 7 7.72 -2.15 13.59
N HIS A 8 7.52 -1.53 12.44
CA HIS A 8 6.90 -0.20 12.41
C HIS A 8 5.39 -0.35 12.29
N MET A 9 4.94 -1.60 12.23
CA MET A 9 3.52 -1.92 12.12
C MET A 9 3.02 -2.68 13.35
N PRO A 10 2.85 -1.99 14.49
CA PRO A 10 2.31 -2.60 15.71
C PRO A 10 0.84 -3.10 15.61
N PRO A 11 -0.10 -2.33 14.98
CA PRO A 11 -1.52 -2.68 15.02
C PRO A 11 -2.00 -3.55 13.86
N PRO A 12 -2.47 -4.77 14.16
CA PRO A 12 -3.23 -5.58 13.21
C PRO A 12 -4.66 -5.06 13.12
N ASN A 13 -4.80 -3.91 12.49
CA ASN A 13 -6.05 -3.15 12.50
C ASN A 13 -7.02 -3.68 11.45
N MET A 14 -7.33 -4.97 11.50
CA MET A 14 -8.19 -5.58 10.49
C MET A 14 -8.47 -7.06 10.76
N THR A 15 -9.32 -7.62 9.92
CA THR A 15 -9.54 -9.05 9.87
C THR A 15 -10.08 -9.40 8.47
N THR A 16 -9.86 -8.47 7.53
CA THR A 16 -10.40 -8.60 6.19
C THR A 16 -9.44 -9.36 5.27
N ASN A 17 -8.37 -8.70 4.84
CA ASN A 17 -7.43 -9.28 3.87
C ASN A 17 -6.44 -10.20 4.55
N GLU A 18 -6.96 -11.08 5.40
CA GLU A 18 -6.14 -11.96 6.23
C GLU A 18 -5.30 -12.91 5.38
N ARG A 19 -5.81 -13.31 4.22
CA ARG A 19 -5.16 -14.33 3.41
C ARG A 19 -4.35 -13.74 2.25
N ARG A 20 -3.98 -12.47 2.34
CA ARG A 20 -3.27 -11.84 1.23
C ARG A 20 -2.28 -10.76 1.68
N VAL A 21 -2.76 -9.67 2.27
CA VAL A 21 -1.87 -8.57 2.68
C VAL A 21 -1.96 -8.34 4.17
N ILE A 22 -2.88 -9.05 4.81
CA ILE A 22 -3.15 -8.88 6.23
C ILE A 22 -3.50 -7.40 6.50
N VAL A 23 -4.40 -6.87 5.67
CA VAL A 23 -4.75 -5.46 5.73
C VAL A 23 -6.26 -5.26 5.71
N PRO A 24 -6.70 -4.08 6.18
CA PRO A 24 -8.08 -3.64 6.00
C PRO A 24 -8.38 -3.34 4.54
N ALA A 25 -9.56 -3.80 4.09
CA ALA A 25 -10.05 -3.51 2.74
C ALA A 25 -9.90 -2.02 2.37
N ASP A 26 -9.90 -1.16 3.37
CA ASP A 26 -9.57 0.24 3.22
C ASP A 26 -8.08 0.39 3.29
N PRO A 27 -7.50 0.94 2.24
CA PRO A 27 -6.09 1.20 2.16
C PRO A 27 -5.73 2.41 2.98
N THR A 28 -6.52 2.66 4.02
CA THR A 28 -6.31 3.77 4.91
C THR A 28 -5.62 3.33 6.19
N LEU A 29 -5.95 2.14 6.67
CA LEU A 29 -5.38 1.64 7.90
C LEU A 29 -4.22 0.71 7.61
N TRP A 30 -3.85 0.50 6.34
CA TRP A 30 -2.62 -0.19 6.03
C TRP A 30 -1.48 0.55 6.72
N SER A 31 -0.79 -0.12 7.62
CA SER A 31 0.27 0.54 8.32
C SER A 31 1.47 0.79 7.40
N THR A 32 2.34 1.67 7.84
CA THR A 32 3.60 1.97 7.15
C THR A 32 4.16 0.74 6.43
N ASP A 33 4.16 -0.39 7.11
CA ASP A 33 4.75 -1.61 6.59
C ASP A 33 3.75 -2.35 5.72
N HIS A 34 2.46 -2.29 6.03
CA HIS A 34 1.43 -2.93 5.23
C HIS A 34 1.22 -2.27 3.89
N VAL A 35 1.72 -1.06 3.72
CA VAL A 35 1.51 -0.36 2.47
C VAL A 35 2.65 -0.77 1.57
N ARG A 36 3.78 -0.92 2.24
CA ARG A 36 4.99 -1.41 1.63
C ARG A 36 4.78 -2.86 1.21
N GLN A 37 3.93 -3.54 1.97
CA GLN A 37 3.64 -4.94 1.73
C GLN A 37 2.92 -5.11 0.41
N TRP A 38 1.69 -4.60 0.33
CA TRP A 38 0.93 -4.61 -0.91
C TRP A 38 1.76 -4.12 -2.07
N LEU A 39 2.25 -2.91 -1.92
CA LEU A 39 3.10 -2.28 -2.93
C LEU A 39 4.16 -3.29 -3.50
N GLU A 40 4.62 -4.19 -2.64
CA GLU A 40 5.56 -5.24 -3.08
C GLU A 40 4.77 -6.41 -3.69
N TRP A 41 3.80 -6.89 -2.94
CA TRP A 41 2.92 -7.98 -3.36
C TRP A 41 2.12 -7.60 -4.62
N ALA A 42 2.17 -6.34 -4.98
CA ALA A 42 1.45 -5.83 -6.11
C ALA A 42 2.32 -5.91 -7.35
N VAL A 43 3.61 -5.68 -7.16
CA VAL A 43 4.57 -5.94 -8.22
C VAL A 43 4.54 -7.40 -8.70
N LYS A 44 4.15 -8.33 -7.83
CA LYS A 44 4.02 -9.75 -8.24
C LYS A 44 2.57 -10.00 -8.67
N GLU A 45 1.73 -9.13 -8.15
CA GLU A 45 0.30 -9.23 -8.33
C GLU A 45 -0.05 -8.83 -9.75
N TYR A 46 0.41 -7.64 -10.16
CA TYR A 46 0.03 -7.08 -11.44
C TYR A 46 1.21 -6.98 -12.39
N GLY A 47 2.36 -7.50 -11.98
CA GLY A 47 3.51 -7.54 -12.86
C GLY A 47 4.13 -6.18 -13.11
N LEU A 48 4.36 -5.44 -12.04
CA LEU A 48 4.99 -4.13 -12.11
C LEU A 48 6.49 -4.25 -12.43
N PRO A 49 6.89 -3.87 -13.66
CA PRO A 49 8.27 -4.07 -14.15
C PRO A 49 9.34 -3.38 -13.30
N ASP A 50 9.08 -2.14 -12.90
CA ASP A 50 10.07 -1.40 -12.13
C ASP A 50 9.39 -0.39 -11.22
N VAL A 51 8.83 -0.85 -10.13
CA VAL A 51 8.32 0.04 -9.10
C VAL A 51 9.36 0.19 -8.00
N ASN A 52 9.64 1.44 -7.62
CA ASN A 52 10.65 1.69 -6.61
C ASN A 52 9.98 1.76 -5.25
N ILE A 53 10.11 0.69 -4.49
CA ILE A 53 9.23 0.50 -3.35
C ILE A 53 9.75 1.15 -2.09
N LEU A 54 11.06 1.23 -1.93
CA LEU A 54 11.66 1.79 -0.72
C LEU A 54 11.34 3.28 -0.55
N LEU A 55 10.48 3.84 -1.39
CA LEU A 55 10.09 5.23 -1.26
C LEU A 55 8.75 5.32 -0.53
N PHE A 56 7.99 4.22 -0.56
CA PHE A 56 6.66 4.20 0.06
C PHE A 56 6.72 3.67 1.48
N GLN A 57 7.87 3.08 1.82
CA GLN A 57 8.10 2.43 3.12
C GLN A 57 7.59 3.24 4.32
N ASN A 58 7.63 4.56 4.22
CA ASN A 58 7.28 5.42 5.35
C ASN A 58 5.88 6.00 5.17
N ILE A 59 5.23 5.61 4.11
CA ILE A 59 3.88 6.07 3.81
C ILE A 59 2.86 5.07 4.35
N ASP A 60 1.94 5.58 5.19
CA ASP A 60 0.87 4.76 5.73
C ASP A 60 -0.26 4.68 4.71
N GLY A 61 -1.27 3.88 5.03
CA GLY A 61 -2.44 3.81 4.19
C GLY A 61 -3.17 5.13 4.15
N LYS A 62 -3.10 5.87 5.25
CA LYS A 62 -3.79 7.14 5.37
C LYS A 62 -3.14 8.14 4.42
N GLU A 63 -1.90 7.83 4.09
CA GLU A 63 -1.10 8.70 3.26
C GLU A 63 -1.17 8.25 1.81
N LEU A 64 -1.49 6.96 1.60
CA LEU A 64 -1.61 6.40 0.25
C LEU A 64 -3.04 6.51 -0.26
N CYS A 65 -3.99 6.55 0.66
CA CYS A 65 -5.39 6.79 0.35
C CYS A 65 -5.57 8.21 -0.19
N LYS A 66 -4.72 9.12 0.25
CA LYS A 66 -4.83 10.52 -0.15
C LYS A 66 -3.75 10.86 -1.18
N MET A 67 -3.37 9.87 -1.98
CA MET A 67 -2.48 10.08 -3.11
C MET A 67 -3.29 10.21 -4.40
N THR A 68 -2.88 11.11 -5.27
CA THR A 68 -3.47 11.20 -6.59
C THR A 68 -2.61 10.46 -7.61
N LYS A 69 -3.11 10.37 -8.83
CA LYS A 69 -2.36 9.76 -9.91
C LYS A 69 -1.01 10.45 -10.11
N ASP A 70 -0.93 11.73 -9.76
CA ASP A 70 0.28 12.50 -10.02
C ASP A 70 1.29 12.28 -8.90
N ASP A 71 0.79 11.91 -7.73
CA ASP A 71 1.62 11.68 -6.56
C ASP A 71 2.42 10.40 -6.72
N PHE A 72 1.87 9.44 -7.42
CA PHE A 72 2.62 8.23 -7.72
C PHE A 72 3.60 8.50 -8.83
N GLN A 73 3.33 9.50 -9.65
CA GLN A 73 4.19 9.82 -10.78
C GLN A 73 5.51 10.47 -10.32
N ARG A 74 5.59 10.79 -9.03
CA ARG A 74 6.79 11.42 -8.48
C ARG A 74 7.69 10.36 -7.85
N LEU A 75 7.19 9.13 -7.84
CA LEU A 75 7.95 8.00 -7.28
C LEU A 75 8.03 6.89 -8.32
N THR A 76 7.06 6.90 -9.24
CA THR A 76 6.96 5.93 -10.31
C THR A 76 6.03 6.49 -11.39
N PRO A 77 6.61 7.11 -12.43
CA PRO A 77 5.87 7.94 -13.40
C PRO A 77 4.91 7.16 -14.29
N SER A 78 3.62 7.25 -13.97
CA SER A 78 2.55 6.65 -14.77
C SER A 78 2.71 5.13 -14.84
N TYR A 79 1.80 4.49 -15.58
CA TYR A 79 1.89 3.05 -15.87
C TYR A 79 1.65 2.21 -14.62
N ASN A 80 2.57 2.32 -13.68
CA ASN A 80 2.49 1.58 -12.43
C ASN A 80 1.60 2.36 -11.48
N ALA A 81 1.65 3.67 -11.62
CA ALA A 81 0.81 4.57 -10.85
C ALA A 81 -0.65 4.23 -11.09
N ASP A 82 -1.01 4.23 -12.37
CA ASP A 82 -2.34 3.82 -12.81
C ASP A 82 -2.68 2.42 -12.34
N ILE A 83 -1.80 1.44 -12.52
CA ILE A 83 -2.03 0.11 -11.94
C ILE A 83 -2.38 0.21 -10.45
N LEU A 84 -1.45 0.69 -9.66
CA LEU A 84 -1.62 0.71 -8.20
C LEU A 84 -2.87 1.46 -7.76
N LEU A 85 -3.01 2.67 -8.27
CA LEU A 85 -4.06 3.58 -7.81
C LEU A 85 -5.44 3.04 -8.10
N SER A 86 -5.68 2.65 -9.35
CA SER A 86 -6.97 2.12 -9.75
C SER A 86 -7.29 0.86 -8.96
N HIS A 87 -6.23 0.15 -8.57
CA HIS A 87 -6.36 -1.08 -7.82
C HIS A 87 -6.66 -0.79 -6.36
N LEU A 88 -6.06 0.28 -5.84
CA LEU A 88 -6.30 0.70 -4.48
C LEU A 88 -7.73 1.20 -4.33
N HIS A 89 -8.17 1.94 -5.34
CA HIS A 89 -9.52 2.48 -5.39
C HIS A 89 -10.57 1.39 -5.26
N TYR A 90 -10.35 0.24 -5.91
CA TYR A 90 -11.27 -0.88 -5.83
C TYR A 90 -11.32 -1.44 -4.42
N LEU A 91 -10.15 -1.71 -3.86
CA LEU A 91 -10.05 -2.23 -2.51
C LEU A 91 -10.82 -1.37 -1.51
N ARG A 92 -10.63 -0.07 -1.64
CA ARG A 92 -11.15 0.92 -0.70
C ARG A 92 -12.68 1.04 -0.74
N GLU A 93 -13.32 0.47 -1.75
CA GLU A 93 -14.77 0.52 -1.84
C GLU A 93 -15.39 -0.19 -0.65
N THR A 94 -14.65 -1.11 -0.07
CA THR A 94 -15.07 -1.80 1.14
C THR A 94 -14.25 -1.31 2.33
N PRO A 95 -14.89 -0.64 3.29
CA PRO A 95 -14.22 -0.06 4.45
C PRO A 95 -14.25 -0.93 5.71
N LEU A 96 -13.13 -0.93 6.43
CA LEU A 96 -13.04 -1.54 7.76
C LEU A 96 -13.89 -0.73 8.77
N PRO A 97 -13.67 0.60 8.88
CA PRO A 97 -14.46 1.45 9.74
C PRO A 97 -15.61 2.11 9.00
N GLY A 1 17.85 5.03 7.21
CA GLY A 1 16.69 5.92 7.51
C GLY A 1 16.91 6.70 8.78
N SER A 2 15.86 6.88 9.56
CA SER A 2 15.96 7.61 10.81
C SER A 2 15.49 6.73 11.96
N HIS A 3 16.43 6.08 12.64
CA HIS A 3 16.11 5.16 13.72
C HIS A 3 15.84 5.93 15.01
N MET A 4 14.83 6.79 14.98
CA MET A 4 14.40 7.53 16.14
C MET A 4 12.93 7.92 16.02
N GLU A 5 12.32 7.54 14.91
CA GLU A 5 10.94 7.90 14.64
C GLU A 5 9.97 7.03 15.44
N GLU A 6 9.77 5.80 14.96
CA GLU A 6 8.79 4.88 15.56
C GLU A 6 7.39 5.51 15.47
N LYS A 7 6.39 4.81 16.03
CA LYS A 7 5.03 5.35 16.16
C LYS A 7 4.30 5.35 14.82
N HIS A 8 5.06 5.17 13.74
CA HIS A 8 4.47 5.06 12.40
C HIS A 8 3.96 3.66 12.17
N MET A 9 4.39 2.72 13.02
CA MET A 9 3.97 1.33 12.92
C MET A 9 3.11 0.96 14.13
N PRO A 10 1.78 1.14 14.01
CA PRO A 10 0.85 0.88 15.09
C PRO A 10 0.40 -0.58 15.14
N PRO A 11 -0.22 -1.00 16.25
CA PRO A 11 -0.85 -2.32 16.35
C PRO A 11 -2.00 -2.45 15.36
N PRO A 12 -2.15 -3.66 14.77
CA PRO A 12 -3.12 -3.95 13.69
C PRO A 12 -4.42 -3.17 13.79
N ASN A 13 -4.55 -2.14 12.96
CA ASN A 13 -5.72 -1.27 12.93
C ASN A 13 -6.95 -2.03 12.48
N MET A 14 -6.72 -3.02 11.64
CA MET A 14 -7.79 -3.72 10.95
C MET A 14 -7.97 -5.14 11.46
N THR A 15 -9.09 -5.74 11.08
CA THR A 15 -9.37 -7.14 11.36
C THR A 15 -9.00 -8.00 10.15
N THR A 16 -8.78 -7.34 9.03
CA THR A 16 -8.55 -8.02 7.77
C THR A 16 -7.09 -7.88 7.33
N ASN A 17 -6.35 -8.99 7.39
CA ASN A 17 -4.95 -9.04 6.94
C ASN A 17 -4.41 -10.45 7.12
N GLU A 18 -4.08 -11.12 6.02
CA GLU A 18 -3.63 -12.51 6.07
C GLU A 18 -3.25 -13.01 4.67
N ARG A 19 -2.55 -14.15 4.62
CA ARG A 19 -2.17 -14.83 3.37
C ARG A 19 -1.29 -13.93 2.50
N ARG A 20 -1.84 -13.45 1.38
CA ARG A 20 -1.18 -12.45 0.55
C ARG A 20 -0.98 -11.18 1.36
N VAL A 21 -2.01 -10.33 1.38
CA VAL A 21 -2.09 -9.23 2.33
C VAL A 21 -3.49 -9.18 2.89
N ILE A 22 -4.43 -9.46 2.01
CA ILE A 22 -5.87 -9.35 2.29
C ILE A 22 -6.11 -8.28 3.36
N VAL A 23 -5.52 -7.12 3.11
CA VAL A 23 -5.54 -6.02 4.05
C VAL A 23 -6.90 -5.33 4.01
N PRO A 24 -7.16 -4.32 4.88
CA PRO A 24 -8.44 -3.64 4.88
C PRO A 24 -8.76 -3.11 3.49
N ALA A 25 -9.95 -3.47 3.03
CA ALA A 25 -10.50 -2.93 1.80
C ALA A 25 -10.38 -1.40 1.77
N ASP A 26 -10.35 -0.80 2.96
CA ASP A 26 -9.96 0.60 3.10
C ASP A 26 -8.46 0.68 3.19
N PRO A 27 -7.85 1.15 2.10
CA PRO A 27 -6.40 1.32 2.03
C PRO A 27 -5.93 2.50 2.85
N THR A 28 -6.64 2.78 3.94
CA THR A 28 -6.34 3.89 4.83
C THR A 28 -5.59 3.42 6.04
N LEU A 29 -5.89 2.22 6.48
CA LEU A 29 -5.33 1.69 7.71
C LEU A 29 -4.18 0.76 7.43
N TRP A 30 -3.83 0.53 6.15
CA TRP A 30 -2.62 -0.18 5.84
C TRP A 30 -1.46 0.49 6.55
N SER A 31 -0.83 -0.20 7.47
CA SER A 31 0.25 0.39 8.23
C SER A 31 1.43 0.67 7.32
N THR A 32 2.27 1.60 7.74
CA THR A 32 3.51 1.92 7.04
C THR A 32 4.16 0.64 6.48
N ASP A 33 4.16 -0.42 7.28
CA ASP A 33 4.75 -1.68 6.87
C ASP A 33 3.79 -2.47 5.96
N HIS A 34 2.49 -2.41 6.21
CA HIS A 34 1.52 -3.11 5.36
C HIS A 34 1.33 -2.43 4.00
N VAL A 35 1.80 -1.20 3.84
CA VAL A 35 1.59 -0.50 2.58
C VAL A 35 2.70 -0.94 1.67
N ARG A 36 3.85 -1.12 2.29
CA ARG A 36 5.01 -1.61 1.62
C ARG A 36 4.78 -3.07 1.26
N GLN A 37 3.92 -3.72 2.03
CA GLN A 37 3.63 -5.13 1.88
C GLN A 37 2.91 -5.39 0.58
N TRP A 38 1.69 -4.87 0.45
CA TRP A 38 0.96 -4.91 -0.81
C TRP A 38 1.81 -4.41 -1.96
N LEU A 39 2.25 -3.19 -1.82
CA LEU A 39 3.10 -2.54 -2.83
C LEU A 39 4.19 -3.50 -3.40
N GLU A 40 4.68 -4.39 -2.55
CA GLU A 40 5.65 -5.40 -2.99
C GLU A 40 4.92 -6.54 -3.69
N TRP A 41 3.93 -7.04 -2.99
CA TRP A 41 3.05 -8.10 -3.50
C TRP A 41 2.30 -7.62 -4.77
N ALA A 42 2.39 -6.35 -5.08
CA ALA A 42 1.69 -5.79 -6.22
C ALA A 42 2.59 -5.85 -7.45
N VAL A 43 3.88 -5.67 -7.27
CA VAL A 43 4.81 -5.89 -8.38
C VAL A 43 4.82 -7.36 -8.85
N LYS A 44 4.40 -8.30 -8.00
CA LYS A 44 4.29 -9.71 -8.45
C LYS A 44 2.84 -9.93 -8.92
N GLU A 45 2.02 -9.01 -8.47
CA GLU A 45 0.59 -9.06 -8.71
C GLU A 45 0.31 -8.60 -10.14
N TYR A 46 0.76 -7.41 -10.50
CA TYR A 46 0.44 -6.84 -11.79
C TYR A 46 1.64 -6.70 -12.70
N GLY A 47 2.81 -7.12 -12.21
CA GLY A 47 4.02 -7.05 -13.01
C GLY A 47 4.47 -5.63 -13.25
N LEU A 48 4.61 -4.87 -12.16
CA LEU A 48 5.00 -3.47 -12.23
C LEU A 48 6.48 -3.34 -12.56
N PRO A 49 6.79 -2.99 -13.82
CA PRO A 49 8.13 -3.05 -14.36
C PRO A 49 8.92 -1.75 -14.21
N ASP A 50 8.89 -1.17 -13.01
CA ASP A 50 9.66 0.05 -12.70
C ASP A 50 9.24 0.64 -11.36
N VAL A 51 8.66 -0.17 -10.49
CA VAL A 51 8.25 0.33 -9.19
C VAL A 51 9.38 0.22 -8.18
N ASN A 52 9.72 1.34 -7.57
CA ASN A 52 10.74 1.35 -6.54
C ASN A 52 10.07 1.51 -5.19
N ILE A 53 10.20 0.51 -4.35
CA ILE A 53 9.27 0.35 -3.25
C ILE A 53 9.72 1.11 -2.00
N LEU A 54 11.02 1.20 -1.79
CA LEU A 54 11.56 1.85 -0.61
C LEU A 54 11.23 3.35 -0.54
N LEU A 55 10.40 3.86 -1.46
CA LEU A 55 9.98 5.25 -1.41
C LEU A 55 8.65 5.35 -0.68
N PHE A 56 7.89 4.25 -0.70
CA PHE A 56 6.57 4.23 -0.10
C PHE A 56 6.62 3.72 1.33
N GLN A 57 7.78 3.17 1.70
CA GLN A 57 8.04 2.63 3.03
C GLN A 57 7.60 3.56 4.17
N ASN A 58 7.65 4.87 3.93
CA ASN A 58 7.34 5.84 4.98
C ASN A 58 5.88 6.29 4.87
N ILE A 59 5.21 5.79 3.83
CA ILE A 59 3.82 6.11 3.58
C ILE A 59 2.92 5.00 4.10
N ASP A 60 1.95 5.39 4.91
CA ASP A 60 0.95 4.45 5.38
C ASP A 60 -0.32 4.58 4.56
N GLY A 61 -1.35 3.85 4.93
CA GLY A 61 -2.57 3.84 4.16
C GLY A 61 -3.22 5.20 4.09
N LYS A 62 -3.16 5.97 5.17
CA LYS A 62 -3.85 7.24 5.21
C LYS A 62 -3.16 8.21 4.27
N GLU A 63 -1.87 7.96 4.08
CA GLU A 63 -1.04 8.80 3.26
C GLU A 63 -1.15 8.34 1.80
N LEU A 64 -1.46 7.05 1.61
CA LEU A 64 -1.59 6.49 0.27
C LEU A 64 -3.01 6.63 -0.24
N CYS A 65 -3.96 6.69 0.68
CA CYS A 65 -5.35 6.96 0.35
C CYS A 65 -5.51 8.40 -0.11
N LYS A 66 -4.62 9.28 0.37
CA LYS A 66 -4.64 10.69 0.01
C LYS A 66 -3.64 10.97 -1.11
N MET A 67 -3.30 9.93 -1.86
CA MET A 67 -2.45 10.08 -3.04
C MET A 67 -3.30 10.19 -4.29
N THR A 68 -2.90 11.07 -5.18
CA THR A 68 -3.52 11.14 -6.49
C THR A 68 -2.66 10.41 -7.51
N LYS A 69 -3.17 10.28 -8.73
CA LYS A 69 -2.42 9.61 -9.80
C LYS A 69 -1.07 10.28 -10.02
N ASP A 70 -1.00 11.56 -9.72
CA ASP A 70 0.22 12.33 -9.93
C ASP A 70 1.21 12.07 -8.81
N ASP A 71 0.70 11.65 -7.66
CA ASP A 71 1.53 11.39 -6.50
C ASP A 71 2.32 10.10 -6.68
N PHE A 72 1.74 9.15 -7.38
CA PHE A 72 2.47 7.92 -7.67
C PHE A 72 3.44 8.14 -8.80
N GLN A 73 3.15 9.09 -9.67
CA GLN A 73 4.02 9.37 -10.82
C GLN A 73 5.21 10.23 -10.40
N ARG A 74 5.24 10.67 -9.15
CA ARG A 74 6.36 11.44 -8.65
C ARG A 74 7.27 10.54 -7.83
N LEU A 75 6.87 9.28 -7.72
CA LEU A 75 7.68 8.26 -7.05
C LEU A 75 7.94 7.09 -8.01
N THR A 76 7.04 6.94 -8.98
CA THR A 76 7.08 5.85 -9.95
C THR A 76 6.13 6.19 -11.10
N PRO A 77 6.65 6.84 -12.15
CA PRO A 77 5.84 7.41 -13.23
C PRO A 77 5.27 6.35 -14.18
N SER A 78 4.72 6.82 -15.29
CA SER A 78 4.13 5.96 -16.33
C SER A 78 2.90 5.20 -15.81
N TYR A 79 2.57 4.09 -16.48
CA TYR A 79 1.35 3.33 -16.18
C TYR A 79 1.40 2.64 -14.81
N ASN A 80 2.54 2.71 -14.14
CA ASN A 80 2.70 2.03 -12.86
C ASN A 80 1.83 2.70 -11.80
N ALA A 81 1.84 4.02 -11.81
CA ALA A 81 0.98 4.83 -10.96
C ALA A 81 -0.48 4.41 -11.10
N ASP A 82 -0.92 4.34 -12.36
CA ASP A 82 -2.26 3.92 -12.71
C ASP A 82 -2.56 2.51 -12.24
N ILE A 83 -1.69 1.53 -12.51
CA ILE A 83 -1.92 0.17 -12.01
C ILE A 83 -2.16 0.18 -10.50
N LEU A 84 -1.27 0.82 -9.77
CA LEU A 84 -1.35 0.88 -8.32
C LEU A 84 -2.62 1.59 -7.84
N LEU A 85 -2.75 2.84 -8.22
CA LEU A 85 -3.83 3.68 -7.72
C LEU A 85 -5.20 3.09 -8.00
N SER A 86 -5.40 2.60 -9.21
CA SER A 86 -6.69 2.05 -9.59
C SER A 86 -7.07 0.83 -8.75
N HIS A 87 -6.08 0.15 -8.19
CA HIS A 87 -6.41 -0.98 -7.32
C HIS A 87 -6.87 -0.45 -6.00
N LEU A 88 -6.27 0.66 -5.58
CA LEU A 88 -6.56 1.23 -4.29
C LEU A 88 -8.01 1.66 -4.23
N HIS A 89 -8.45 2.32 -5.28
CA HIS A 89 -9.82 2.80 -5.33
C HIS A 89 -10.78 1.63 -5.53
N TYR A 90 -10.36 0.62 -6.30
CA TYR A 90 -11.11 -0.63 -6.43
C TYR A 90 -11.28 -1.33 -5.09
N LEU A 91 -10.16 -1.50 -4.38
CA LEU A 91 -10.14 -2.08 -3.05
C LEU A 91 -11.05 -1.30 -2.11
N ARG A 92 -10.96 0.01 -2.21
CA ARG A 92 -11.66 0.97 -1.36
C ARG A 92 -13.14 1.09 -1.71
N GLU A 93 -13.59 0.37 -2.73
CA GLU A 93 -15.00 0.37 -3.10
C GLU A 93 -15.84 -0.34 -2.05
N THR A 94 -15.19 -0.93 -1.06
CA THR A 94 -15.86 -1.54 0.07
C THR A 94 -15.04 -1.28 1.34
N PRO A 95 -15.71 -1.05 2.48
CA PRO A 95 -15.04 -0.78 3.75
C PRO A 95 -14.65 -2.06 4.49
N LEU A 96 -13.60 -1.94 5.31
CA LEU A 96 -13.15 -3.06 6.13
C LEU A 96 -14.02 -3.18 7.38
N PRO A 97 -14.09 -4.39 7.96
CA PRO A 97 -14.86 -4.63 9.20
C PRO A 97 -14.16 -4.04 10.43
N GLY A 1 14.45 7.94 23.07
CA GLY A 1 14.07 9.35 23.29
C GLY A 1 12.94 9.78 22.39
N SER A 2 12.83 11.08 22.13
CA SER A 2 11.76 11.60 21.31
C SER A 2 12.14 11.63 19.82
N HIS A 3 13.05 10.75 19.43
CA HIS A 3 13.39 10.58 18.03
C HIS A 3 12.54 9.48 17.43
N MET A 4 11.33 9.85 17.02
CA MET A 4 10.36 8.86 16.55
C MET A 4 10.53 8.61 15.07
N GLU A 5 11.71 8.13 14.70
CA GLU A 5 12.02 7.79 13.32
C GLU A 5 11.61 6.36 13.05
N GLU A 6 12.30 5.42 13.68
CA GLU A 6 12.02 4.00 13.52
C GLU A 6 10.90 3.57 14.46
N LYS A 7 9.79 4.30 14.41
CA LYS A 7 8.64 4.01 15.25
C LYS A 7 7.40 3.84 14.37
N HIS A 8 6.25 3.68 15.02
CA HIS A 8 4.98 3.51 14.31
C HIS A 8 5.02 2.28 13.41
N MET A 9 5.66 1.22 13.91
CA MET A 9 5.77 -0.02 13.17
C MET A 9 4.96 -1.14 13.84
N PRO A 10 5.10 -1.32 15.18
CA PRO A 10 4.23 -2.25 15.94
C PRO A 10 2.73 -2.08 15.67
N PRO A 11 2.18 -0.83 15.65
CA PRO A 11 0.76 -0.61 15.31
C PRO A 11 0.37 -1.23 13.96
N PRO A 12 -0.56 -2.19 14.00
CA PRO A 12 -1.02 -2.88 12.79
C PRO A 12 -2.15 -2.14 12.09
N ASN A 13 -3.00 -2.88 11.39
CA ASN A 13 -4.09 -2.26 10.65
C ASN A 13 -5.45 -2.63 11.24
N MET A 14 -5.89 -3.87 11.02
CA MET A 14 -7.17 -4.34 11.53
C MET A 14 -7.37 -5.83 11.23
N THR A 15 -6.52 -6.36 10.35
CA THR A 15 -6.52 -7.78 10.00
C THR A 15 -7.72 -8.14 9.11
N THR A 16 -7.75 -7.57 7.91
CA THR A 16 -8.71 -7.99 6.89
C THR A 16 -7.98 -8.50 5.66
N ASN A 17 -8.55 -8.26 4.48
CA ASN A 17 -7.96 -8.66 3.21
C ASN A 17 -7.90 -10.17 3.11
N GLU A 18 -8.63 -10.83 4.01
CA GLU A 18 -8.85 -12.28 3.98
C GLU A 18 -7.58 -13.07 3.62
N ARG A 19 -6.62 -13.11 4.56
CA ARG A 19 -5.43 -13.96 4.45
C ARG A 19 -4.38 -13.43 3.46
N ARG A 20 -4.80 -12.59 2.51
CA ARG A 20 -3.89 -12.10 1.48
C ARG A 20 -2.80 -11.17 2.07
N VAL A 21 -3.17 -9.91 2.28
CA VAL A 21 -2.22 -8.93 2.79
C VAL A 21 -2.46 -8.66 4.27
N ILE A 22 -3.56 -9.19 4.77
CA ILE A 22 -4.01 -8.93 6.14
C ILE A 22 -4.13 -7.42 6.38
N VAL A 23 -4.92 -6.76 5.55
CA VAL A 23 -5.07 -5.32 5.60
C VAL A 23 -6.51 -4.92 5.29
N PRO A 24 -6.98 -3.78 5.81
CA PRO A 24 -8.32 -3.28 5.50
C PRO A 24 -8.50 -3.04 4.01
N ALA A 25 -9.57 -3.59 3.45
CA ALA A 25 -9.97 -3.29 2.08
C ALA A 25 -10.04 -1.76 1.83
N ASP A 26 -10.07 -1.00 2.93
CA ASP A 26 -9.82 0.43 2.87
C ASP A 26 -8.34 0.65 3.07
N PRO A 27 -7.64 1.00 2.00
CA PRO A 27 -6.21 1.25 2.02
C PRO A 27 -5.86 2.51 2.78
N THR A 28 -6.62 2.79 3.85
CA THR A 28 -6.40 3.93 4.70
C THR A 28 -5.68 3.54 5.97
N LEU A 29 -5.95 2.35 6.46
CA LEU A 29 -5.38 1.90 7.70
C LEU A 29 -4.23 0.93 7.48
N TRP A 30 -3.88 0.63 6.22
CA TRP A 30 -2.70 -0.15 5.94
C TRP A 30 -1.52 0.40 6.71
N SER A 31 -0.90 -0.43 7.53
CA SER A 31 0.21 0.02 8.34
C SER A 31 1.42 0.35 7.47
N THR A 32 2.24 1.25 7.98
CA THR A 32 3.51 1.60 7.35
C THR A 32 4.16 0.37 6.68
N ASP A 33 4.24 -0.72 7.44
CA ASP A 33 4.88 -1.94 6.96
C ASP A 33 3.96 -2.65 5.98
N HIS A 34 2.66 -2.66 6.27
CA HIS A 34 1.67 -3.31 5.41
C HIS A 34 1.46 -2.57 4.09
N VAL A 35 1.96 -1.35 3.99
CA VAL A 35 1.74 -0.58 2.77
C VAL A 35 2.80 -0.99 1.79
N ARG A 36 3.99 -1.27 2.32
CA ARG A 36 5.05 -1.84 1.53
C ARG A 36 4.63 -3.22 1.13
N GLN A 37 3.83 -3.84 1.96
CA GLN A 37 3.54 -5.23 1.83
C GLN A 37 2.81 -5.48 0.53
N TRP A 38 1.60 -4.94 0.41
CA TRP A 38 0.88 -4.96 -0.84
C TRP A 38 1.72 -4.40 -1.97
N LEU A 39 2.13 -3.17 -1.80
CA LEU A 39 2.96 -2.47 -2.80
C LEU A 39 4.06 -3.41 -3.40
N GLU A 40 4.58 -4.30 -2.57
CA GLU A 40 5.57 -5.28 -3.02
C GLU A 40 4.86 -6.48 -3.65
N TRP A 41 3.92 -7.02 -2.89
CA TRP A 41 3.09 -8.14 -3.31
C TRP A 41 2.25 -7.78 -4.56
N ALA A 42 2.25 -6.52 -4.89
CA ALA A 42 1.46 -6.01 -6.01
C ALA A 42 2.30 -6.03 -7.26
N VAL A 43 3.59 -5.76 -7.10
CA VAL A 43 4.55 -6.05 -8.17
C VAL A 43 4.48 -7.52 -8.61
N LYS A 44 4.02 -8.39 -7.72
CA LYS A 44 3.83 -9.81 -8.06
C LYS A 44 2.39 -10.02 -8.54
N GLU A 45 1.53 -9.21 -7.94
CA GLU A 45 0.11 -9.36 -8.09
C GLU A 45 -0.32 -8.92 -9.47
N TYR A 46 0.11 -7.74 -9.89
CA TYR A 46 -0.32 -7.21 -11.17
C TYR A 46 0.83 -7.11 -12.17
N GLY A 47 2.00 -7.62 -11.81
CA GLY A 47 3.11 -7.68 -12.75
C GLY A 47 3.70 -6.32 -13.04
N LEU A 48 3.96 -5.57 -11.98
CA LEU A 48 4.63 -4.28 -12.08
C LEU A 48 6.11 -4.46 -12.41
N PRO A 49 6.50 -4.06 -13.64
CA PRO A 49 7.86 -4.29 -14.16
C PRO A 49 8.95 -3.66 -13.29
N ASP A 50 8.69 -2.46 -12.79
CA ASP A 50 9.67 -1.78 -11.96
C ASP A 50 8.99 -0.69 -11.14
N VAL A 51 8.46 -1.07 -10.01
CA VAL A 51 7.90 -0.11 -9.07
C VAL A 51 8.91 0.14 -7.95
N ASN A 52 9.13 1.40 -7.61
CA ASN A 52 10.12 1.74 -6.61
C ASN A 52 9.47 1.85 -5.24
N ILE A 53 9.70 0.84 -4.41
CA ILE A 53 8.90 0.68 -3.22
C ILE A 53 9.49 1.40 -2.01
N LEU A 54 10.80 1.53 -1.96
CA LEU A 54 11.44 2.19 -0.81
C LEU A 54 11.11 3.68 -0.72
N LEU A 55 10.26 4.19 -1.61
CA LEU A 55 9.89 5.61 -1.56
C LEU A 55 8.56 5.74 -0.84
N PHE A 56 7.82 4.64 -0.77
CA PHE A 56 6.54 4.63 -0.08
C PHE A 56 6.71 4.14 1.36
N GLN A 57 7.94 3.75 1.70
CA GLN A 57 8.26 3.16 3.00
C GLN A 57 7.73 3.96 4.20
N ASN A 58 7.73 5.28 4.11
CA ASN A 58 7.31 6.11 5.24
C ASN A 58 5.84 6.47 5.10
N ILE A 59 5.21 5.84 4.12
CA ILE A 59 3.80 6.04 3.84
C ILE A 59 2.98 4.86 4.33
N ASP A 60 1.91 5.15 5.06
CA ASP A 60 0.94 4.12 5.38
C ASP A 60 -0.35 4.43 4.65
N GLY A 61 -1.39 3.65 4.92
CA GLY A 61 -2.60 3.74 4.12
C GLY A 61 -3.22 5.12 4.14
N LYS A 62 -3.05 5.83 5.24
CA LYS A 62 -3.70 7.11 5.42
C LYS A 62 -3.05 8.15 4.52
N GLU A 63 -1.84 7.86 4.11
CA GLU A 63 -1.09 8.72 3.23
C GLU A 63 -1.27 8.26 1.78
N LEU A 64 -1.52 6.95 1.60
CA LEU A 64 -1.68 6.36 0.27
C LEU A 64 -3.12 6.51 -0.22
N CYS A 65 -4.04 6.66 0.71
CA CYS A 65 -5.42 6.98 0.39
C CYS A 65 -5.51 8.40 -0.15
N LYS A 66 -4.59 9.26 0.27
CA LYS A 66 -4.64 10.68 -0.07
C LYS A 66 -3.66 10.98 -1.21
N MET A 67 -3.21 9.95 -1.92
CA MET A 67 -2.31 10.18 -3.05
C MET A 67 -3.12 10.31 -4.32
N THR A 68 -2.74 11.25 -5.15
CA THR A 68 -3.31 11.36 -6.47
C THR A 68 -2.39 10.67 -7.49
N LYS A 69 -2.87 10.52 -8.72
CA LYS A 69 -2.06 9.89 -9.76
C LYS A 69 -0.72 10.62 -9.93
N ASP A 70 -0.74 11.92 -9.64
CA ASP A 70 0.46 12.74 -9.76
C ASP A 70 1.48 12.39 -8.68
N ASP A 71 0.97 11.94 -7.53
CA ASP A 71 1.81 11.61 -6.40
C ASP A 71 2.61 10.35 -6.66
N PHE A 72 2.02 9.42 -7.38
CA PHE A 72 2.73 8.20 -7.72
C PHE A 72 3.68 8.46 -8.87
N GLN A 73 3.30 9.30 -9.82
CA GLN A 73 4.12 9.52 -11.01
C GLN A 73 5.51 10.00 -10.62
N ARG A 74 5.57 10.86 -9.61
CA ARG A 74 6.86 11.40 -9.14
C ARG A 74 7.72 10.38 -8.41
N LEU A 75 7.20 9.18 -8.20
CA LEU A 75 7.92 8.14 -7.47
C LEU A 75 8.02 6.89 -8.33
N THR A 76 6.98 6.70 -9.14
CA THR A 76 6.85 5.57 -10.03
C THR A 76 5.82 5.93 -11.11
N PRO A 77 6.30 6.08 -12.36
CA PRO A 77 5.52 6.69 -13.46
C PRO A 77 4.12 6.13 -13.65
N SER A 78 3.31 6.93 -14.37
CA SER A 78 1.85 6.74 -14.47
C SER A 78 1.47 5.31 -14.82
N TYR A 79 2.27 4.67 -15.65
CA TYR A 79 2.07 3.27 -16.02
C TYR A 79 1.77 2.41 -14.80
N ASN A 80 2.62 2.53 -13.78
CA ASN A 80 2.49 1.71 -12.58
C ASN A 80 1.63 2.46 -11.57
N ALA A 81 1.68 3.78 -11.65
CA ALA A 81 0.86 4.65 -10.83
C ALA A 81 -0.60 4.29 -10.98
N ASP A 82 -1.02 4.20 -12.24
CA ASP A 82 -2.37 3.79 -12.58
C ASP A 82 -2.67 2.37 -12.13
N ILE A 83 -1.75 1.41 -12.33
CA ILE A 83 -1.95 0.08 -11.75
C ILE A 83 -2.31 0.18 -10.27
N LEU A 84 -1.37 0.70 -9.48
CA LEU A 84 -1.52 0.76 -8.03
C LEU A 84 -2.79 1.50 -7.60
N LEU A 85 -2.99 2.66 -8.19
CA LEU A 85 -4.06 3.54 -7.76
C LEU A 85 -5.43 2.99 -8.11
N SER A 86 -5.63 2.63 -9.37
CA SER A 86 -6.92 2.08 -9.80
C SER A 86 -7.26 0.82 -9.01
N HIS A 87 -6.24 0.05 -8.65
CA HIS A 87 -6.44 -1.13 -7.82
C HIS A 87 -6.76 -0.74 -6.40
N LEU A 88 -6.17 0.36 -5.93
CA LEU A 88 -6.43 0.85 -4.59
C LEU A 88 -7.87 1.30 -4.49
N HIS A 89 -8.33 1.96 -5.54
CA HIS A 89 -9.69 2.45 -5.64
C HIS A 89 -10.67 1.31 -5.87
N TYR A 90 -10.13 0.15 -6.20
CA TYR A 90 -10.95 -1.03 -6.44
C TYR A 90 -11.06 -1.81 -5.13
N LEU A 91 -9.93 -1.91 -4.44
CA LEU A 91 -9.88 -2.49 -3.11
C LEU A 91 -10.79 -1.72 -2.14
N ARG A 92 -10.71 -0.40 -2.25
CA ARG A 92 -11.45 0.50 -1.36
C ARG A 92 -12.93 0.59 -1.73
N GLU A 93 -13.33 -0.12 -2.78
CA GLU A 93 -14.75 -0.23 -3.10
C GLU A 93 -15.49 -0.99 -2.01
N THR A 94 -14.74 -1.72 -1.20
CA THR A 94 -15.30 -2.42 -0.05
C THR A 94 -14.69 -1.88 1.25
N PRO A 95 -15.17 -0.74 1.75
CA PRO A 95 -14.64 -0.12 2.96
C PRO A 95 -14.76 -1.04 4.18
N LEU A 96 -13.77 -0.97 5.07
CA LEU A 96 -13.79 -1.79 6.27
C LEU A 96 -14.84 -1.24 7.24
N PRO A 97 -15.63 -2.13 7.85
CA PRO A 97 -16.71 -1.75 8.76
C PRO A 97 -16.22 -1.00 9.99
N GLY A 1 17.46 -10.02 14.16
CA GLY A 1 16.74 -10.25 15.43
C GLY A 1 16.20 -11.66 15.54
N SER A 2 16.08 -12.17 16.77
CA SER A 2 15.56 -13.49 17.01
C SER A 2 14.08 -13.54 16.64
N HIS A 3 13.27 -12.78 17.35
CA HIS A 3 11.86 -12.63 17.04
C HIS A 3 11.32 -11.39 17.74
N MET A 4 12.01 -10.29 17.51
CA MET A 4 11.62 -9.01 18.09
C MET A 4 11.01 -8.15 17.01
N GLU A 5 11.84 -7.81 16.01
CA GLU A 5 11.42 -7.04 14.84
C GLU A 5 10.60 -5.82 15.27
N GLU A 6 11.21 -5.00 16.12
CA GLU A 6 10.52 -3.86 16.70
C GLU A 6 11.06 -2.55 16.14
N LYS A 7 10.18 -1.78 15.52
CA LYS A 7 10.54 -0.46 15.04
C LYS A 7 9.29 0.39 14.87
N HIS A 8 8.44 0.01 13.93
CA HIS A 8 7.20 0.74 13.66
C HIS A 8 6.23 -0.14 12.88
N MET A 9 6.27 -1.43 13.16
CA MET A 9 5.36 -2.38 12.51
C MET A 9 4.51 -3.08 13.55
N PRO A 10 3.20 -2.78 13.55
CA PRO A 10 2.24 -3.37 14.46
C PRO A 10 1.55 -4.61 13.87
N PRO A 11 1.89 -5.80 14.39
CA PRO A 11 1.26 -7.05 13.96
C PRO A 11 -0.28 -7.01 14.01
N PRO A 12 -0.91 -6.47 15.09
CA PRO A 12 -2.36 -6.26 15.11
C PRO A 12 -2.77 -4.99 14.39
N ASN A 13 -3.21 -5.14 13.15
CA ASN A 13 -3.64 -4.01 12.35
C ASN A 13 -5.12 -3.68 12.58
N MET A 14 -6.01 -4.43 11.94
CA MET A 14 -7.44 -4.14 12.01
C MET A 14 -8.22 -5.41 12.29
N THR A 15 -9.53 -5.25 12.47
CA THR A 15 -10.40 -6.34 12.86
C THR A 15 -11.11 -6.99 11.67
N THR A 16 -10.46 -6.99 10.52
CA THR A 16 -10.99 -7.65 9.33
C THR A 16 -9.85 -8.03 8.40
N ASN A 17 -9.30 -7.02 7.71
CA ASN A 17 -8.17 -7.19 6.79
C ASN A 17 -8.58 -7.97 5.55
N GLU A 18 -8.26 -7.43 4.38
CA GLU A 18 -8.54 -8.11 3.14
C GLU A 18 -7.62 -9.32 3.00
N ARG A 19 -8.21 -10.46 2.69
CA ARG A 19 -7.57 -11.76 2.90
C ARG A 19 -6.22 -11.90 2.20
N ARG A 20 -6.14 -11.55 0.92
CA ARG A 20 -4.97 -11.84 0.10
C ARG A 20 -3.67 -11.21 0.63
N VAL A 21 -3.77 -10.11 1.37
CA VAL A 21 -2.57 -9.49 1.93
C VAL A 21 -2.73 -9.24 3.42
N ILE A 22 -3.82 -9.75 3.96
CA ILE A 22 -4.21 -9.58 5.37
C ILE A 22 -4.16 -8.09 5.80
N VAL A 23 -4.53 -7.23 4.87
CA VAL A 23 -4.54 -5.79 5.10
C VAL A 23 -5.94 -5.23 4.86
N PRO A 24 -6.45 -4.37 5.76
CA PRO A 24 -7.85 -3.90 5.73
C PRO A 24 -8.30 -3.40 4.37
N ALA A 25 -9.53 -3.78 4.02
CA ALA A 25 -10.17 -3.37 2.77
C ALA A 25 -9.96 -1.89 2.44
N ASP A 26 -9.80 -1.06 3.46
CA ASP A 26 -9.39 0.34 3.26
C ASP A 26 -7.90 0.45 3.37
N PRO A 27 -7.26 0.82 2.25
CA PRO A 27 -5.85 1.13 2.22
C PRO A 27 -5.56 2.45 2.93
N THR A 28 -6.38 2.76 3.92
CA THR A 28 -6.20 3.92 4.76
C THR A 28 -5.55 3.54 6.06
N LEU A 29 -5.91 2.36 6.57
CA LEU A 29 -5.42 1.88 7.84
C LEU A 29 -4.31 0.88 7.64
N TRP A 30 -3.86 0.64 6.41
CA TRP A 30 -2.63 -0.10 6.20
C TRP A 30 -1.49 0.63 6.86
N SER A 31 -0.73 -0.06 7.68
CA SER A 31 0.41 0.55 8.33
C SER A 31 1.56 0.75 7.34
N THR A 32 2.51 1.58 7.75
CA THR A 32 3.77 1.78 7.01
C THR A 32 4.25 0.45 6.39
N ASP A 33 4.21 -0.62 7.19
CA ASP A 33 4.65 -1.93 6.74
C ASP A 33 3.60 -2.58 5.86
N HIS A 34 2.31 -2.45 6.19
CA HIS A 34 1.26 -3.06 5.39
C HIS A 34 1.07 -2.39 4.04
N VAL A 35 1.61 -1.19 3.85
CA VAL A 35 1.39 -0.50 2.58
C VAL A 35 2.45 -1.00 1.66
N ARG A 36 3.61 -1.18 2.26
CA ARG A 36 4.77 -1.70 1.59
C ARG A 36 4.50 -3.15 1.21
N GLN A 37 3.67 -3.80 2.01
CA GLN A 37 3.36 -5.21 1.82
C GLN A 37 2.64 -5.42 0.50
N TRP A 38 1.44 -4.86 0.36
CA TRP A 38 0.73 -4.93 -0.91
C TRP A 38 1.58 -4.34 -2.02
N LEU A 39 2.03 -3.12 -1.79
CA LEU A 39 2.85 -2.40 -2.76
C LEU A 39 3.97 -3.30 -3.35
N GLU A 40 4.48 -4.21 -2.54
CA GLU A 40 5.49 -5.16 -3.01
C GLU A 40 4.80 -6.32 -3.71
N TRP A 41 3.85 -6.93 -3.02
CA TRP A 41 2.99 -7.99 -3.57
C TRP A 41 2.25 -7.51 -4.86
N ALA A 42 2.35 -6.23 -5.13
CA ALA A 42 1.68 -5.64 -6.28
C ALA A 42 2.65 -5.66 -7.44
N VAL A 43 3.84 -5.14 -7.17
CA VAL A 43 4.95 -5.28 -8.10
C VAL A 43 5.15 -6.76 -8.44
N LYS A 44 4.93 -7.61 -7.43
CA LYS A 44 5.07 -9.04 -7.56
C LYS A 44 4.00 -9.62 -8.48
N GLU A 45 2.74 -9.17 -8.35
CA GLU A 45 1.69 -9.71 -9.19
C GLU A 45 1.58 -9.05 -10.55
N TYR A 46 1.91 -7.77 -10.66
CA TYR A 46 1.47 -7.00 -11.81
C TYR A 46 2.61 -6.72 -12.77
N GLY A 47 3.82 -7.11 -12.36
CA GLY A 47 4.98 -6.97 -13.22
C GLY A 47 5.44 -5.52 -13.35
N LEU A 48 5.50 -4.83 -12.22
CA LEU A 48 5.79 -3.40 -12.20
C LEU A 48 7.30 -3.15 -12.18
N PRO A 49 7.81 -2.42 -13.19
CA PRO A 49 9.23 -2.13 -13.32
C PRO A 49 9.66 -0.78 -12.69
N ASP A 50 8.95 0.28 -13.05
CA ASP A 50 9.29 1.63 -12.61
C ASP A 50 9.01 1.86 -11.12
N VAL A 51 8.47 0.87 -10.43
CA VAL A 51 8.10 1.05 -9.03
C VAL A 51 9.29 0.83 -8.11
N ASN A 52 9.67 1.88 -7.40
CA ASN A 52 10.73 1.79 -6.41
C ASN A 52 10.10 1.77 -5.02
N ILE A 53 10.16 0.64 -4.33
CA ILE A 53 9.27 0.42 -3.19
C ILE A 53 9.73 1.20 -1.95
N LEU A 54 11.04 1.25 -1.74
CA LEU A 54 11.61 1.90 -0.56
C LEU A 54 11.25 3.40 -0.46
N LEU A 55 10.38 3.90 -1.34
CA LEU A 55 9.98 5.30 -1.31
C LEU A 55 8.65 5.42 -0.55
N PHE A 56 7.87 4.34 -0.61
CA PHE A 56 6.54 4.32 0.00
C PHE A 56 6.62 3.77 1.42
N GLN A 57 7.79 3.23 1.75
CA GLN A 57 8.08 2.71 3.09
C GLN A 57 7.67 3.66 4.22
N ASN A 58 7.63 4.95 3.95
CA ASN A 58 7.29 5.95 4.97
C ASN A 58 5.83 6.36 4.82
N ILE A 59 5.20 5.76 3.82
CA ILE A 59 3.80 6.02 3.52
C ILE A 59 2.91 4.94 4.10
N ASP A 60 2.06 5.38 5.02
CA ASP A 60 1.02 4.52 5.59
C ASP A 60 -0.19 4.57 4.69
N GLY A 61 -1.24 3.86 5.06
CA GLY A 61 -2.47 3.92 4.32
C GLY A 61 -3.06 5.31 4.31
N LYS A 62 -2.75 6.07 5.35
CA LYS A 62 -3.23 7.43 5.49
C LYS A 62 -2.60 8.30 4.44
N GLU A 63 -1.42 7.89 4.00
CA GLU A 63 -0.64 8.68 3.09
C GLU A 63 -0.92 8.22 1.66
N LEU A 64 -1.28 6.93 1.52
CA LEU A 64 -1.54 6.35 0.22
C LEU A 64 -2.99 6.55 -0.19
N CYS A 65 -3.86 6.71 0.80
CA CYS A 65 -5.24 7.08 0.56
C CYS A 65 -5.32 8.52 0.05
N LYS A 66 -4.31 9.32 0.37
CA LYS A 66 -4.24 10.71 -0.05
C LYS A 66 -3.48 10.88 -1.35
N MET A 67 -3.18 9.79 -2.04
CA MET A 67 -2.38 9.87 -3.27
C MET A 67 -3.25 10.02 -4.50
N THR A 68 -2.86 10.93 -5.38
CA THR A 68 -3.46 11.04 -6.69
C THR A 68 -2.66 10.24 -7.71
N LYS A 69 -3.20 10.10 -8.92
CA LYS A 69 -2.47 9.43 -9.99
C LYS A 69 -1.14 10.12 -10.26
N ASP A 70 -1.03 11.40 -9.92
CA ASP A 70 0.20 12.11 -10.19
C ASP A 70 1.11 12.09 -8.97
N ASP A 71 0.58 11.58 -7.87
CA ASP A 71 1.36 11.43 -6.64
C ASP A 71 2.15 10.14 -6.67
N PHE A 72 1.59 9.10 -7.26
CA PHE A 72 2.35 7.88 -7.43
C PHE A 72 3.43 8.11 -8.46
N GLN A 73 3.21 9.06 -9.35
CA GLN A 73 4.18 9.36 -10.38
C GLN A 73 5.45 9.97 -9.82
N ARG A 74 5.32 10.89 -8.86
CA ARG A 74 6.50 11.50 -8.24
C ARG A 74 7.42 10.48 -7.55
N LEU A 75 6.96 9.25 -7.42
CA LEU A 75 7.77 8.18 -6.85
C LEU A 75 7.95 7.07 -7.88
N THR A 76 7.02 7.01 -8.81
CA THR A 76 6.96 5.99 -9.84
C THR A 76 6.06 6.48 -10.98
N PRO A 77 6.66 7.21 -11.95
CA PRO A 77 5.92 7.98 -12.93
C PRO A 77 5.25 7.13 -14.01
N SER A 78 6.07 6.71 -14.97
CA SER A 78 5.63 6.19 -16.27
C SER A 78 4.17 5.69 -16.31
N TYR A 79 3.95 4.43 -15.95
CA TYR A 79 2.63 3.83 -16.15
C TYR A 79 2.22 2.93 -14.99
N ASN A 80 2.93 3.00 -13.88
CA ASN A 80 2.63 2.13 -12.75
C ASN A 80 1.74 2.84 -11.74
N ALA A 81 1.73 4.16 -11.81
CA ALA A 81 0.81 4.96 -11.00
C ALA A 81 -0.62 4.52 -11.26
N ASP A 82 -0.98 4.52 -12.54
CA ASP A 82 -2.31 4.11 -13.01
C ASP A 82 -2.60 2.63 -12.76
N ILE A 83 -1.60 1.88 -12.33
CA ILE A 83 -1.82 0.47 -12.02
C ILE A 83 -2.29 0.36 -10.58
N LEU A 84 -1.41 0.78 -9.68
CA LEU A 84 -1.66 0.71 -8.24
C LEU A 84 -2.94 1.43 -7.84
N LEU A 85 -3.12 2.62 -8.39
CA LEU A 85 -4.21 3.50 -7.95
C LEU A 85 -5.55 2.98 -8.44
N SER A 86 -5.52 2.12 -9.45
CA SER A 86 -6.75 1.62 -10.03
C SER A 86 -7.14 0.34 -9.31
N HIS A 87 -6.20 -0.14 -8.50
CA HIS A 87 -6.44 -1.26 -7.62
C HIS A 87 -6.88 -0.75 -6.26
N LEU A 88 -6.22 0.32 -5.83
CA LEU A 88 -6.42 0.81 -4.48
C LEU A 88 -7.83 1.35 -4.30
N HIS A 89 -8.25 2.19 -5.24
CA HIS A 89 -9.57 2.82 -5.16
C HIS A 89 -10.66 1.76 -5.10
N TYR A 90 -10.48 0.66 -5.84
CA TYR A 90 -11.41 -0.46 -5.81
C TYR A 90 -11.45 -1.11 -4.43
N LEU A 91 -10.27 -1.32 -3.84
CA LEU A 91 -10.15 -1.91 -2.53
C LEU A 91 -10.96 -1.12 -1.48
N ARG A 92 -10.81 0.20 -1.49
CA ARG A 92 -11.46 1.09 -0.53
C ARG A 92 -12.92 1.38 -0.87
N GLU A 93 -13.43 0.82 -1.95
CA GLU A 93 -14.88 0.82 -2.14
C GLU A 93 -15.52 0.08 -0.96
N THR A 94 -14.76 -0.85 -0.40
CA THR A 94 -15.11 -1.50 0.86
C THR A 94 -14.13 -1.04 1.94
N PRO A 95 -14.61 -0.39 3.00
CA PRO A 95 -13.78 0.08 4.10
C PRO A 95 -13.75 -0.88 5.30
N LEU A 96 -12.83 -0.63 6.22
CA LEU A 96 -12.76 -1.37 7.47
C LEU A 96 -13.80 -0.78 8.43
N PRO A 97 -14.83 -1.55 8.78
CA PRO A 97 -15.94 -1.07 9.60
C PRO A 97 -15.54 -0.76 11.04
N GLY A 1 17.46 -10.02 14.16
CA GLY A 1 16.74 -10.25 15.43
C GLY A 1 16.20 -11.66 15.54
N SER A 2 16.08 -12.17 16.77
CA SER A 2 15.56 -13.49 17.01
C SER A 2 14.08 -13.54 16.64
N HIS A 3 13.27 -12.78 17.35
CA HIS A 3 11.86 -12.63 17.04
C HIS A 3 11.32 -11.39 17.74
N MET A 4 12.01 -10.29 17.51
CA MET A 4 11.62 -9.01 18.09
C MET A 4 11.01 -8.15 17.01
N GLU A 5 11.84 -7.81 16.01
CA GLU A 5 11.42 -7.04 14.84
C GLU A 5 10.60 -5.82 15.27
N GLU A 6 11.21 -5.00 16.12
CA GLU A 6 10.52 -3.86 16.70
C GLU A 6 11.06 -2.55 16.14
N LYS A 7 10.18 -1.78 15.52
CA LYS A 7 10.54 -0.46 15.04
C LYS A 7 9.29 0.39 14.87
N HIS A 8 8.44 0.01 13.93
CA HIS A 8 7.20 0.74 13.66
C HIS A 8 6.23 -0.14 12.88
N MET A 9 6.27 -1.43 13.16
CA MET A 9 5.36 -2.38 12.51
C MET A 9 4.51 -3.08 13.55
N PRO A 10 3.20 -2.78 13.55
CA PRO A 10 2.24 -3.37 14.46
C PRO A 10 1.55 -4.61 13.87
N PRO A 11 1.89 -5.80 14.39
CA PRO A 11 1.26 -7.05 13.96
C PRO A 11 -0.28 -7.01 14.01
N PRO A 12 -0.91 -6.47 15.09
CA PRO A 12 -2.36 -6.26 15.11
C PRO A 12 -2.77 -4.99 14.39
N ASN A 13 -3.21 -5.14 13.15
CA ASN A 13 -3.64 -4.01 12.35
C ASN A 13 -5.12 -3.68 12.58
N MET A 14 -6.01 -4.43 11.94
CA MET A 14 -7.44 -4.14 12.01
C MET A 14 -8.22 -5.41 12.29
N THR A 15 -9.53 -5.25 12.47
CA THR A 15 -10.40 -6.34 12.86
C THR A 15 -11.11 -6.99 11.67
N THR A 16 -10.46 -6.99 10.52
CA THR A 16 -10.99 -7.65 9.33
C THR A 16 -9.85 -8.03 8.40
N ASN A 17 -9.30 -7.02 7.71
CA ASN A 17 -8.17 -7.19 6.79
C ASN A 17 -8.58 -7.97 5.55
N GLU A 18 -8.26 -7.43 4.38
CA GLU A 18 -8.54 -8.11 3.14
C GLU A 18 -7.62 -9.32 3.00
N ARG A 19 -8.21 -10.46 2.69
CA ARG A 19 -7.57 -11.76 2.90
C ARG A 19 -6.22 -11.90 2.20
N ARG A 20 -6.14 -11.55 0.92
CA ARG A 20 -4.97 -11.84 0.10
C ARG A 20 -3.67 -11.21 0.63
N VAL A 21 -3.77 -10.11 1.37
CA VAL A 21 -2.57 -9.49 1.93
C VAL A 21 -2.73 -9.24 3.42
N ILE A 22 -3.82 -9.75 3.96
CA ILE A 22 -4.21 -9.58 5.37
C ILE A 22 -4.16 -8.09 5.80
N VAL A 23 -4.53 -7.23 4.87
CA VAL A 23 -4.54 -5.79 5.10
C VAL A 23 -5.94 -5.23 4.86
N PRO A 24 -6.45 -4.37 5.76
CA PRO A 24 -7.85 -3.90 5.73
C PRO A 24 -8.30 -3.40 4.37
N ALA A 25 -9.53 -3.78 4.02
CA ALA A 25 -10.17 -3.37 2.77
C ALA A 25 -9.96 -1.89 2.44
N ASP A 26 -9.80 -1.06 3.46
CA ASP A 26 -9.39 0.34 3.26
C ASP A 26 -7.90 0.45 3.37
N PRO A 27 -7.26 0.82 2.25
CA PRO A 27 -5.85 1.13 2.22
C PRO A 27 -5.56 2.45 2.93
N THR A 28 -6.38 2.76 3.92
CA THR A 28 -6.20 3.92 4.76
C THR A 28 -5.55 3.54 6.06
N LEU A 29 -5.91 2.36 6.57
CA LEU A 29 -5.42 1.88 7.84
C LEU A 29 -4.31 0.88 7.64
N TRP A 30 -3.86 0.64 6.41
CA TRP A 30 -2.63 -0.10 6.20
C TRP A 30 -1.49 0.63 6.86
N SER A 31 -0.73 -0.06 7.68
CA SER A 31 0.41 0.55 8.33
C SER A 31 1.56 0.75 7.34
N THR A 32 2.51 1.58 7.75
CA THR A 32 3.77 1.78 7.01
C THR A 32 4.25 0.45 6.39
N ASP A 33 4.21 -0.62 7.19
CA ASP A 33 4.65 -1.93 6.74
C ASP A 33 3.60 -2.58 5.86
N HIS A 34 2.31 -2.45 6.19
CA HIS A 34 1.26 -3.06 5.39
C HIS A 34 1.07 -2.39 4.04
N VAL A 35 1.61 -1.19 3.85
CA VAL A 35 1.39 -0.50 2.58
C VAL A 35 2.45 -1.00 1.66
N ARG A 36 3.61 -1.18 2.26
CA ARG A 36 4.77 -1.70 1.59
C ARG A 36 4.50 -3.15 1.21
N GLN A 37 3.67 -3.80 2.01
CA GLN A 37 3.36 -5.21 1.82
C GLN A 37 2.64 -5.42 0.50
N TRP A 38 1.44 -4.86 0.36
CA TRP A 38 0.73 -4.93 -0.91
C TRP A 38 1.58 -4.34 -2.02
N LEU A 39 2.03 -3.12 -1.79
CA LEU A 39 2.85 -2.40 -2.76
C LEU A 39 3.97 -3.30 -3.35
N GLU A 40 4.48 -4.21 -2.54
CA GLU A 40 5.49 -5.16 -3.01
C GLU A 40 4.80 -6.32 -3.71
N TRP A 41 3.85 -6.93 -3.02
CA TRP A 41 2.99 -7.99 -3.57
C TRP A 41 2.25 -7.51 -4.86
N ALA A 42 2.35 -6.23 -5.13
CA ALA A 42 1.68 -5.64 -6.28
C ALA A 42 2.65 -5.66 -7.44
N VAL A 43 3.84 -5.14 -7.17
CA VAL A 43 4.95 -5.28 -8.10
C VAL A 43 5.15 -6.76 -8.44
N LYS A 44 4.93 -7.61 -7.43
CA LYS A 44 5.07 -9.04 -7.56
C LYS A 44 4.00 -9.62 -8.48
N GLU A 45 2.74 -9.17 -8.35
CA GLU A 45 1.69 -9.71 -9.19
C GLU A 45 1.58 -9.05 -10.55
N TYR A 46 1.91 -7.77 -10.66
CA TYR A 46 1.47 -7.00 -11.81
C TYR A 46 2.61 -6.72 -12.77
N GLY A 47 3.82 -7.11 -12.36
CA GLY A 47 4.98 -6.97 -13.22
C GLY A 47 5.44 -5.52 -13.35
N LEU A 48 5.50 -4.83 -12.22
CA LEU A 48 5.79 -3.40 -12.20
C LEU A 48 7.30 -3.15 -12.18
N PRO A 49 7.81 -2.42 -13.19
CA PRO A 49 9.23 -2.13 -13.32
C PRO A 49 9.66 -0.78 -12.69
N ASP A 50 8.95 0.28 -13.05
CA ASP A 50 9.29 1.63 -12.61
C ASP A 50 9.01 1.86 -11.12
N VAL A 51 8.47 0.87 -10.43
CA VAL A 51 8.10 1.05 -9.03
C VAL A 51 9.29 0.83 -8.11
N ASN A 52 9.67 1.88 -7.40
CA ASN A 52 10.73 1.79 -6.41
C ASN A 52 10.10 1.77 -5.02
N ILE A 53 10.16 0.64 -4.33
CA ILE A 53 9.27 0.42 -3.19
C ILE A 53 9.73 1.20 -1.95
N LEU A 54 11.04 1.25 -1.74
CA LEU A 54 11.61 1.90 -0.56
C LEU A 54 11.25 3.40 -0.46
N LEU A 55 10.38 3.90 -1.34
CA LEU A 55 9.98 5.30 -1.31
C LEU A 55 8.65 5.42 -0.55
N PHE A 56 7.87 4.34 -0.61
CA PHE A 56 6.54 4.32 0.00
C PHE A 56 6.62 3.77 1.42
N GLN A 57 7.79 3.23 1.75
CA GLN A 57 8.08 2.71 3.09
C GLN A 57 7.67 3.66 4.22
N ASN A 58 7.63 4.95 3.95
CA ASN A 58 7.29 5.95 4.97
C ASN A 58 5.83 6.36 4.82
N ILE A 59 5.20 5.76 3.82
CA ILE A 59 3.80 6.02 3.52
C ILE A 59 2.91 4.94 4.10
N ASP A 60 2.06 5.38 5.02
CA ASP A 60 1.02 4.52 5.59
C ASP A 60 -0.19 4.57 4.69
N GLY A 61 -1.24 3.86 5.06
CA GLY A 61 -2.47 3.92 4.32
C GLY A 61 -3.06 5.31 4.31
N LYS A 62 -2.75 6.07 5.35
CA LYS A 62 -3.23 7.43 5.49
C LYS A 62 -2.60 8.30 4.44
N GLU A 63 -1.42 7.89 4.00
CA GLU A 63 -0.64 8.68 3.09
C GLU A 63 -0.92 8.22 1.66
N LEU A 64 -1.28 6.93 1.52
CA LEU A 64 -1.54 6.35 0.22
C LEU A 64 -2.99 6.55 -0.19
N CYS A 65 -3.86 6.71 0.80
CA CYS A 65 -5.24 7.08 0.56
C CYS A 65 -5.32 8.52 0.05
N LYS A 66 -4.31 9.32 0.37
CA LYS A 66 -4.24 10.71 -0.05
C LYS A 66 -3.48 10.88 -1.35
N MET A 67 -3.18 9.79 -2.04
CA MET A 67 -2.38 9.87 -3.27
C MET A 67 -3.25 10.02 -4.50
N THR A 68 -2.86 10.93 -5.38
CA THR A 68 -3.46 11.04 -6.69
C THR A 68 -2.66 10.24 -7.71
N LYS A 69 -3.20 10.10 -8.92
CA LYS A 69 -2.47 9.43 -9.99
C LYS A 69 -1.14 10.12 -10.26
N ASP A 70 -1.03 11.40 -9.92
CA ASP A 70 0.20 12.11 -10.19
C ASP A 70 1.11 12.09 -8.97
N ASP A 71 0.58 11.58 -7.87
CA ASP A 71 1.36 11.43 -6.64
C ASP A 71 2.15 10.14 -6.67
N PHE A 72 1.59 9.10 -7.26
CA PHE A 72 2.35 7.88 -7.43
C PHE A 72 3.43 8.11 -8.46
N GLN A 73 3.21 9.06 -9.35
CA GLN A 73 4.18 9.36 -10.38
C GLN A 73 5.45 9.97 -9.82
N ARG A 74 5.32 10.89 -8.86
CA ARG A 74 6.50 11.50 -8.24
C ARG A 74 7.42 10.48 -7.55
N LEU A 75 6.96 9.25 -7.42
CA LEU A 75 7.77 8.18 -6.85
C LEU A 75 7.95 7.07 -7.88
N THR A 76 7.02 7.01 -8.81
CA THR A 76 6.96 5.99 -9.84
C THR A 76 6.06 6.48 -10.98
N PRO A 77 6.66 7.21 -11.95
CA PRO A 77 5.92 7.98 -12.93
C PRO A 77 5.25 7.13 -14.01
N SER A 78 6.07 6.71 -14.97
CA SER A 78 5.63 6.19 -16.27
C SER A 78 4.17 5.69 -16.31
N TYR A 79 3.95 4.43 -15.95
CA TYR A 79 2.63 3.83 -16.15
C TYR A 79 2.22 2.93 -14.99
N ASN A 80 2.93 3.00 -13.88
CA ASN A 80 2.63 2.13 -12.75
C ASN A 80 1.74 2.84 -11.74
N ALA A 81 1.73 4.16 -11.81
CA ALA A 81 0.81 4.96 -11.00
C ALA A 81 -0.62 4.52 -11.26
N ASP A 82 -0.98 4.52 -12.54
CA ASP A 82 -2.31 4.11 -13.01
C ASP A 82 -2.60 2.63 -12.76
N ILE A 83 -1.60 1.88 -12.33
CA ILE A 83 -1.82 0.47 -12.02
C ILE A 83 -2.29 0.36 -10.58
N LEU A 84 -1.41 0.78 -9.68
CA LEU A 84 -1.66 0.71 -8.24
C LEU A 84 -2.94 1.43 -7.84
N LEU A 85 -3.12 2.62 -8.39
CA LEU A 85 -4.21 3.50 -7.95
C LEU A 85 -5.55 2.98 -8.44
N SER A 86 -5.52 2.12 -9.45
CA SER A 86 -6.75 1.62 -10.03
C SER A 86 -7.14 0.34 -9.31
N HIS A 87 -6.20 -0.14 -8.50
CA HIS A 87 -6.44 -1.26 -7.62
C HIS A 87 -6.88 -0.75 -6.26
N LEU A 88 -6.22 0.32 -5.83
CA LEU A 88 -6.42 0.81 -4.48
C LEU A 88 -7.83 1.35 -4.30
N HIS A 89 -8.25 2.19 -5.24
CA HIS A 89 -9.57 2.82 -5.16
C HIS A 89 -10.66 1.76 -5.10
N TYR A 90 -10.48 0.66 -5.84
CA TYR A 90 -11.41 -0.46 -5.81
C TYR A 90 -11.45 -1.11 -4.43
N LEU A 91 -10.27 -1.32 -3.84
CA LEU A 91 -10.15 -1.91 -2.53
C LEU A 91 -10.96 -1.12 -1.48
N ARG A 92 -10.81 0.20 -1.49
CA ARG A 92 -11.46 1.09 -0.53
C ARG A 92 -12.92 1.38 -0.87
N GLU A 93 -13.43 0.82 -1.95
CA GLU A 93 -14.88 0.82 -2.14
C GLU A 93 -15.52 0.08 -0.96
N THR A 94 -14.76 -0.85 -0.40
CA THR A 94 -15.11 -1.50 0.86
C THR A 94 -14.13 -1.04 1.94
N PRO A 95 -14.61 -0.39 3.00
CA PRO A 95 -13.78 0.08 4.10
C PRO A 95 -13.75 -0.88 5.30
N LEU A 96 -12.83 -0.63 6.22
CA LEU A 96 -12.76 -1.37 7.47
C LEU A 96 -13.80 -0.78 8.43
N PRO A 97 -14.83 -1.55 8.78
CA PRO A 97 -15.94 -1.07 9.60
C PRO A 97 -15.54 -0.76 11.04
N GLY A 1 18.11 -19.71 10.06
CA GLY A 1 16.67 -19.47 10.33
C GLY A 1 16.44 -18.14 11.01
N SER A 2 15.22 -17.63 10.95
CA SER A 2 14.90 -16.34 11.53
C SER A 2 13.38 -16.18 11.68
N HIS A 3 12.86 -16.61 12.82
CA HIS A 3 11.43 -16.46 13.09
C HIS A 3 11.16 -15.06 13.62
N MET A 4 12.21 -14.38 14.06
CA MET A 4 12.10 -13.03 14.58
C MET A 4 11.81 -12.03 13.46
N GLU A 5 10.59 -11.54 13.43
CA GLU A 5 10.17 -10.54 12.47
C GLU A 5 10.16 -9.15 13.10
N GLU A 6 9.36 -9.00 14.16
CA GLU A 6 9.23 -7.75 14.91
C GLU A 6 8.48 -6.70 14.10
N LYS A 7 9.11 -6.20 13.04
CA LYS A 7 8.51 -5.19 12.15
C LYS A 7 8.32 -3.84 12.82
N HIS A 8 8.56 -2.79 12.06
CA HIS A 8 8.39 -1.42 12.56
C HIS A 8 6.92 -1.01 12.47
N MET A 9 6.12 -1.56 13.35
CA MET A 9 4.70 -1.23 13.40
C MET A 9 4.25 -0.92 14.82
N PRO A 10 4.54 0.30 15.31
CA PRO A 10 4.06 0.77 16.61
C PRO A 10 2.52 0.73 16.70
N PRO A 11 1.77 1.32 15.73
CA PRO A 11 0.33 1.18 15.67
C PRO A 11 -0.07 0.03 14.74
N PRO A 12 -0.73 -1.00 15.30
CA PRO A 12 -1.22 -2.14 14.51
C PRO A 12 -2.21 -1.72 13.43
N ASN A 13 -2.96 -0.65 13.73
CA ASN A 13 -3.91 -0.05 12.79
C ASN A 13 -5.16 -0.91 12.60
N MET A 14 -4.96 -2.09 12.05
CA MET A 14 -6.05 -2.93 11.60
C MET A 14 -5.88 -4.36 12.09
N THR A 15 -6.86 -5.19 11.78
CA THR A 15 -6.82 -6.59 12.15
C THR A 15 -7.24 -7.47 10.97
N THR A 16 -6.82 -7.08 9.77
CA THR A 16 -7.20 -7.78 8.56
C THR A 16 -6.00 -8.00 7.64
N ASN A 17 -5.37 -9.16 7.74
CA ASN A 17 -4.29 -9.55 6.85
C ASN A 17 -3.89 -11.01 7.13
N GLU A 18 -3.55 -11.75 6.08
CA GLU A 18 -3.25 -13.19 6.20
C GLU A 18 -2.76 -13.78 4.88
N ARG A 19 -1.71 -14.63 4.96
CA ARG A 19 -1.11 -15.28 3.79
C ARG A 19 -0.55 -14.26 2.81
N ARG A 20 -1.40 -13.76 1.94
CA ARG A 20 -1.07 -12.59 1.13
C ARG A 20 -1.20 -11.37 2.02
N VAL A 21 -1.38 -10.19 1.45
CA VAL A 21 -1.69 -9.06 2.29
C VAL A 21 -3.12 -9.16 2.78
N ILE A 22 -4.02 -9.41 1.84
CA ILE A 22 -5.48 -9.39 2.07
C ILE A 22 -5.83 -8.38 3.19
N VAL A 23 -5.16 -7.24 3.11
CA VAL A 23 -5.22 -6.21 4.11
C VAL A 23 -6.58 -5.51 4.06
N PRO A 24 -6.90 -4.61 5.02
CA PRO A 24 -8.19 -3.93 5.03
C PRO A 24 -8.52 -3.36 3.68
N ALA A 25 -9.68 -3.73 3.18
CA ALA A 25 -10.23 -3.17 1.95
C ALA A 25 -10.09 -1.64 1.94
N ASP A 26 -10.05 -1.05 3.12
CA ASP A 26 -9.70 0.36 3.26
C ASP A 26 -8.22 0.47 3.50
N PRO A 27 -7.49 0.89 2.46
CA PRO A 27 -6.04 1.01 2.50
C PRO A 27 -5.60 2.02 3.54
N THR A 28 -6.55 2.80 4.01
CA THR A 28 -6.35 3.90 4.92
C THR A 28 -5.65 3.43 6.18
N LEU A 29 -5.96 2.21 6.60
CA LEU A 29 -5.40 1.63 7.80
C LEU A 29 -4.26 0.70 7.47
N TRP A 30 -3.88 0.55 6.19
CA TRP A 30 -2.66 -0.16 5.89
C TRP A 30 -1.51 0.49 6.62
N SER A 31 -0.90 -0.21 7.56
CA SER A 31 0.15 0.39 8.34
C SER A 31 1.37 0.68 7.48
N THR A 32 2.20 1.59 7.96
CA THR A 32 3.45 1.96 7.29
C THR A 32 4.10 0.74 6.59
N ASP A 33 4.18 -0.39 7.29
CA ASP A 33 4.81 -1.58 6.72
C ASP A 33 3.85 -2.30 5.79
N HIS A 34 2.56 -2.34 6.13
CA HIS A 34 1.56 -3.01 5.29
C HIS A 34 1.32 -2.28 3.98
N VAL A 35 1.79 -1.04 3.86
CA VAL A 35 1.56 -0.30 2.64
C VAL A 35 2.67 -0.67 1.69
N ARG A 36 3.84 -0.82 2.31
CA ARG A 36 5.02 -1.30 1.62
C ARG A 36 4.78 -2.75 1.20
N GLN A 37 3.95 -3.43 1.98
CA GLN A 37 3.68 -4.84 1.80
C GLN A 37 2.92 -5.10 0.50
N TRP A 38 1.67 -4.63 0.41
CA TRP A 38 0.91 -4.72 -0.84
C TRP A 38 1.71 -4.18 -1.99
N LEU A 39 2.13 -2.95 -1.83
CA LEU A 39 2.95 -2.27 -2.84
C LEU A 39 4.03 -3.19 -3.45
N GLU A 40 4.59 -4.06 -2.62
CA GLU A 40 5.60 -5.03 -3.08
C GLU A 40 4.89 -6.23 -3.71
N TRP A 41 3.98 -6.78 -2.94
CA TRP A 41 3.14 -7.91 -3.35
C TRP A 41 2.31 -7.55 -4.59
N ALA A 42 2.32 -6.29 -4.95
CA ALA A 42 1.54 -5.79 -6.06
C ALA A 42 2.38 -5.82 -7.31
N VAL A 43 3.66 -5.53 -7.18
CA VAL A 43 4.60 -5.72 -8.26
C VAL A 43 4.61 -7.17 -8.79
N LYS A 44 4.32 -8.13 -7.92
CA LYS A 44 4.24 -9.54 -8.36
C LYS A 44 2.77 -9.89 -8.68
N GLU A 45 1.91 -9.10 -8.07
CA GLU A 45 0.47 -9.27 -8.21
C GLU A 45 0.05 -8.84 -9.59
N TYR A 46 0.49 -7.65 -10.02
CA TYR A 46 0.06 -7.10 -11.28
C TYR A 46 1.20 -6.96 -12.30
N GLY A 47 2.36 -7.52 -11.98
CA GLY A 47 3.45 -7.58 -12.95
C GLY A 47 4.08 -6.22 -13.21
N LEU A 48 4.36 -5.50 -12.14
CA LEU A 48 5.06 -4.23 -12.23
C LEU A 48 6.57 -4.47 -12.38
N PRO A 49 7.23 -3.72 -13.26
CA PRO A 49 8.68 -3.78 -13.40
C PRO A 49 9.36 -2.76 -12.49
N ASP A 50 10.03 -1.78 -13.09
CA ASP A 50 10.65 -0.66 -12.36
C ASP A 50 9.65 0.20 -11.59
N VAL A 51 9.04 -0.37 -10.56
CA VAL A 51 8.38 0.41 -9.54
C VAL A 51 9.31 0.53 -8.34
N ASN A 52 9.47 1.74 -7.82
CA ASN A 52 10.41 1.95 -6.73
C ASN A 52 9.67 1.88 -5.39
N ILE A 53 9.86 0.79 -4.66
CA ILE A 53 9.00 0.54 -3.51
C ILE A 53 9.52 1.21 -2.24
N LEU A 54 10.83 1.23 -2.05
CA LEU A 54 11.43 1.74 -0.82
C LEU A 54 11.13 3.22 -0.55
N LEU A 55 10.25 3.84 -1.35
CA LEU A 55 9.85 5.22 -1.13
C LEU A 55 8.56 5.25 -0.33
N PHE A 56 7.79 4.17 -0.40
CA PHE A 56 6.49 4.12 0.26
C PHE A 56 6.60 3.52 1.65
N GLN A 57 7.76 2.93 1.92
CA GLN A 57 8.07 2.29 3.22
C GLN A 57 7.66 3.12 4.42
N ASN A 58 7.72 4.44 4.27
CA ASN A 58 7.49 5.35 5.38
C ASN A 58 6.07 5.90 5.33
N ILE A 59 5.36 5.54 4.27
CA ILE A 59 3.99 6.00 4.07
C ILE A 59 3.00 4.99 4.63
N ASP A 60 2.10 5.51 5.47
CA ASP A 60 0.98 4.74 5.98
C ASP A 60 -0.17 4.83 5.00
N GLY A 61 -1.12 3.93 5.14
CA GLY A 61 -2.23 3.84 4.21
C GLY A 61 -3.08 5.08 4.20
N LYS A 62 -3.03 5.85 5.28
CA LYS A 62 -3.77 7.09 5.36
C LYS A 62 -3.15 8.10 4.39
N GLU A 63 -1.89 7.89 4.09
CA GLU A 63 -1.17 8.77 3.21
C GLU A 63 -1.19 8.23 1.79
N LEU A 64 -1.51 6.94 1.63
CA LEU A 64 -1.71 6.36 0.31
C LEU A 64 -3.16 6.53 -0.12
N CYS A 65 -4.03 6.68 0.86
CA CYS A 65 -5.42 7.04 0.60
C CYS A 65 -5.52 8.44 0.01
N LYS A 66 -4.57 9.32 0.36
CA LYS A 66 -4.57 10.71 -0.13
C LYS A 66 -3.65 10.86 -1.34
N MET A 67 -3.29 9.75 -1.99
CA MET A 67 -2.43 9.83 -3.16
C MET A 67 -3.24 9.96 -4.43
N THR A 68 -2.83 10.88 -5.29
CA THR A 68 -3.42 11.01 -6.60
C THR A 68 -2.51 10.40 -7.67
N LYS A 69 -3.00 10.34 -8.90
CA LYS A 69 -2.21 9.81 -10.01
C LYS A 69 -0.88 10.56 -10.11
N ASP A 70 -0.92 11.85 -9.81
CA ASP A 70 0.25 12.70 -9.91
C ASP A 70 1.31 12.32 -8.89
N ASP A 71 0.89 11.89 -7.71
CA ASP A 71 1.82 11.67 -6.62
C ASP A 71 2.58 10.35 -6.81
N PHE A 72 2.01 9.43 -7.57
CA PHE A 72 2.74 8.23 -7.92
C PHE A 72 3.69 8.52 -9.07
N GLN A 73 3.39 9.54 -9.85
CA GLN A 73 4.23 9.91 -10.98
C GLN A 73 5.52 10.59 -10.51
N ARG A 74 5.62 10.82 -9.21
CA ARG A 74 6.81 11.44 -8.63
C ARG A 74 7.73 10.36 -8.06
N LEU A 75 7.23 9.13 -8.00
CA LEU A 75 7.97 8.01 -7.45
C LEU A 75 8.09 6.88 -8.48
N THR A 76 7.13 6.86 -9.40
CA THR A 76 7.09 5.90 -10.49
C THR A 76 6.22 6.50 -11.62
N PRO A 77 6.87 7.28 -12.50
CA PRO A 77 6.20 8.18 -13.44
C PRO A 77 5.40 7.48 -14.53
N SER A 78 4.26 8.11 -14.86
CA SER A 78 3.42 7.72 -15.98
C SER A 78 2.65 6.42 -15.71
N TYR A 79 3.29 5.29 -15.97
CA TYR A 79 2.64 4.00 -15.84
C TYR A 79 2.95 3.38 -14.49
N ASN A 80 2.14 2.39 -14.10
CA ASN A 80 2.28 1.68 -12.83
C ASN A 80 1.59 2.46 -11.73
N ALA A 81 1.67 3.77 -11.83
CA ALA A 81 0.95 4.68 -10.95
C ALA A 81 -0.55 4.36 -11.02
N ASP A 82 -1.05 4.32 -12.25
CA ASP A 82 -2.43 3.96 -12.52
C ASP A 82 -2.76 2.53 -12.17
N ILE A 83 -1.89 1.56 -12.45
CA ILE A 83 -2.11 0.19 -11.99
C ILE A 83 -2.43 0.17 -10.50
N LEU A 84 -1.49 0.65 -9.70
CA LEU A 84 -1.63 0.64 -8.24
C LEU A 84 -2.88 1.40 -7.80
N LEU A 85 -3.09 2.54 -8.42
CA LEU A 85 -4.12 3.46 -7.96
C LEU A 85 -5.51 3.05 -8.42
N SER A 86 -5.57 2.29 -9.51
CA SER A 86 -6.86 1.84 -10.02
C SER A 86 -7.24 0.59 -9.27
N HIS A 87 -6.23 -0.02 -8.67
CA HIS A 87 -6.41 -1.20 -7.87
C HIS A 87 -6.76 -0.81 -6.45
N LEU A 88 -6.18 0.30 -5.97
CA LEU A 88 -6.46 0.76 -4.61
C LEU A 88 -7.90 1.22 -4.49
N HIS A 89 -8.38 1.91 -5.53
CA HIS A 89 -9.74 2.42 -5.57
C HIS A 89 -10.75 1.28 -5.45
N TYR A 90 -10.50 0.19 -6.17
CA TYR A 90 -11.37 -0.98 -6.12
C TYR A 90 -11.44 -1.53 -4.71
N LEU A 91 -10.27 -1.68 -4.11
CA LEU A 91 -10.16 -2.17 -2.75
C LEU A 91 -10.96 -1.31 -1.78
N ARG A 92 -10.78 0.00 -1.90
CA ARG A 92 -11.33 0.98 -0.96
C ARG A 92 -12.81 1.23 -1.23
N GLU A 93 -13.36 0.60 -2.25
CA GLU A 93 -14.80 0.64 -2.44
C GLU A 93 -15.47 -0.12 -1.29
N THR A 94 -14.71 -1.05 -0.73
CA THR A 94 -15.13 -1.76 0.47
C THR A 94 -14.33 -1.23 1.66
N PRO A 95 -15.00 -1.02 2.81
CA PRO A 95 -14.37 -0.45 3.99
C PRO A 95 -13.88 -1.49 5.01
N LEU A 96 -12.99 -1.05 5.89
CA LEU A 96 -12.59 -1.86 7.03
C LEU A 96 -13.71 -1.83 8.07
N PRO A 97 -14.36 -2.98 8.30
CA PRO A 97 -15.51 -3.09 9.21
C PRO A 97 -15.11 -2.92 10.67
N GLY A 1 -4.30 5.01 18.24
CA GLY A 1 -5.25 6.02 17.69
C GLY A 1 -4.84 6.48 16.31
N SER A 2 -5.06 7.75 16.02
CA SER A 2 -4.75 8.32 14.71
C SER A 2 -3.26 8.69 14.62
N HIS A 3 -2.40 7.79 15.07
CA HIS A 3 -0.96 8.00 15.05
C HIS A 3 -0.25 6.65 15.04
N MET A 4 0.56 6.43 14.01
CA MET A 4 1.22 5.15 13.83
C MET A 4 2.70 5.24 14.16
N GLU A 5 3.09 4.54 15.22
CA GLU A 5 4.48 4.51 15.66
C GLU A 5 5.22 3.35 15.01
N GLU A 6 6.55 3.46 14.95
CA GLU A 6 7.42 2.49 14.29
C GLU A 6 7.39 1.14 15.01
N LYS A 7 6.85 1.11 16.21
CA LYS A 7 6.81 -0.10 17.00
C LYS A 7 5.72 -1.03 16.49
N HIS A 8 4.68 -0.46 15.90
CA HIS A 8 3.52 -1.22 15.48
C HIS A 8 3.50 -1.38 13.96
N MET A 9 4.39 -2.22 13.44
CA MET A 9 4.47 -2.47 12.02
C MET A 9 4.02 -3.89 11.67
N PRO A 10 4.62 -4.95 12.28
CA PRO A 10 4.22 -6.35 12.04
C PRO A 10 2.73 -6.67 12.33
N PRO A 11 2.15 -6.20 13.47
CA PRO A 11 0.76 -6.51 13.85
C PRO A 11 -0.25 -6.32 12.71
N PRO A 12 -0.99 -7.39 12.38
CA PRO A 12 -2.07 -7.34 11.38
C PRO A 12 -3.09 -6.26 11.70
N ASN A 13 -3.48 -5.52 10.67
CA ASN A 13 -4.37 -4.37 10.84
C ASN A 13 -5.81 -4.80 11.01
N MET A 14 -6.38 -5.41 9.97
CA MET A 14 -7.80 -5.78 9.98
C MET A 14 -7.98 -7.22 9.53
N THR A 15 -9.03 -7.85 10.02
CA THR A 15 -9.37 -9.20 9.60
C THR A 15 -10.35 -9.14 8.43
N THR A 16 -9.98 -8.38 7.42
CA THR A 16 -10.83 -8.20 6.25
C THR A 16 -10.11 -8.68 4.98
N ASN A 17 -8.99 -8.05 4.67
CA ASN A 17 -8.19 -8.43 3.52
C ASN A 17 -7.12 -9.41 3.96
N GLU A 18 -7.39 -10.13 5.04
CA GLU A 18 -6.42 -11.07 5.60
C GLU A 18 -6.44 -12.39 4.84
N ARG A 19 -7.23 -12.43 3.77
CA ARG A 19 -7.18 -13.53 2.83
C ARG A 19 -6.09 -13.25 1.80
N ARG A 20 -5.37 -12.15 2.00
CA ARG A 20 -4.40 -11.69 1.02
C ARG A 20 -3.25 -10.92 1.68
N VAL A 21 -3.47 -9.65 2.04
CA VAL A 21 -2.40 -8.84 2.61
C VAL A 21 -2.68 -8.44 4.05
N ILE A 22 -3.67 -9.08 4.65
CA ILE A 22 -3.92 -8.99 6.09
C ILE A 22 -4.20 -7.55 6.52
N VAL A 23 -4.81 -6.79 5.62
CA VAL A 23 -5.07 -5.38 5.84
C VAL A 23 -6.56 -5.08 5.80
N PRO A 24 -6.97 -3.83 6.11
CA PRO A 24 -8.32 -3.37 5.82
C PRO A 24 -8.57 -3.30 4.31
N ALA A 25 -9.74 -3.71 3.89
CA ALA A 25 -10.25 -3.40 2.55
C ALA A 25 -10.39 -1.87 2.33
N ASP A 26 -9.71 -1.10 3.15
CA ASP A 26 -9.63 0.34 3.06
C ASP A 26 -8.18 0.68 3.18
N PRO A 27 -7.56 1.07 2.07
CA PRO A 27 -6.13 1.36 2.02
C PRO A 27 -5.76 2.58 2.83
N THR A 28 -6.53 2.88 3.86
CA THR A 28 -6.27 4.00 4.72
C THR A 28 -5.59 3.59 6.01
N LEU A 29 -5.98 2.43 6.52
CA LEU A 29 -5.44 1.94 7.77
C LEU A 29 -4.34 0.93 7.56
N TRP A 30 -3.91 0.71 6.31
CA TRP A 30 -2.70 -0.06 6.05
C TRP A 30 -1.53 0.53 6.82
N SER A 31 -0.90 -0.29 7.64
CA SER A 31 0.26 0.15 8.39
C SER A 31 1.41 0.47 7.45
N THR A 32 2.29 1.36 7.90
CA THR A 32 3.54 1.66 7.19
C THR A 32 4.12 0.38 6.55
N ASP A 33 4.21 -0.68 7.35
CA ASP A 33 4.79 -1.94 6.88
C ASP A 33 3.81 -2.63 5.94
N HIS A 34 2.54 -2.59 6.27
CA HIS A 34 1.49 -3.18 5.46
C HIS A 34 1.29 -2.47 4.13
N VAL A 35 1.86 -1.28 3.98
CA VAL A 35 1.64 -0.53 2.76
C VAL A 35 2.63 -1.03 1.74
N ARG A 36 3.84 -1.32 2.24
CA ARG A 36 4.84 -1.96 1.41
C ARG A 36 4.37 -3.33 1.08
N GLN A 37 3.56 -3.89 1.96
CA GLN A 37 3.18 -5.26 1.86
C GLN A 37 2.40 -5.49 0.58
N TRP A 38 1.28 -4.81 0.42
CA TRP A 38 0.58 -4.84 -0.84
C TRP A 38 1.44 -4.29 -1.97
N LEU A 39 1.92 -3.08 -1.77
CA LEU A 39 2.74 -2.40 -2.77
C LEU A 39 3.84 -3.32 -3.36
N GLU A 40 4.34 -4.22 -2.52
CA GLU A 40 5.32 -5.22 -2.97
C GLU A 40 4.58 -6.38 -3.64
N TRP A 41 3.63 -6.93 -2.92
CA TRP A 41 2.73 -8.00 -3.42
C TRP A 41 1.98 -7.57 -4.70
N ALA A 42 2.09 -6.31 -5.03
CA ALA A 42 1.39 -5.75 -6.17
C ALA A 42 2.29 -5.85 -7.37
N VAL A 43 3.53 -5.40 -7.17
CA VAL A 43 4.58 -5.63 -8.13
C VAL A 43 4.68 -7.11 -8.45
N LYS A 44 4.44 -7.92 -7.42
CA LYS A 44 4.49 -9.36 -7.52
C LYS A 44 3.38 -9.90 -8.40
N GLU A 45 2.14 -9.46 -8.19
CA GLU A 45 1.04 -9.99 -8.98
C GLU A 45 0.91 -9.38 -10.36
N TYR A 46 1.27 -8.12 -10.51
CA TYR A 46 0.81 -7.38 -11.68
C TYR A 46 1.94 -7.22 -12.69
N GLY A 47 3.13 -7.69 -12.33
CA GLY A 47 4.26 -7.67 -13.24
C GLY A 47 4.79 -6.27 -13.43
N LEU A 48 5.08 -5.61 -12.31
CA LEU A 48 5.51 -4.22 -12.32
C LEU A 48 7.03 -4.13 -12.41
N PRO A 49 7.53 -3.73 -13.60
CA PRO A 49 8.97 -3.76 -13.92
C PRO A 49 9.83 -2.90 -13.01
N ASP A 50 9.40 -1.67 -12.76
CA ASP A 50 10.21 -0.76 -11.96
C ASP A 50 9.36 0.09 -11.02
N VAL A 51 8.74 -0.55 -10.05
CA VAL A 51 8.11 0.17 -8.97
C VAL A 51 9.11 0.37 -7.85
N ASN A 52 9.33 1.61 -7.45
CA ASN A 52 10.31 1.88 -6.41
C ASN A 52 9.62 1.93 -5.06
N ILE A 53 9.70 0.84 -4.33
CA ILE A 53 8.84 0.66 -3.17
C ILE A 53 9.41 1.34 -1.94
N LEU A 54 10.73 1.36 -1.84
CA LEU A 54 11.38 2.00 -0.70
C LEU A 54 11.12 3.51 -0.63
N LEU A 55 10.24 4.04 -1.48
CA LEU A 55 9.89 5.46 -1.42
C LEU A 55 8.60 5.62 -0.62
N PHE A 56 7.82 4.55 -0.57
CA PHE A 56 6.54 4.57 0.11
C PHE A 56 6.68 4.04 1.53
N GLN A 57 7.87 3.52 1.83
CA GLN A 57 8.18 2.87 3.11
C GLN A 57 7.77 3.70 4.33
N ASN A 58 7.81 5.02 4.22
CA ASN A 58 7.45 5.88 5.35
C ASN A 58 6.02 6.38 5.19
N ILE A 59 5.35 5.83 4.19
CA ILE A 59 3.95 6.16 3.90
C ILE A 59 3.04 5.06 4.43
N ASP A 60 2.11 5.47 5.27
CA ASP A 60 1.09 4.57 5.78
C ASP A 60 -0.17 4.69 4.93
N GLY A 61 -1.18 3.89 5.22
CA GLY A 61 -2.37 3.88 4.38
C GLY A 61 -3.05 5.24 4.31
N LYS A 62 -2.94 5.99 5.39
CA LYS A 62 -3.60 7.28 5.50
C LYS A 62 -2.94 8.26 4.57
N GLU A 63 -1.69 7.94 4.26
CA GLU A 63 -0.86 8.79 3.43
C GLU A 63 -0.93 8.33 1.98
N LEU A 64 -1.24 7.04 1.77
CA LEU A 64 -1.31 6.47 0.43
C LEU A 64 -2.72 6.56 -0.15
N CYS A 65 -3.75 6.50 0.67
CA CYS A 65 -5.08 6.59 0.11
C CYS A 65 -5.41 8.06 -0.14
N LYS A 66 -4.50 8.92 0.30
CA LYS A 66 -4.56 10.35 0.03
C LYS A 66 -3.52 10.72 -1.02
N MET A 67 -3.13 9.73 -1.82
CA MET A 67 -2.25 9.97 -2.95
C MET A 67 -3.08 10.20 -4.19
N THR A 68 -2.69 11.17 -4.99
CA THR A 68 -3.38 11.44 -6.24
C THR A 68 -2.71 10.72 -7.39
N LYS A 69 -3.33 10.74 -8.55
CA LYS A 69 -2.76 10.14 -9.76
C LYS A 69 -1.35 10.68 -10.00
N ASP A 70 -1.14 11.93 -9.63
CA ASP A 70 0.11 12.61 -9.89
C ASP A 70 1.16 12.24 -8.86
N ASP A 71 0.70 11.81 -7.69
CA ASP A 71 1.57 11.47 -6.57
C ASP A 71 2.31 10.17 -6.81
N PHE A 72 1.70 9.27 -7.54
CA PHE A 72 2.43 8.06 -7.92
C PHE A 72 3.36 8.36 -9.07
N GLN A 73 3.04 9.35 -9.87
CA GLN A 73 3.83 9.63 -11.08
C GLN A 73 5.13 10.33 -10.73
N ARG A 74 5.31 10.66 -9.45
CA ARG A 74 6.53 11.29 -8.99
C ARG A 74 7.42 10.30 -8.27
N LEU A 75 6.91 9.10 -8.04
CA LEU A 75 7.67 8.05 -7.39
C LEU A 75 7.80 6.85 -8.32
N THR A 76 6.85 6.77 -9.24
CA THR A 76 6.76 5.71 -10.23
C THR A 76 5.78 6.17 -11.33
N PRO A 77 6.34 6.77 -12.40
CA PRO A 77 5.60 7.63 -13.35
C PRO A 77 4.43 6.98 -14.10
N SER A 78 3.82 7.79 -14.97
CA SER A 78 2.64 7.44 -15.72
C SER A 78 2.82 6.13 -16.48
N TYR A 79 2.15 5.09 -15.98
CA TYR A 79 2.27 3.72 -16.48
C TYR A 79 1.90 2.77 -15.37
N ASN A 80 2.70 2.80 -14.32
CA ASN A 80 2.56 1.91 -13.19
C ASN A 80 1.72 2.55 -12.11
N ALA A 81 1.80 3.86 -12.08
CA ALA A 81 0.95 4.67 -11.23
C ALA A 81 -0.51 4.26 -11.44
N ASP A 82 -0.88 4.24 -12.71
CA ASP A 82 -2.22 3.86 -13.16
C ASP A 82 -2.57 2.40 -12.84
N ILE A 83 -1.61 1.63 -12.39
CA ILE A 83 -1.88 0.26 -12.02
C ILE A 83 -2.18 0.21 -10.53
N LEU A 84 -1.20 0.63 -9.75
CA LEU A 84 -1.31 0.66 -8.30
C LEU A 84 -2.52 1.46 -7.84
N LEU A 85 -2.67 2.65 -8.41
CA LEU A 85 -3.69 3.60 -7.95
C LEU A 85 -5.09 3.10 -8.28
N SER A 86 -5.20 2.31 -9.34
CA SER A 86 -6.51 1.90 -9.80
C SER A 86 -6.85 0.60 -9.10
N HIS A 87 -5.81 -0.05 -8.59
CA HIS A 87 -5.96 -1.27 -7.84
C HIS A 87 -6.25 -0.96 -6.38
N LEU A 88 -5.64 0.11 -5.87
CA LEU A 88 -5.91 0.56 -4.52
C LEU A 88 -7.36 1.03 -4.41
N HIS A 89 -7.80 1.74 -5.45
CA HIS A 89 -9.16 2.27 -5.52
C HIS A 89 -10.19 1.17 -5.73
N TYR A 90 -9.72 -0.03 -6.06
CA TYR A 90 -10.63 -1.16 -6.28
C TYR A 90 -10.83 -1.89 -4.95
N LEU A 91 -9.74 -1.99 -4.20
CA LEU A 91 -9.79 -2.58 -2.87
C LEU A 91 -10.68 -1.75 -1.94
N ARG A 92 -10.60 -0.44 -2.11
CA ARG A 92 -11.32 0.54 -1.30
C ARG A 92 -12.82 0.54 -1.65
N GLU A 93 -13.22 -0.29 -2.62
CA GLU A 93 -14.63 -0.44 -2.96
C GLU A 93 -15.38 -1.00 -1.75
N THR A 94 -14.65 -1.67 -0.87
CA THR A 94 -15.20 -2.20 0.36
C THR A 94 -14.59 -1.49 1.59
N PRO A 95 -15.05 -0.28 1.92
CA PRO A 95 -14.47 0.54 3.00
C PRO A 95 -14.58 -0.13 4.38
N LEU A 96 -13.54 0.06 5.18
CA LEU A 96 -13.44 -0.57 6.49
C LEU A 96 -14.02 0.32 7.60
N PRO A 97 -13.53 1.57 7.77
CA PRO A 97 -13.97 2.45 8.86
C PRO A 97 -15.38 2.96 8.67
N GLY A 1 18.23 -9.67 23.62
CA GLY A 1 16.96 -8.94 23.68
C GLY A 1 16.76 -8.06 22.46
N SER A 2 15.61 -8.18 21.82
CA SER A 2 15.31 -7.41 20.64
C SER A 2 14.93 -5.98 21.03
N HIS A 3 15.88 -5.08 20.84
CA HIS A 3 15.71 -3.67 21.18
C HIS A 3 16.34 -2.79 20.13
N MET A 4 17.60 -3.08 19.81
CA MET A 4 18.38 -2.28 18.89
C MET A 4 18.07 -2.68 17.45
N GLU A 5 17.82 -3.97 17.26
CA GLU A 5 17.58 -4.53 15.94
C GLU A 5 16.08 -4.49 15.60
N GLU A 6 15.26 -4.43 16.64
CA GLU A 6 13.81 -4.51 16.44
C GLU A 6 13.21 -3.11 16.26
N LYS A 7 12.93 -2.79 15.02
CA LYS A 7 12.29 -1.53 14.69
C LYS A 7 10.78 -1.66 14.87
N HIS A 8 10.11 -0.53 15.09
CA HIS A 8 8.66 -0.53 15.34
C HIS A 8 7.88 -0.97 14.11
N MET A 9 7.76 -2.28 13.95
CA MET A 9 6.99 -2.87 12.87
C MET A 9 5.61 -3.23 13.37
N PRO A 10 4.56 -2.61 12.83
CA PRO A 10 3.18 -2.81 13.27
C PRO A 10 2.70 -4.24 13.08
N PRO A 11 1.76 -4.69 13.95
CA PRO A 11 1.17 -6.02 13.86
C PRO A 11 0.06 -6.08 12.80
N PRO A 12 -0.38 -7.30 12.45
CA PRO A 12 -1.49 -7.53 11.50
C PRO A 12 -2.70 -6.63 11.80
N ASN A 13 -3.30 -6.07 10.76
CA ASN A 13 -4.36 -5.09 10.93
C ASN A 13 -5.74 -5.72 10.97
N MET A 14 -6.30 -6.00 9.80
CA MET A 14 -7.69 -6.43 9.73
C MET A 14 -7.82 -7.78 9.05
N THR A 15 -8.87 -8.49 9.43
CA THR A 15 -9.18 -9.78 8.85
C THR A 15 -9.86 -9.62 7.49
N THR A 16 -10.17 -8.38 7.13
CA THR A 16 -10.85 -8.09 5.88
C THR A 16 -10.06 -8.61 4.69
N ASN A 17 -8.74 -8.54 4.79
CA ASN A 17 -7.87 -9.11 3.76
C ASN A 17 -6.97 -10.17 4.38
N GLU A 18 -7.49 -10.87 5.38
CA GLU A 18 -6.72 -11.89 6.09
C GLU A 18 -6.17 -12.95 5.12
N ARG A 19 -6.93 -13.23 4.08
CA ARG A 19 -6.56 -14.26 3.11
C ARG A 19 -5.57 -13.71 2.08
N ARG A 20 -5.19 -12.44 2.25
CA ARG A 20 -4.30 -11.78 1.31
C ARG A 20 -3.17 -11.03 2.02
N VAL A 21 -3.44 -9.78 2.37
CA VAL A 21 -2.41 -8.88 2.88
C VAL A 21 -2.60 -8.62 4.37
N ILE A 22 -3.72 -9.13 4.90
CA ILE A 22 -4.11 -8.93 6.30
C ILE A 22 -4.24 -7.44 6.60
N VAL A 23 -5.00 -6.77 5.75
CA VAL A 23 -5.18 -5.33 5.83
C VAL A 23 -6.65 -4.95 5.74
N PRO A 24 -7.01 -3.78 6.27
CA PRO A 24 -8.34 -3.20 6.10
C PRO A 24 -8.67 -2.98 4.64
N ALA A 25 -9.85 -3.43 4.25
CA ALA A 25 -10.42 -3.09 2.94
C ALA A 25 -10.37 -1.58 2.68
N ASP A 26 -10.27 -0.80 3.76
CA ASP A 26 -9.95 0.60 3.69
C ASP A 26 -8.45 0.76 3.73
N PRO A 27 -7.86 1.14 2.60
CA PRO A 27 -6.44 1.37 2.47
C PRO A 27 -5.98 2.59 3.25
N THR A 28 -6.66 2.89 4.34
CA THR A 28 -6.34 4.03 5.18
C THR A 28 -5.56 3.62 6.39
N LEU A 29 -5.84 2.43 6.89
CA LEU A 29 -5.18 1.95 8.08
C LEU A 29 -4.11 0.92 7.76
N TRP A 30 -3.81 0.68 6.49
CA TRP A 30 -2.65 -0.11 6.15
C TRP A 30 -1.43 0.46 6.86
N SER A 31 -0.81 -0.34 7.71
CA SER A 31 0.34 0.13 8.45
C SER A 31 1.52 0.39 7.52
N THR A 32 2.44 1.22 8.01
CA THR A 32 3.69 1.52 7.31
C THR A 32 4.23 0.28 6.57
N ASP A 33 4.24 -0.86 7.24
CA ASP A 33 4.76 -2.08 6.64
C ASP A 33 3.72 -2.72 5.73
N HIS A 34 2.45 -2.61 6.08
CA HIS A 34 1.38 -3.17 5.28
C HIS A 34 1.15 -2.43 3.98
N VAL A 35 1.71 -1.24 3.84
CA VAL A 35 1.46 -0.48 2.63
C VAL A 35 2.53 -0.91 1.66
N ARG A 36 3.71 -1.07 2.25
CA ARG A 36 4.89 -1.55 1.56
C ARG A 36 4.64 -2.98 1.11
N GLN A 37 3.84 -3.68 1.92
CA GLN A 37 3.53 -5.07 1.67
C GLN A 37 2.78 -5.26 0.37
N TRP A 38 1.56 -4.71 0.27
CA TRP A 38 0.81 -4.81 -0.98
C TRP A 38 1.63 -4.23 -2.10
N LEU A 39 2.08 -3.02 -1.88
CA LEU A 39 2.89 -2.31 -2.87
C LEU A 39 4.00 -3.21 -3.45
N GLU A 40 4.57 -4.07 -2.61
CA GLU A 40 5.55 -5.05 -3.08
C GLU A 40 4.83 -6.20 -3.79
N TRP A 41 3.88 -6.78 -3.08
CA TRP A 41 3.00 -7.85 -3.59
C TRP A 41 2.25 -7.40 -4.87
N ALA A 42 2.34 -6.14 -5.17
CA ALA A 42 1.64 -5.55 -6.30
C ALA A 42 2.56 -5.58 -7.49
N VAL A 43 3.72 -4.97 -7.28
CA VAL A 43 4.81 -5.02 -8.23
C VAL A 43 5.09 -6.46 -8.66
N LYS A 44 4.97 -7.39 -7.71
CA LYS A 44 5.27 -8.78 -7.99
C LYS A 44 4.11 -9.48 -8.70
N GLU A 45 2.86 -9.02 -8.51
CA GLU A 45 1.77 -9.57 -9.31
C GLU A 45 1.70 -8.90 -10.67
N TYR A 46 1.33 -7.64 -10.65
CA TYR A 46 1.11 -6.87 -11.85
C TYR A 46 2.35 -6.67 -12.74
N GLY A 47 3.50 -7.15 -12.29
CA GLY A 47 4.69 -7.15 -13.12
C GLY A 47 5.24 -5.77 -13.38
N LEU A 48 5.38 -4.99 -12.33
CA LEU A 48 5.86 -3.63 -12.46
C LEU A 48 7.38 -3.62 -12.59
N PRO A 49 7.88 -3.20 -13.77
CA PRO A 49 9.30 -3.32 -14.13
C PRO A 49 10.23 -2.55 -13.19
N ASP A 50 9.82 -1.36 -12.79
CA ASP A 50 10.63 -0.56 -11.89
C ASP A 50 9.77 0.39 -11.09
N VAL A 51 9.14 -0.14 -10.06
CA VAL A 51 8.46 0.68 -9.08
C VAL A 51 9.32 0.72 -7.82
N ASN A 52 9.58 1.91 -7.33
CA ASN A 52 10.56 2.07 -6.27
C ASN A 52 9.85 2.05 -4.92
N ILE A 53 9.87 0.90 -4.27
CA ILE A 53 8.96 0.67 -3.16
C ILE A 53 9.41 1.40 -1.91
N LEU A 54 10.71 1.41 -1.69
CA LEU A 54 11.30 2.05 -0.52
C LEU A 54 10.98 3.55 -0.41
N LEU A 55 10.14 4.08 -1.30
CA LEU A 55 9.78 5.49 -1.23
C LEU A 55 8.47 5.63 -0.48
N PHE A 56 7.71 4.54 -0.48
CA PHE A 56 6.38 4.53 0.12
C PHE A 56 6.47 3.97 1.51
N GLN A 57 7.64 3.41 1.76
CA GLN A 57 8.00 2.73 3.00
C GLN A 57 7.65 3.53 4.27
N ASN A 58 7.64 4.86 4.18
CA ASN A 58 7.28 5.69 5.32
C ASN A 58 5.84 6.18 5.20
N ILE A 59 5.16 5.69 4.19
CA ILE A 59 3.78 6.02 3.93
C ILE A 59 2.90 4.87 4.42
N ASP A 60 1.93 5.20 5.25
CA ASP A 60 0.95 4.23 5.65
C ASP A 60 -0.35 4.48 4.92
N GLY A 61 -1.39 3.75 5.25
CA GLY A 61 -2.61 3.79 4.49
C GLY A 61 -3.19 5.18 4.41
N LYS A 62 -3.04 5.97 5.46
CA LYS A 62 -3.68 7.27 5.52
C LYS A 62 -3.09 8.19 4.48
N GLU A 63 -1.86 7.91 4.13
CA GLU A 63 -1.15 8.73 3.18
C GLU A 63 -1.20 8.12 1.77
N LEU A 64 -1.55 6.84 1.67
CA LEU A 64 -1.73 6.19 0.36
C LEU A 64 -3.19 6.31 -0.10
N CYS A 65 -4.09 6.41 0.86
CA CYS A 65 -5.48 6.73 0.60
C CYS A 65 -5.59 8.09 -0.06
N LYS A 66 -4.64 8.97 0.24
CA LYS A 66 -4.68 10.34 -0.25
C LYS A 66 -3.65 10.52 -1.37
N MET A 67 -3.27 9.44 -2.03
CA MET A 67 -2.35 9.56 -3.16
C MET A 67 -3.13 9.73 -4.45
N THR A 68 -2.72 10.69 -5.25
CA THR A 68 -3.32 10.90 -6.54
C THR A 68 -2.44 10.29 -7.62
N LYS A 69 -2.95 10.16 -8.84
CA LYS A 69 -2.20 9.54 -9.91
C LYS A 69 -0.87 10.24 -10.13
N ASP A 70 -0.84 11.55 -9.90
CA ASP A 70 0.35 12.33 -10.18
C ASP A 70 1.43 12.07 -9.14
N ASP A 71 1.02 11.66 -7.94
CA ASP A 71 1.93 11.46 -6.83
C ASP A 71 2.66 10.12 -6.98
N PHE A 72 2.06 9.18 -7.69
CA PHE A 72 2.80 7.96 -8.01
C PHE A 72 3.71 8.23 -9.19
N GLN A 73 3.41 9.26 -9.97
CA GLN A 73 4.20 9.57 -11.15
C GLN A 73 5.44 10.38 -10.77
N ARG A 74 5.57 10.72 -9.49
CA ARG A 74 6.77 11.40 -9.00
C ARG A 74 7.69 10.41 -8.30
N LEU A 75 7.19 9.19 -8.13
CA LEU A 75 7.97 8.14 -7.51
C LEU A 75 8.17 7.01 -8.51
N THR A 76 7.30 6.97 -9.49
CA THR A 76 7.29 5.97 -10.55
C THR A 76 6.41 6.49 -11.70
N PRO A 77 7.02 7.27 -12.61
CA PRO A 77 6.29 8.06 -13.62
C PRO A 77 5.75 7.24 -14.79
N SER A 78 4.96 7.93 -15.63
CA SER A 78 4.36 7.37 -16.84
C SER A 78 3.30 6.31 -16.51
N TYR A 79 3.74 5.10 -16.23
CA TYR A 79 2.85 3.98 -15.99
C TYR A 79 3.08 3.42 -14.60
N ASN A 80 2.25 2.46 -14.17
CA ASN A 80 2.37 1.78 -12.89
C ASN A 80 1.58 2.54 -11.83
N ALA A 81 1.62 3.86 -11.94
CA ALA A 81 0.79 4.73 -11.12
C ALA A 81 -0.69 4.37 -11.31
N ASP A 82 -1.11 4.42 -12.57
CA ASP A 82 -2.48 4.08 -12.98
C ASP A 82 -2.82 2.62 -12.72
N ILE A 83 -1.83 1.81 -12.36
CA ILE A 83 -2.08 0.41 -12.05
C ILE A 83 -2.37 0.28 -10.57
N LEU A 84 -1.39 0.67 -9.77
CA LEU A 84 -1.49 0.64 -8.32
C LEU A 84 -2.73 1.37 -7.82
N LEU A 85 -2.94 2.57 -8.34
CA LEU A 85 -4.01 3.42 -7.87
C LEU A 85 -5.37 2.86 -8.23
N SER A 86 -5.51 2.39 -9.47
CA SER A 86 -6.72 1.69 -9.90
C SER A 86 -7.10 0.60 -8.89
N HIS A 87 -6.10 0.00 -8.27
CA HIS A 87 -6.33 -1.04 -7.29
C HIS A 87 -6.55 -0.45 -5.91
N LEU A 88 -5.85 0.65 -5.62
CA LEU A 88 -5.94 1.32 -4.34
C LEU A 88 -7.35 1.88 -4.17
N HIS A 89 -7.90 2.36 -5.29
CA HIS A 89 -9.24 2.93 -5.32
C HIS A 89 -10.31 1.87 -5.17
N TYR A 90 -10.22 0.81 -5.99
CA TYR A 90 -11.22 -0.26 -5.96
C TYR A 90 -11.29 -0.90 -4.59
N LEU A 91 -10.13 -1.09 -3.97
CA LEU A 91 -10.06 -1.65 -2.65
C LEU A 91 -10.90 -0.84 -1.66
N ARG A 92 -10.79 0.47 -1.76
CA ARG A 92 -11.49 1.38 -0.85
C ARG A 92 -12.90 1.69 -1.33
N GLU A 93 -13.28 1.16 -2.48
CA GLU A 93 -14.67 1.20 -2.91
C GLU A 93 -15.46 0.23 -2.03
N THR A 94 -14.73 -0.65 -1.36
CA THR A 94 -15.29 -1.54 -0.36
C THR A 94 -14.52 -1.40 0.95
N PRO A 95 -14.87 -0.41 1.78
CA PRO A 95 -14.18 -0.16 3.06
C PRO A 95 -14.42 -1.30 4.05
N LEU A 96 -13.53 -1.43 5.04
CA LEU A 96 -13.68 -2.46 6.04
C LEU A 96 -14.88 -2.14 6.93
N PRO A 97 -15.84 -3.07 7.01
CA PRO A 97 -17.10 -2.84 7.73
C PRO A 97 -16.96 -3.09 9.22
N GLY A 1 7.59 19.07 10.59
CA GLY A 1 8.21 17.92 9.89
C GLY A 1 7.40 16.66 10.07
N SER A 2 8.09 15.52 10.11
CA SER A 2 7.43 14.23 10.26
C SER A 2 8.46 13.17 10.63
N HIS A 3 8.25 12.51 11.76
CA HIS A 3 9.12 11.43 12.18
C HIS A 3 8.33 10.17 12.49
N MET A 4 7.32 9.89 11.66
CA MET A 4 6.52 8.69 11.79
C MET A 4 7.20 7.55 11.03
N GLU A 5 8.43 7.25 11.43
CA GLU A 5 9.28 6.33 10.70
C GLU A 5 8.92 4.86 10.98
N GLU A 6 7.83 4.41 10.35
CA GLU A 6 7.43 3.00 10.39
C GLU A 6 7.27 2.51 11.83
N LYS A 7 6.63 3.31 12.66
CA LYS A 7 6.50 2.98 14.08
C LYS A 7 5.15 2.37 14.38
N HIS A 8 4.09 2.94 13.81
CA HIS A 8 2.74 2.47 14.06
C HIS A 8 2.41 1.24 13.22
N MET A 9 3.09 0.14 13.53
CA MET A 9 2.87 -1.14 12.86
C MET A 9 1.90 -2.04 13.64
N PRO A 10 2.15 -2.27 14.96
CA PRO A 10 1.32 -3.16 15.79
C PRO A 10 -0.20 -2.90 15.76
N PRO A 11 -0.67 -1.62 15.82
CA PRO A 11 -2.10 -1.27 15.83
C PRO A 11 -2.94 -2.12 14.88
N PRO A 12 -3.79 -3.00 15.44
CA PRO A 12 -4.62 -3.93 14.67
C PRO A 12 -5.85 -3.24 14.09
N ASN A 13 -5.62 -2.34 13.16
CA ASN A 13 -6.70 -1.67 12.44
C ASN A 13 -7.20 -2.57 11.31
N MET A 14 -7.49 -3.82 11.65
CA MET A 14 -7.69 -4.85 10.65
C MET A 14 -8.81 -5.80 11.02
N THR A 15 -10.01 -5.54 10.52
CA THR A 15 -11.11 -6.49 10.62
C THR A 15 -11.37 -7.15 9.27
N THR A 16 -11.18 -6.39 8.18
CA THR A 16 -11.21 -6.97 6.85
C THR A 16 -9.79 -7.33 6.41
N ASN A 17 -9.66 -8.53 5.86
CA ASN A 17 -8.40 -9.05 5.34
C ASN A 17 -8.65 -10.50 4.91
N GLU A 18 -7.60 -11.34 4.95
CA GLU A 18 -7.72 -12.75 4.58
C GLU A 18 -7.84 -12.90 3.06
N ARG A 19 -7.48 -14.09 2.56
CA ARG A 19 -7.45 -14.39 1.13
C ARG A 19 -6.30 -13.65 0.46
N ARG A 20 -6.42 -12.33 0.37
CA ARG A 20 -5.35 -11.49 -0.13
C ARG A 20 -4.47 -11.05 1.02
N VAL A 21 -3.66 -10.01 0.82
CA VAL A 21 -2.86 -9.44 1.88
C VAL A 21 -3.71 -9.17 3.12
N ILE A 22 -3.21 -9.61 4.27
CA ILE A 22 -3.87 -9.39 5.55
C ILE A 22 -3.87 -7.90 5.90
N VAL A 23 -4.74 -7.17 5.23
CA VAL A 23 -4.85 -5.72 5.38
C VAL A 23 -6.30 -5.30 5.15
N PRO A 24 -6.78 -4.26 5.87
CA PRO A 24 -8.15 -3.77 5.72
C PRO A 24 -8.55 -3.51 4.28
N ALA A 25 -9.80 -3.83 4.00
CA ALA A 25 -10.44 -3.47 2.74
C ALA A 25 -10.25 -1.98 2.43
N ASP A 26 -10.12 -1.18 3.47
CA ASP A 26 -9.72 0.21 3.35
C ASP A 26 -8.22 0.32 3.41
N PRO A 27 -7.63 0.77 2.31
CA PRO A 27 -6.20 1.00 2.23
C PRO A 27 -5.80 2.28 2.94
N THR A 28 -6.58 2.65 3.95
CA THR A 28 -6.31 3.84 4.73
C THR A 28 -5.65 3.51 6.05
N LEU A 29 -5.99 2.35 6.60
CA LEU A 29 -5.42 1.90 7.85
C LEU A 29 -4.33 0.90 7.63
N TRP A 30 -3.95 0.61 6.39
CA TRP A 30 -2.75 -0.17 6.16
C TRP A 30 -1.57 0.51 6.83
N SER A 31 -0.93 -0.18 7.74
CA SER A 31 0.24 0.37 8.41
C SER A 31 1.36 0.69 7.42
N THR A 32 2.23 1.58 7.84
CA THR A 32 3.47 1.87 7.11
C THR A 32 4.03 0.59 6.46
N ASP A 33 4.03 -0.51 7.21
CA ASP A 33 4.57 -1.76 6.72
C ASP A 33 3.54 -2.50 5.87
N HIS A 34 2.25 -2.36 6.19
CA HIS A 34 1.19 -2.98 5.38
C HIS A 34 1.00 -2.31 4.03
N VAL A 35 1.55 -1.12 3.84
CA VAL A 35 1.33 -0.42 2.59
C VAL A 35 2.38 -0.89 1.65
N ARG A 36 3.55 -1.05 2.23
CA ARG A 36 4.69 -1.55 1.52
C ARG A 36 4.50 -3.04 1.25
N GLN A 37 3.65 -3.65 2.08
CA GLN A 37 3.33 -5.06 1.95
C GLN A 37 2.60 -5.32 0.64
N TRP A 38 1.41 -4.77 0.48
CA TRP A 38 0.68 -4.89 -0.77
C TRP A 38 1.53 -4.36 -1.91
N LEU A 39 1.99 -3.14 -1.73
CA LEU A 39 2.83 -2.47 -2.72
C LEU A 39 3.97 -3.39 -3.23
N GLU A 40 4.49 -4.23 -2.35
CA GLU A 40 5.51 -5.21 -2.77
C GLU A 40 4.82 -6.36 -3.48
N TRP A 41 3.85 -6.95 -2.81
CA TRP A 41 2.98 -8.01 -3.36
C TRP A 41 2.28 -7.56 -4.66
N ALA A 42 2.38 -6.29 -4.97
CA ALA A 42 1.70 -5.71 -6.11
C ALA A 42 2.64 -5.75 -7.30
N VAL A 43 3.81 -5.16 -7.08
CA VAL A 43 4.91 -5.28 -8.01
C VAL A 43 5.13 -6.74 -8.38
N LYS A 44 4.96 -7.60 -7.38
CA LYS A 44 5.18 -9.02 -7.54
C LYS A 44 4.03 -9.70 -8.29
N GLU A 45 2.78 -9.22 -8.16
CA GLU A 45 1.72 -9.81 -8.96
C GLU A 45 1.59 -9.20 -10.34
N TYR A 46 1.91 -7.91 -10.50
CA TYR A 46 1.44 -7.20 -11.67
C TYR A 46 2.59 -6.96 -12.65
N GLY A 47 3.78 -7.39 -12.24
CA GLY A 47 4.94 -7.31 -13.11
C GLY A 47 5.39 -5.88 -13.32
N LEU A 48 5.48 -5.14 -12.22
CA LEU A 48 5.76 -3.71 -12.27
C LEU A 48 7.26 -3.45 -12.31
N PRO A 49 7.76 -2.88 -13.41
CA PRO A 49 9.18 -2.64 -13.63
C PRO A 49 9.71 -1.40 -12.89
N ASP A 50 9.10 -0.25 -13.17
CA ASP A 50 9.65 1.01 -12.68
C ASP A 50 9.09 1.42 -11.32
N VAL A 51 8.50 0.48 -10.59
CA VAL A 51 8.03 0.78 -9.25
C VAL A 51 9.16 0.65 -8.25
N ASN A 52 9.54 1.76 -7.64
CA ASN A 52 10.59 1.75 -6.64
C ASN A 52 9.96 1.78 -5.26
N ILE A 53 9.93 0.62 -4.62
CA ILE A 53 9.03 0.42 -3.48
C ILE A 53 9.56 1.12 -2.24
N LEU A 54 10.87 1.15 -2.08
CA LEU A 54 11.50 1.78 -0.92
C LEU A 54 11.23 3.29 -0.83
N LEU A 55 10.32 3.80 -1.66
CA LEU A 55 9.94 5.21 -1.61
C LEU A 55 8.65 5.35 -0.79
N PHE A 56 7.85 4.28 -0.78
CA PHE A 56 6.55 4.33 -0.13
C PHE A 56 6.62 3.78 1.29
N GLN A 57 7.75 3.16 1.59
CA GLN A 57 8.02 2.48 2.86
C GLN A 57 7.57 3.29 4.09
N ASN A 58 7.66 4.61 4.02
CA ASN A 58 7.33 5.44 5.18
C ASN A 58 5.92 6.02 5.03
N ILE A 59 5.22 5.53 4.02
CA ILE A 59 3.85 5.92 3.75
C ILE A 59 2.90 4.85 4.24
N ASP A 60 1.93 5.26 5.05
CA ASP A 60 0.90 4.35 5.51
C ASP A 60 -0.36 4.52 4.67
N GLY A 61 -1.40 3.80 5.03
CA GLY A 61 -2.62 3.81 4.24
C GLY A 61 -3.24 5.18 4.12
N LYS A 62 -3.15 5.98 5.17
CA LYS A 62 -3.81 7.27 5.18
C LYS A 62 -3.11 8.20 4.21
N GLU A 63 -1.83 7.91 4.02
CA GLU A 63 -0.96 8.75 3.24
C GLU A 63 -0.94 8.28 1.79
N LEU A 64 -1.21 6.98 1.59
CA LEU A 64 -1.24 6.41 0.25
C LEU A 64 -2.62 6.45 -0.36
N CYS A 65 -3.67 6.29 0.45
CA CYS A 65 -5.00 6.26 -0.13
C CYS A 65 -5.45 7.69 -0.40
N LYS A 66 -4.67 8.65 0.08
CA LYS A 66 -4.91 10.06 -0.22
C LYS A 66 -3.78 10.61 -1.09
N MET A 67 -3.27 9.74 -1.94
CA MET A 67 -2.32 10.12 -2.98
C MET A 67 -3.09 10.42 -4.25
N THR A 68 -2.65 11.41 -5.01
CA THR A 68 -3.26 11.68 -6.29
C THR A 68 -2.53 10.94 -7.39
N LYS A 69 -3.11 10.90 -8.58
CA LYS A 69 -2.47 10.27 -9.72
C LYS A 69 -1.08 10.84 -9.96
N ASP A 70 -0.91 12.12 -9.61
CA ASP A 70 0.35 12.79 -9.88
C ASP A 70 1.37 12.48 -8.80
N ASP A 71 0.88 12.09 -7.63
CA ASP A 71 1.74 11.74 -6.50
C ASP A 71 2.48 10.45 -6.78
N PHE A 72 1.87 9.57 -7.53
CA PHE A 72 2.56 8.36 -7.94
C PHE A 72 3.50 8.67 -9.10
N GLN A 73 3.17 9.63 -9.92
CA GLN A 73 3.97 9.89 -11.11
C GLN A 73 5.26 10.62 -10.77
N ARG A 74 5.43 10.96 -9.49
CA ARG A 74 6.67 11.59 -9.04
C ARG A 74 7.55 10.57 -8.33
N LEU A 75 7.04 9.35 -8.23
CA LEU A 75 7.79 8.24 -7.67
C LEU A 75 7.89 7.13 -8.72
N THR A 76 6.94 7.15 -9.64
CA THR A 76 6.79 6.16 -10.68
C THR A 76 5.83 6.71 -11.75
N PRO A 77 6.38 7.29 -12.83
CA PRO A 77 5.61 8.13 -13.76
C PRO A 77 4.66 7.37 -14.69
N SER A 78 3.45 7.93 -14.82
CA SER A 78 2.41 7.44 -15.73
C SER A 78 2.01 5.99 -15.45
N TYR A 79 2.74 5.04 -16.01
CA TYR A 79 2.41 3.65 -15.83
C TYR A 79 2.86 3.17 -14.46
N ASN A 80 2.16 2.16 -13.95
CA ASN A 80 2.41 1.58 -12.63
C ASN A 80 1.72 2.43 -11.57
N ALA A 81 1.77 3.74 -11.74
CA ALA A 81 0.93 4.66 -10.99
C ALA A 81 -0.53 4.30 -11.26
N ASP A 82 -0.87 4.27 -12.54
CA ASP A 82 -2.19 3.86 -13.02
C ASP A 82 -2.52 2.40 -12.68
N ILE A 83 -1.54 1.67 -12.18
CA ILE A 83 -1.77 0.29 -11.76
C ILE A 83 -2.14 0.26 -10.29
N LEU A 84 -1.16 0.65 -9.47
CA LEU A 84 -1.28 0.64 -8.01
C LEU A 84 -2.52 1.40 -7.52
N LEU A 85 -2.65 2.62 -8.02
CA LEU A 85 -3.69 3.52 -7.57
C LEU A 85 -5.07 2.92 -7.82
N SER A 86 -5.28 2.49 -9.05
CA SER A 86 -6.53 1.86 -9.46
C SER A 86 -6.88 0.68 -8.57
N HIS A 87 -5.91 -0.18 -8.29
CA HIS A 87 -6.13 -1.34 -7.44
C HIS A 87 -6.51 -0.92 -6.02
N LEU A 88 -5.88 0.13 -5.54
CA LEU A 88 -6.14 0.62 -4.19
C LEU A 88 -7.58 1.11 -4.10
N HIS A 89 -8.05 1.70 -5.20
CA HIS A 89 -9.40 2.24 -5.27
C HIS A 89 -10.41 1.12 -5.50
N TYR A 90 -9.93 -0.06 -5.82
CA TYR A 90 -10.80 -1.21 -6.07
C TYR A 90 -10.95 -1.99 -4.78
N LEU A 91 -9.82 -2.16 -4.09
CA LEU A 91 -9.82 -2.77 -2.78
C LEU A 91 -10.70 -1.98 -1.81
N ARG A 92 -10.62 -0.67 -1.95
CA ARG A 92 -11.33 0.28 -1.10
C ARG A 92 -12.81 0.34 -1.44
N GLU A 93 -13.21 -0.41 -2.46
CA GLU A 93 -14.62 -0.52 -2.78
C GLU A 93 -15.33 -1.22 -1.63
N THR A 94 -14.58 -2.09 -0.95
CA THR A 94 -15.03 -2.69 0.28
C THR A 94 -14.37 -1.98 1.46
N PRO A 95 -15.11 -1.76 2.56
CA PRO A 95 -14.61 -1.01 3.71
C PRO A 95 -14.11 -1.87 4.87
N LEU A 96 -13.38 -1.21 5.75
CA LEU A 96 -12.96 -1.79 7.02
C LEU A 96 -14.09 -1.62 8.03
N PRO A 97 -14.76 -2.73 8.42
CA PRO A 97 -15.87 -2.70 9.37
C PRO A 97 -15.37 -2.62 10.81
N GLY A 1 12.51 2.49 23.00
CA GLY A 1 13.68 2.53 22.09
C GLY A 1 13.46 3.48 20.94
N SER A 2 14.54 4.02 20.40
CA SER A 2 14.47 4.91 19.26
C SER A 2 14.66 4.14 17.96
N HIS A 3 15.58 3.19 17.98
CA HIS A 3 15.86 2.35 16.83
C HIS A 3 15.97 0.91 17.28
N MET A 4 15.87 -0.02 16.33
CA MET A 4 15.83 -1.47 16.60
C MET A 4 14.51 -1.84 17.28
N GLU A 5 14.19 -1.16 18.36
CA GLU A 5 12.90 -1.32 19.01
C GLU A 5 11.95 -0.25 18.52
N GLU A 6 10.66 -0.57 18.49
CA GLU A 6 9.63 0.32 17.96
C GLU A 6 9.90 0.72 16.51
N LYS A 7 10.18 -0.28 15.67
CA LYS A 7 10.20 -0.05 14.24
C LYS A 7 8.82 0.47 13.85
N HIS A 8 8.79 1.60 13.16
CA HIS A 8 7.55 2.34 12.92
C HIS A 8 6.49 1.50 12.21
N MET A 9 5.74 0.77 13.02
CA MET A 9 4.57 0.00 12.58
C MET A 9 3.54 0.00 13.70
N PRO A 10 3.17 1.21 14.19
CA PRO A 10 2.42 1.38 15.45
C PRO A 10 1.04 0.72 15.53
N PRO A 11 0.07 1.05 14.65
CA PRO A 11 -1.33 0.66 14.84
C PRO A 11 -1.64 -0.76 14.37
N PRO A 12 -2.07 -1.63 15.30
CA PRO A 12 -2.61 -2.94 14.97
C PRO A 12 -4.07 -2.82 14.53
N ASN A 13 -4.29 -2.79 13.24
CA ASN A 13 -5.60 -2.46 12.69
C ASN A 13 -6.30 -3.68 12.12
N MET A 14 -7.35 -3.41 11.36
CA MET A 14 -8.09 -4.37 10.55
C MET A 14 -8.48 -5.66 11.28
N THR A 15 -9.68 -5.67 11.80
CA THR A 15 -10.31 -6.90 12.25
C THR A 15 -10.72 -7.71 11.01
N THR A 16 -10.97 -7.00 9.93
CA THR A 16 -11.25 -7.61 8.65
C THR A 16 -10.14 -7.26 7.66
N ASN A 17 -9.45 -8.27 7.16
CA ASN A 17 -8.33 -8.04 6.25
C ASN A 17 -8.59 -8.63 4.88
N GLU A 18 -7.84 -8.15 3.90
CA GLU A 18 -7.92 -8.62 2.53
C GLU A 18 -7.58 -10.12 2.47
N ARG A 19 -8.13 -10.80 1.47
CA ARG A 19 -8.01 -12.25 1.36
C ARG A 19 -6.62 -12.65 0.89
N ARG A 20 -5.86 -11.68 0.42
CA ARG A 20 -4.55 -11.94 -0.16
C ARG A 20 -3.47 -11.46 0.79
N VAL A 21 -3.40 -10.14 0.96
CA VAL A 21 -2.54 -9.56 1.96
C VAL A 21 -3.37 -9.24 3.19
N ILE A 22 -2.85 -9.58 4.36
CA ILE A 22 -3.54 -9.30 5.62
C ILE A 22 -3.53 -7.79 5.89
N VAL A 23 -4.34 -7.09 5.10
CA VAL A 23 -4.48 -5.65 5.16
C VAL A 23 -5.94 -5.28 4.93
N PRO A 24 -6.47 -4.30 5.68
CA PRO A 24 -7.88 -3.88 5.55
C PRO A 24 -8.23 -3.49 4.13
N ALA A 25 -9.37 -3.99 3.66
CA ALA A 25 -9.90 -3.62 2.34
C ALA A 25 -10.00 -2.10 2.18
N ASP A 26 -10.07 -1.40 3.30
CA ASP A 26 -9.84 0.03 3.33
C ASP A 26 -8.37 0.29 3.45
N PRO A 27 -7.78 0.74 2.36
CA PRO A 27 -6.38 1.05 2.29
C PRO A 27 -6.05 2.34 3.04
N THR A 28 -6.75 2.57 4.14
CA THR A 28 -6.47 3.68 5.02
C THR A 28 -5.68 3.21 6.22
N LEU A 29 -5.99 2.01 6.67
CA LEU A 29 -5.42 1.47 7.88
C LEU A 29 -4.24 0.59 7.57
N TRP A 30 -3.88 0.41 6.29
CA TRP A 30 -2.63 -0.25 5.97
C TRP A 30 -1.51 0.47 6.69
N SER A 31 -0.85 -0.21 7.61
CA SER A 31 0.24 0.41 8.33
C SER A 31 1.38 0.75 7.37
N THR A 32 2.20 1.69 7.80
CA THR A 32 3.45 2.04 7.10
C THR A 32 4.06 0.80 6.43
N ASP A 33 4.13 -0.30 7.18
CA ASP A 33 4.74 -1.53 6.69
C ASP A 33 3.76 -2.29 5.78
N HIS A 34 2.46 -2.23 6.08
CA HIS A 34 1.44 -2.91 5.26
C HIS A 34 1.22 -2.23 3.92
N VAL A 35 1.70 -1.01 3.75
CA VAL A 35 1.46 -0.29 2.51
C VAL A 35 2.54 -0.73 1.57
N ARG A 36 3.71 -0.92 2.16
CA ARG A 36 4.84 -1.43 1.45
C ARG A 36 4.61 -2.91 1.13
N GLN A 37 3.76 -3.54 1.93
CA GLN A 37 3.46 -4.95 1.78
C GLN A 37 2.75 -5.21 0.46
N TRP A 38 1.54 -4.67 0.32
CA TRP A 38 0.82 -4.75 -0.95
C TRP A 38 1.67 -4.22 -2.09
N LEU A 39 2.10 -2.99 -1.94
CA LEU A 39 2.94 -2.32 -2.94
C LEU A 39 4.03 -3.27 -3.51
N GLU A 40 4.59 -4.10 -2.64
CA GLU A 40 5.56 -5.12 -3.09
C GLU A 40 4.83 -6.29 -3.76
N TRP A 41 3.87 -6.82 -3.03
CA TRP A 41 3.01 -7.91 -3.53
C TRP A 41 2.26 -7.50 -4.81
N ALA A 42 2.31 -6.22 -5.13
CA ALA A 42 1.59 -5.69 -6.28
C ALA A 42 2.47 -5.77 -7.50
N VAL A 43 3.76 -5.59 -7.32
CA VAL A 43 4.70 -5.92 -8.38
C VAL A 43 4.65 -7.40 -8.77
N LYS A 44 4.23 -8.26 -7.84
CA LYS A 44 4.07 -9.69 -8.13
C LYS A 44 2.66 -9.90 -8.70
N GLU A 45 1.86 -8.93 -8.35
CA GLU A 45 0.44 -8.95 -8.62
C GLU A 45 0.17 -8.58 -10.07
N TYR A 46 0.70 -7.45 -10.53
CA TYR A 46 0.40 -6.99 -11.85
C TYR A 46 1.61 -6.98 -12.78
N GLY A 47 2.74 -7.50 -12.32
CA GLY A 47 3.92 -7.58 -13.16
C GLY A 47 4.51 -6.22 -13.45
N LEU A 48 4.75 -5.47 -12.39
CA LEU A 48 5.32 -4.13 -12.50
C LEU A 48 6.81 -4.22 -12.84
N PRO A 49 7.18 -3.73 -14.03
CA PRO A 49 8.55 -3.85 -14.57
C PRO A 49 9.61 -3.22 -13.67
N ASP A 50 9.29 -2.05 -13.14
CA ASP A 50 10.18 -1.38 -12.21
C ASP A 50 9.42 -0.33 -11.42
N VAL A 51 8.84 -0.77 -10.32
CA VAL A 51 8.28 0.15 -9.36
C VAL A 51 9.24 0.26 -8.19
N ASN A 52 9.53 1.47 -7.74
CA ASN A 52 10.54 1.66 -6.72
C ASN A 52 9.86 1.73 -5.36
N ILE A 53 9.96 0.64 -4.62
CA ILE A 53 9.09 0.48 -3.46
C ILE A 53 9.62 1.23 -2.24
N LEU A 54 10.93 1.28 -2.10
CA LEU A 54 11.54 1.89 -0.93
C LEU A 54 11.24 3.39 -0.79
N LEU A 55 10.37 3.93 -1.63
CA LEU A 55 9.99 5.33 -1.53
C LEU A 55 8.68 5.46 -0.76
N PHE A 56 7.91 4.37 -0.72
CA PHE A 56 6.59 4.39 -0.10
C PHE A 56 6.66 3.85 1.34
N GLN A 57 7.81 3.26 1.68
CA GLN A 57 8.05 2.61 2.98
C GLN A 57 7.52 3.39 4.19
N ASN A 58 7.54 4.72 4.08
CA ASN A 58 7.19 5.57 5.22
C ASN A 58 5.77 6.12 5.06
N ILE A 59 5.11 5.68 3.99
CA ILE A 59 3.74 6.07 3.72
C ILE A 59 2.79 5.01 4.24
N ASP A 60 1.87 5.43 5.09
CA ASP A 60 0.86 4.55 5.63
C ASP A 60 -0.41 4.62 4.79
N GLY A 61 -1.40 3.82 5.13
CA GLY A 61 -2.61 3.73 4.33
C GLY A 61 -3.34 5.05 4.27
N LYS A 62 -3.27 5.81 5.34
CA LYS A 62 -3.98 7.08 5.41
C LYS A 62 -3.33 8.06 4.44
N GLU A 63 -2.08 7.77 4.15
CA GLU A 63 -1.29 8.63 3.29
C GLU A 63 -1.37 8.12 1.85
N LEU A 64 -1.67 6.82 1.70
CA LEU A 64 -1.82 6.23 0.37
C LEU A 64 -3.27 6.36 -0.09
N CYS A 65 -4.16 6.47 0.88
CA CYS A 65 -5.56 6.77 0.62
C CYS A 65 -5.71 8.14 -0.01
N LYS A 66 -4.80 9.04 0.33
CA LYS A 66 -4.86 10.41 -0.14
C LYS A 66 -3.79 10.67 -1.20
N MET A 67 -3.38 9.61 -1.90
CA MET A 67 -2.45 9.76 -3.02
C MET A 67 -3.20 9.92 -4.33
N THR A 68 -2.75 10.87 -5.14
CA THR A 68 -3.29 11.06 -6.47
C THR A 68 -2.42 10.38 -7.53
N LYS A 69 -2.94 10.28 -8.74
CA LYS A 69 -2.21 9.68 -9.86
C LYS A 69 -0.88 10.37 -10.08
N ASP A 70 -0.85 11.67 -9.85
CA ASP A 70 0.34 12.47 -10.08
C ASP A 70 1.40 12.23 -9.01
N ASP A 71 0.97 11.83 -7.82
CA ASP A 71 1.89 11.65 -6.70
C ASP A 71 2.64 10.33 -6.83
N PHE A 72 2.06 9.36 -7.52
CA PHE A 72 2.80 8.12 -7.80
C PHE A 72 3.74 8.35 -8.96
N GLN A 73 3.42 9.30 -9.81
CA GLN A 73 4.22 9.55 -11.01
C GLN A 73 5.50 10.32 -10.66
N ARG A 74 5.65 10.70 -9.39
CA ARG A 74 6.89 11.34 -8.95
C ARG A 74 7.78 10.33 -8.24
N LEU A 75 7.27 9.11 -8.08
CA LEU A 75 8.02 8.04 -7.43
C LEU A 75 8.16 6.85 -8.38
N THR A 76 7.23 6.78 -9.33
CA THR A 76 7.18 5.76 -10.36
C THR A 76 6.31 6.29 -11.50
N PRO A 77 6.95 7.02 -12.44
CA PRO A 77 6.24 7.89 -13.40
C PRO A 77 5.49 7.15 -14.50
N SER A 78 4.56 7.89 -15.11
CA SER A 78 3.76 7.42 -16.23
C SER A 78 2.89 6.23 -15.85
N TYR A 79 3.34 5.04 -16.18
CA TYR A 79 2.57 3.83 -15.93
C TYR A 79 2.91 3.26 -14.56
N ASN A 80 2.10 2.29 -14.11
CA ASN A 80 2.27 1.63 -12.81
C ASN A 80 1.67 2.47 -11.70
N ALA A 81 1.80 3.78 -11.85
CA ALA A 81 1.11 4.73 -10.98
C ALA A 81 -0.39 4.45 -10.99
N ASP A 82 -0.90 4.31 -12.21
CA ASP A 82 -2.28 3.93 -12.46
C ASP A 82 -2.57 2.52 -11.97
N ILE A 83 -1.72 1.54 -12.26
CA ILE A 83 -1.94 0.19 -11.79
C ILE A 83 -2.12 0.14 -10.27
N LEU A 84 -1.20 0.76 -9.56
CA LEU A 84 -1.24 0.81 -8.10
C LEU A 84 -2.49 1.55 -7.61
N LEU A 85 -2.69 2.74 -8.13
CA LEU A 85 -3.77 3.61 -7.67
C LEU A 85 -5.14 2.99 -7.94
N SER A 86 -5.31 2.48 -9.15
CA SER A 86 -6.55 1.82 -9.56
C SER A 86 -7.01 0.80 -8.52
N HIS A 87 -6.10 -0.03 -8.02
CA HIS A 87 -6.47 -1.04 -7.05
C HIS A 87 -6.66 -0.41 -5.69
N LEU A 88 -5.97 0.70 -5.47
CA LEU A 88 -6.06 1.42 -4.21
C LEU A 88 -7.48 1.99 -4.07
N HIS A 89 -8.06 2.30 -5.23
CA HIS A 89 -9.44 2.76 -5.33
C HIS A 89 -10.41 1.59 -5.49
N TYR A 90 -9.89 0.41 -5.78
CA TYR A 90 -10.74 -0.75 -6.06
C TYR A 90 -10.93 -1.59 -4.80
N LEU A 91 -9.84 -1.83 -4.09
CA LEU A 91 -9.85 -2.59 -2.85
C LEU A 91 -10.81 -1.96 -1.85
N ARG A 92 -10.80 -0.65 -1.87
CA ARG A 92 -11.57 0.21 -1.00
C ARG A 92 -13.07 0.21 -1.35
N GLU A 93 -13.47 -0.52 -2.38
CA GLU A 93 -14.89 -0.62 -2.74
C GLU A 93 -15.65 -1.50 -1.73
N THR A 94 -14.91 -2.25 -0.92
CA THR A 94 -15.50 -3.01 0.17
C THR A 94 -14.70 -2.77 1.45
N PRO A 95 -14.79 -1.54 1.99
CA PRO A 95 -13.86 -1.05 3.02
C PRO A 95 -13.98 -1.76 4.38
N LEU A 96 -13.14 -1.35 5.32
CA LEU A 96 -13.12 -1.92 6.65
C LEU A 96 -14.29 -1.41 7.52
N PRO A 97 -14.47 -0.06 7.64
CA PRO A 97 -15.49 0.58 8.48
C PRO A 97 -16.73 -0.27 8.75
N GLY A 1 15.50 -12.45 6.76
CA GLY A 1 14.74 -11.90 7.91
C GLY A 1 15.04 -10.44 8.11
N SER A 2 14.15 -9.75 8.81
CA SER A 2 14.31 -8.32 9.00
C SER A 2 14.17 -7.93 10.46
N HIS A 3 15.18 -7.22 10.95
CA HIS A 3 15.14 -6.56 12.24
C HIS A 3 15.68 -5.14 12.06
N MET A 4 15.29 -4.57 10.93
CA MET A 4 15.81 -3.31 10.44
C MET A 4 14.75 -2.22 10.54
N GLU A 5 13.51 -2.66 10.73
CA GLU A 5 12.36 -1.77 10.75
C GLU A 5 12.34 -0.91 12.02
N GLU A 6 12.93 0.27 11.92
CA GLU A 6 12.84 1.27 12.97
C GLU A 6 11.65 2.19 12.69
N LYS A 7 11.65 3.38 13.29
CA LYS A 7 10.51 4.30 13.20
C LYS A 7 9.33 3.78 14.01
N HIS A 8 8.68 4.66 14.75
CA HIS A 8 7.53 4.26 15.56
C HIS A 8 6.34 3.90 14.67
N MET A 9 6.33 2.64 14.26
CA MET A 9 5.32 2.12 13.35
C MET A 9 3.95 2.10 14.01
N PRO A 10 2.95 2.69 13.34
CA PRO A 10 1.57 2.69 13.82
C PRO A 10 1.00 1.28 13.92
N PRO A 11 0.46 0.92 15.09
CA PRO A 11 -0.14 -0.41 15.33
C PRO A 11 -1.18 -0.78 14.27
N PRO A 12 -1.17 -2.05 13.83
CA PRO A 12 -2.05 -2.53 12.76
C PRO A 12 -3.54 -2.37 13.09
N ASN A 13 -4.26 -1.73 12.17
CA ASN A 13 -5.70 -1.52 12.33
C ASN A 13 -6.46 -2.59 11.54
N MET A 14 -5.93 -3.80 11.56
CA MET A 14 -6.42 -4.86 10.71
C MET A 14 -7.45 -5.73 11.40
N THR A 15 -8.71 -5.30 11.36
CA THR A 15 -9.81 -6.14 11.80
C THR A 15 -10.32 -6.99 10.65
N THR A 16 -9.81 -6.70 9.45
CA THR A 16 -10.20 -7.42 8.25
C THR A 16 -8.99 -7.80 7.42
N ASN A 17 -7.95 -8.32 8.08
CA ASN A 17 -6.71 -8.63 7.40
C ASN A 17 -6.80 -9.99 6.70
N GLU A 18 -7.59 -10.89 7.29
CA GLU A 18 -7.87 -12.20 6.71
C GLU A 18 -6.57 -12.88 6.26
N ARG A 19 -6.62 -13.58 5.14
CA ARG A 19 -5.42 -14.12 4.52
C ARG A 19 -5.13 -13.35 3.24
N ARG A 20 -5.45 -12.06 3.27
CA ARG A 20 -5.20 -11.17 2.15
C ARG A 20 -3.71 -10.87 2.06
N VAL A 21 -3.30 -9.78 2.71
CA VAL A 21 -1.90 -9.41 2.78
C VAL A 21 -1.58 -8.96 4.19
N ILE A 22 -2.31 -9.53 5.16
CA ILE A 22 -2.21 -9.10 6.56
C ILE A 22 -2.80 -7.69 6.66
N VAL A 23 -3.67 -7.38 5.71
CA VAL A 23 -4.28 -6.07 5.58
C VAL A 23 -5.70 -6.22 5.07
N PRO A 24 -6.59 -5.26 5.35
CA PRO A 24 -7.92 -5.23 4.76
C PRO A 24 -7.87 -4.63 3.36
N ALA A 25 -8.79 -5.06 2.51
CA ALA A 25 -8.94 -4.44 1.18
C ALA A 25 -9.05 -2.91 1.25
N ASP A 26 -9.29 -2.38 2.44
CA ASP A 26 -9.18 -0.93 2.68
C ASP A 26 -7.75 -0.56 2.92
N PRO A 27 -7.19 0.16 1.97
CA PRO A 27 -5.83 0.63 2.03
C PRO A 27 -5.68 1.95 2.78
N THR A 28 -6.58 2.25 3.74
CA THR A 28 -6.38 3.44 4.53
C THR A 28 -5.82 3.08 5.89
N LEU A 29 -6.33 1.97 6.40
CA LEU A 29 -5.93 1.39 7.66
C LEU A 29 -4.47 0.98 7.68
N TRP A 30 -3.92 0.66 6.50
CA TRP A 30 -2.62 0.04 6.41
C TRP A 30 -1.55 0.88 7.07
N SER A 31 -0.69 0.24 7.83
CA SER A 31 0.41 0.93 8.43
C SER A 31 1.56 1.09 7.45
N THR A 32 2.48 1.97 7.80
CA THR A 32 3.71 2.22 7.01
C THR A 32 4.24 0.94 6.34
N ASP A 33 4.35 -0.15 7.10
CA ASP A 33 4.96 -1.37 6.56
C ASP A 33 3.93 -2.14 5.75
N HIS A 34 2.66 -2.03 6.13
CA HIS A 34 1.58 -2.70 5.42
C HIS A 34 1.27 -2.07 4.08
N VAL A 35 1.79 -0.88 3.82
CA VAL A 35 1.49 -0.22 2.55
C VAL A 35 2.53 -0.69 1.58
N ARG A 36 3.73 -0.80 2.13
CA ARG A 36 4.88 -1.30 1.42
C ARG A 36 4.68 -2.79 1.14
N GLN A 37 3.93 -3.43 2.03
CA GLN A 37 3.63 -4.84 1.92
C GLN A 37 2.85 -5.16 0.66
N TRP A 38 1.62 -4.66 0.57
CA TRP A 38 0.83 -4.82 -0.63
C TRP A 38 1.62 -4.34 -1.82
N LEU A 39 2.12 -3.14 -1.68
CA LEU A 39 2.93 -2.51 -2.72
C LEU A 39 4.01 -3.47 -3.27
N GLU A 40 4.60 -4.27 -2.39
CA GLU A 40 5.57 -5.26 -2.83
C GLU A 40 4.83 -6.37 -3.57
N TRP A 41 3.88 -6.95 -2.87
CA TRP A 41 2.98 -7.98 -3.39
C TRP A 41 2.20 -7.51 -4.65
N ALA A 42 2.30 -6.23 -4.93
CA ALA A 42 1.57 -5.61 -6.02
C ALA A 42 2.44 -5.64 -7.25
N VAL A 43 3.60 -5.01 -7.06
CA VAL A 43 4.68 -5.09 -8.01
C VAL A 43 4.92 -6.54 -8.41
N LYS A 44 4.77 -7.42 -7.42
CA LYS A 44 4.96 -8.85 -7.61
C LYS A 44 3.81 -9.47 -8.40
N GLU A 45 2.57 -9.01 -8.22
CA GLU A 45 1.47 -9.59 -8.98
C GLU A 45 1.20 -8.92 -10.33
N TYR A 46 1.58 -7.66 -10.47
CA TYR A 46 1.09 -6.87 -11.58
C TYR A 46 2.20 -6.64 -12.61
N GLY A 47 3.40 -7.04 -12.23
CA GLY A 47 4.54 -6.94 -13.12
C GLY A 47 5.02 -5.51 -13.26
N LEU A 48 5.36 -4.89 -12.15
CA LEU A 48 5.73 -3.49 -12.13
C LEU A 48 7.25 -3.32 -12.03
N PRO A 49 7.89 -2.83 -13.10
CA PRO A 49 9.33 -2.59 -13.10
C PRO A 49 9.71 -1.24 -12.50
N ASP A 50 9.01 -0.20 -12.93
CA ASP A 50 9.33 1.18 -12.57
C ASP A 50 8.91 1.55 -11.15
N VAL A 51 8.36 0.61 -10.42
CA VAL A 51 7.96 0.90 -9.04
C VAL A 51 9.12 0.64 -8.10
N ASN A 52 9.61 1.70 -7.47
CA ASN A 52 10.70 1.59 -6.52
C ASN A 52 10.11 1.56 -5.12
N ILE A 53 9.95 0.36 -4.58
CA ILE A 53 9.03 0.15 -3.46
C ILE A 53 9.54 0.80 -2.17
N LEU A 54 10.83 0.72 -1.94
CA LEU A 54 11.46 1.29 -0.74
C LEU A 54 11.27 2.82 -0.61
N LEU A 55 10.39 3.42 -1.41
CA LEU A 55 10.12 4.85 -1.32
C LEU A 55 8.87 5.06 -0.49
N PHE A 56 8.01 4.03 -0.48
CA PHE A 56 6.71 4.13 0.18
C PHE A 56 6.78 3.57 1.61
N GLN A 57 8.00 3.29 2.05
CA GLN A 57 8.23 2.58 3.31
C GLN A 57 7.70 3.38 4.50
N ASN A 58 7.66 4.70 4.35
CA ASN A 58 7.23 5.57 5.45
C ASN A 58 5.85 6.14 5.17
N ILE A 59 5.18 5.59 4.17
CA ILE A 59 3.83 5.99 3.84
C ILE A 59 2.82 4.97 4.35
N ASP A 60 1.88 5.45 5.17
CA ASP A 60 0.81 4.61 5.68
C ASP A 60 -0.36 4.62 4.71
N GLY A 61 -1.39 3.83 5.00
CA GLY A 61 -2.56 3.79 4.15
C GLY A 61 -3.28 5.13 4.12
N LYS A 62 -3.10 5.89 5.20
CA LYS A 62 -3.72 7.20 5.33
C LYS A 62 -3.09 8.16 4.33
N GLU A 63 -1.85 7.86 4.01
CA GLU A 63 -1.08 8.69 3.13
C GLU A 63 -1.11 8.16 1.71
N LEU A 64 -1.38 6.86 1.56
CA LEU A 64 -1.42 6.25 0.23
C LEU A 64 -2.81 6.29 -0.38
N CYS A 65 -3.86 6.16 0.43
CA CYS A 65 -5.18 6.19 -0.16
C CYS A 65 -5.58 7.65 -0.40
N LYS A 66 -4.75 8.57 0.10
CA LYS A 66 -4.93 9.99 -0.17
C LYS A 66 -3.85 10.48 -1.13
N MET A 67 -3.35 9.55 -1.93
CA MET A 67 -2.42 9.87 -3.00
C MET A 67 -3.18 10.20 -4.27
N THR A 68 -2.71 11.18 -5.01
CA THR A 68 -3.31 11.49 -6.29
C THR A 68 -2.52 10.81 -7.40
N LYS A 69 -3.09 10.76 -8.59
CA LYS A 69 -2.42 10.14 -9.73
C LYS A 69 -1.19 10.94 -10.14
N ASP A 70 -0.98 12.08 -9.49
CA ASP A 70 0.12 12.98 -9.82
C ASP A 70 1.28 12.72 -8.86
N ASP A 71 0.92 12.35 -7.63
CA ASP A 71 1.88 12.09 -6.57
C ASP A 71 2.60 10.77 -6.79
N PHE A 72 1.97 9.81 -7.45
CA PHE A 72 2.69 8.58 -7.76
C PHE A 72 3.69 8.83 -8.86
N GLN A 73 3.45 9.83 -9.69
CA GLN A 73 4.29 10.06 -10.86
C GLN A 73 5.68 10.57 -10.47
N ARG A 74 5.90 10.83 -9.19
CA ARG A 74 7.22 11.31 -8.74
C ARG A 74 8.02 10.17 -8.15
N LEU A 75 7.39 9.01 -8.07
CA LEU A 75 8.03 7.79 -7.59
C LEU A 75 7.89 6.70 -8.65
N THR A 76 6.84 6.83 -9.45
CA THR A 76 6.49 5.87 -10.49
C THR A 76 5.52 6.52 -11.50
N PRO A 77 6.01 6.79 -12.72
CA PRO A 77 5.28 7.61 -13.71
C PRO A 77 4.03 6.96 -14.28
N SER A 78 3.40 7.66 -15.23
CA SER A 78 2.20 7.17 -15.92
C SER A 78 2.45 5.82 -16.55
N TYR A 79 2.02 4.77 -15.85
CA TYR A 79 2.31 3.40 -16.25
C TYR A 79 1.85 2.47 -15.14
N ASN A 80 2.54 2.54 -14.00
CA ASN A 80 2.22 1.71 -12.85
C ASN A 80 1.43 2.51 -11.84
N ALA A 81 1.52 3.84 -11.95
CA ALA A 81 0.73 4.74 -11.12
C ALA A 81 -0.73 4.37 -11.26
N ASP A 82 -1.16 4.30 -12.52
CA ASP A 82 -2.53 3.91 -12.86
C ASP A 82 -2.87 2.54 -12.33
N ILE A 83 -2.05 1.52 -12.61
CA ILE A 83 -2.28 0.18 -12.09
C ILE A 83 -2.55 0.22 -10.58
N LEU A 84 -1.56 0.64 -9.81
CA LEU A 84 -1.65 0.66 -8.35
C LEU A 84 -2.89 1.42 -7.86
N LEU A 85 -3.05 2.64 -8.36
CA LEU A 85 -4.10 3.52 -7.86
C LEU A 85 -5.47 2.93 -8.15
N SER A 86 -5.69 2.52 -9.39
CA SER A 86 -6.94 1.89 -9.77
C SER A 86 -7.23 0.64 -8.94
N HIS A 87 -6.17 -0.06 -8.55
CA HIS A 87 -6.33 -1.25 -7.72
C HIS A 87 -6.70 -0.86 -6.30
N LEU A 88 -6.05 0.18 -5.78
CA LEU A 88 -6.28 0.63 -4.42
C LEU A 88 -7.70 1.15 -4.25
N HIS A 89 -8.14 1.91 -5.25
CA HIS A 89 -9.48 2.49 -5.23
C HIS A 89 -10.56 1.45 -5.49
N TYR A 90 -10.16 0.25 -5.89
CA TYR A 90 -11.11 -0.81 -6.14
C TYR A 90 -11.22 -1.68 -4.90
N LEU A 91 -10.06 -2.01 -4.34
CA LEU A 91 -9.94 -2.82 -3.14
C LEU A 91 -10.77 -2.26 -1.98
N ARG A 92 -10.59 -0.98 -1.72
CA ARG A 92 -11.16 -0.33 -0.54
C ARG A 92 -12.66 -0.52 -0.41
N GLU A 93 -13.34 -0.70 -1.53
CA GLU A 93 -14.78 -0.63 -1.59
C GLU A 93 -15.45 -1.94 -1.16
N THR A 94 -14.76 -2.73 -0.33
CA THR A 94 -15.32 -3.99 0.12
C THR A 94 -15.45 -4.09 1.67
N PRO A 95 -14.36 -3.95 2.46
CA PRO A 95 -14.42 -4.12 3.89
C PRO A 95 -14.63 -2.81 4.65
N LEU A 96 -13.54 -2.06 4.80
CA LEU A 96 -13.59 -0.77 5.46
C LEU A 96 -13.80 0.33 4.41
N PRO A 97 -14.79 1.21 4.64
CA PRO A 97 -15.19 2.23 3.66
C PRO A 97 -14.14 3.32 3.49
N GLY A 1 4.28 -15.78 8.86
CA GLY A 1 4.14 -15.04 10.13
C GLY A 1 4.74 -15.79 11.31
N SER A 2 4.83 -15.10 12.45
CA SER A 2 5.33 -15.70 13.69
C SER A 2 6.83 -16.03 13.60
N HIS A 3 7.48 -16.10 14.76
CA HIS A 3 8.89 -16.49 14.85
C HIS A 3 9.77 -15.54 14.05
N MET A 4 9.57 -14.25 14.27
CA MET A 4 10.34 -13.22 13.58
C MET A 4 10.71 -12.10 14.52
N GLU A 5 11.24 -11.01 13.96
CA GLU A 5 11.57 -9.83 14.74
C GLU A 5 10.29 -9.09 15.15
N GLU A 6 9.47 -8.76 14.15
CA GLU A 6 8.20 -8.09 14.38
C GLU A 6 8.37 -6.84 15.24
N LYS A 7 9.11 -5.87 14.71
CA LYS A 7 9.35 -4.63 15.43
C LYS A 7 8.91 -3.45 14.58
N HIS A 8 8.39 -2.41 15.24
CA HIS A 8 7.90 -1.20 14.56
C HIS A 8 6.56 -1.45 13.87
N MET A 9 6.30 -2.70 13.53
CA MET A 9 5.03 -3.10 12.94
C MET A 9 3.89 -2.87 13.93
N PRO A 10 2.94 -2.01 13.58
CA PRO A 10 1.79 -1.69 14.43
C PRO A 10 0.88 -2.90 14.66
N PRO A 11 0.54 -3.18 15.92
CA PRO A 11 -0.41 -4.24 16.28
C PRO A 11 -1.68 -4.15 15.43
N PRO A 12 -2.19 -5.33 15.00
CA PRO A 12 -3.29 -5.46 14.04
C PRO A 12 -4.31 -4.33 14.08
N ASN A 13 -4.26 -3.48 13.07
CA ASN A 13 -5.19 -2.34 12.91
C ASN A 13 -6.54 -2.83 12.39
N MET A 14 -6.69 -4.14 12.35
CA MET A 14 -7.82 -4.76 11.68
C MET A 14 -7.83 -6.25 11.95
N THR A 15 -8.86 -6.90 11.46
CA THR A 15 -8.94 -8.35 11.46
C THR A 15 -9.43 -8.82 10.09
N THR A 16 -9.29 -7.92 9.12
CA THR A 16 -9.83 -8.12 7.79
C THR A 16 -8.80 -8.72 6.83
N ASN A 17 -9.27 -9.06 5.63
CA ASN A 17 -8.44 -9.62 4.56
C ASN A 17 -7.98 -11.02 4.92
N GLU A 18 -6.85 -11.13 5.61
CA GLU A 18 -6.28 -12.42 6.04
C GLU A 18 -5.88 -13.29 4.85
N ARG A 19 -4.74 -13.99 5.00
CA ARG A 19 -4.27 -14.97 4.02
C ARG A 19 -4.05 -14.35 2.64
N ARG A 20 -3.87 -13.04 2.63
CA ARG A 20 -3.58 -12.31 1.39
C ARG A 20 -2.55 -11.22 1.70
N VAL A 21 -3.03 -10.16 2.33
CA VAL A 21 -2.14 -9.10 2.79
C VAL A 21 -2.32 -8.90 4.30
N ILE A 22 -3.43 -9.42 4.81
CA ILE A 22 -3.82 -9.21 6.20
C ILE A 22 -3.88 -7.71 6.49
N VAL A 23 -4.92 -7.07 5.97
CA VAL A 23 -5.08 -5.63 6.06
C VAL A 23 -6.55 -5.28 6.02
N PRO A 24 -6.93 -4.06 6.42
CA PRO A 24 -8.28 -3.56 6.23
C PRO A 24 -8.56 -3.36 4.75
N ALA A 25 -9.70 -3.86 4.29
CA ALA A 25 -10.16 -3.61 2.91
C ALA A 25 -10.40 -2.10 2.63
N ASP A 26 -9.72 -1.27 3.39
CA ASP A 26 -9.69 0.16 3.21
C ASP A 26 -8.24 0.53 3.35
N PRO A 27 -7.58 0.75 2.21
CA PRO A 27 -6.14 1.08 2.16
C PRO A 27 -5.80 2.38 2.86
N THR A 28 -6.59 2.75 3.87
CA THR A 28 -6.35 3.91 4.66
C THR A 28 -5.69 3.53 5.97
N LEU A 29 -6.07 2.38 6.50
CA LEU A 29 -5.51 1.90 7.75
C LEU A 29 -4.44 0.86 7.50
N TRP A 30 -4.05 0.61 6.25
CA TRP A 30 -2.84 -0.16 5.99
C TRP A 30 -1.67 0.52 6.69
N SER A 31 -1.04 -0.18 7.60
CA SER A 31 0.08 0.38 8.33
C SER A 31 1.29 0.61 7.42
N THR A 32 2.19 1.44 7.91
CA THR A 32 3.48 1.70 7.27
C THR A 32 4.03 0.45 6.57
N ASP A 33 4.11 -0.64 7.31
CA ASP A 33 4.71 -1.87 6.77
C ASP A 33 3.69 -2.59 5.89
N HIS A 34 2.42 -2.50 6.25
CA HIS A 34 1.34 -3.13 5.48
C HIS A 34 1.13 -2.47 4.12
N VAL A 35 1.68 -1.30 3.91
CA VAL A 35 1.44 -0.60 2.67
C VAL A 35 2.48 -1.09 1.71
N ARG A 36 3.68 -1.17 2.27
CA ARG A 36 4.85 -1.65 1.58
C ARG A 36 4.66 -3.13 1.29
N GLN A 37 3.88 -3.79 2.13
CA GLN A 37 3.57 -5.20 1.95
C GLN A 37 2.81 -5.40 0.65
N TRP A 38 1.61 -4.83 0.54
CA TRP A 38 0.87 -4.92 -0.70
C TRP A 38 1.67 -4.35 -1.84
N LEU A 39 2.11 -3.12 -1.65
CA LEU A 39 2.89 -2.39 -2.65
C LEU A 39 4.00 -3.28 -3.28
N GLU A 40 4.65 -4.07 -2.44
CA GLU A 40 5.65 -5.03 -2.91
C GLU A 40 4.95 -6.23 -3.57
N TRP A 41 4.02 -6.83 -2.84
CA TRP A 41 3.15 -7.92 -3.34
C TRP A 41 2.37 -7.49 -4.62
N ALA A 42 2.45 -6.22 -4.92
CA ALA A 42 1.72 -5.65 -6.04
C ALA A 42 2.62 -5.70 -7.25
N VAL A 43 3.81 -5.16 -7.06
CA VAL A 43 4.88 -5.31 -8.01
C VAL A 43 5.06 -6.78 -8.35
N LYS A 44 4.88 -7.61 -7.32
CA LYS A 44 5.00 -9.05 -7.43
C LYS A 44 3.88 -9.65 -8.27
N GLU A 45 2.63 -9.25 -8.06
CA GLU A 45 1.55 -9.84 -8.83
C GLU A 45 1.37 -9.21 -10.21
N TYR A 46 1.68 -7.93 -10.35
CA TYR A 46 1.19 -7.20 -11.50
C TYR A 46 2.30 -6.98 -12.52
N GLY A 47 3.49 -7.45 -12.18
CA GLY A 47 4.61 -7.40 -13.11
C GLY A 47 5.15 -5.99 -13.31
N LEU A 48 5.40 -5.33 -12.20
CA LEU A 48 5.78 -3.93 -12.23
C LEU A 48 7.29 -3.77 -12.16
N PRO A 49 7.91 -3.25 -13.23
CA PRO A 49 9.35 -3.09 -13.32
C PRO A 49 9.86 -1.78 -12.71
N ASP A 50 9.22 -0.68 -13.08
CA ASP A 50 9.71 0.64 -12.71
C ASP A 50 9.07 1.19 -11.42
N VAL A 51 8.44 0.34 -10.64
CA VAL A 51 7.85 0.78 -9.38
C VAL A 51 8.92 0.85 -8.28
N ASN A 52 9.12 2.05 -7.75
CA ASN A 52 10.10 2.24 -6.69
C ASN A 52 9.40 2.16 -5.33
N ILE A 53 9.20 0.93 -4.87
CA ILE A 53 8.39 0.69 -3.67
C ILE A 53 9.06 1.18 -2.40
N LEU A 54 10.38 1.11 -2.36
CA LEU A 54 11.13 1.52 -1.16
C LEU A 54 11.00 3.03 -0.88
N LEU A 55 10.12 3.72 -1.61
CA LEU A 55 9.88 5.13 -1.39
C LEU A 55 8.64 5.31 -0.53
N PHE A 56 7.81 4.27 -0.49
CA PHE A 56 6.54 4.33 0.21
C PHE A 56 6.67 3.75 1.62
N GLN A 57 7.81 3.12 1.86
CA GLN A 57 8.13 2.46 3.14
C GLN A 57 7.75 3.27 4.38
N ASN A 58 7.78 4.59 4.28
CA ASN A 58 7.49 5.46 5.43
C ASN A 58 6.07 6.01 5.34
N ILE A 59 5.36 5.58 4.32
CA ILE A 59 3.99 6.05 4.07
C ILE A 59 2.96 5.04 4.57
N ASP A 60 2.03 5.53 5.38
CA ASP A 60 0.92 4.72 5.86
C ASP A 60 -0.22 4.74 4.83
N GLY A 61 -1.24 3.92 5.06
CA GLY A 61 -2.39 3.91 4.17
C GLY A 61 -3.13 5.24 4.16
N LYS A 62 -3.02 5.97 5.27
CA LYS A 62 -3.73 7.25 5.43
C LYS A 62 -3.15 8.25 4.44
N GLU A 63 -1.93 7.99 4.05
CA GLU A 63 -1.24 8.84 3.14
C GLU A 63 -1.47 8.32 1.73
N LEU A 64 -1.06 7.08 1.49
CA LEU A 64 -1.19 6.45 0.18
C LEU A 64 -2.62 6.48 -0.36
N CYS A 65 -3.64 6.35 0.48
CA CYS A 65 -4.99 6.35 -0.05
C CYS A 65 -5.46 7.79 -0.30
N LYS A 66 -4.67 8.76 0.17
CA LYS A 66 -4.91 10.17 -0.12
C LYS A 66 -3.85 10.67 -1.11
N MET A 67 -3.39 9.75 -1.94
CA MET A 67 -2.50 10.09 -3.05
C MET A 67 -3.31 10.34 -4.31
N THR A 68 -2.86 11.25 -5.16
CA THR A 68 -3.44 11.36 -6.48
C THR A 68 -2.52 10.68 -7.47
N LYS A 69 -2.97 10.51 -8.70
CA LYS A 69 -2.15 9.88 -9.72
C LYS A 69 -0.94 10.74 -10.06
N ASP A 70 -0.85 11.91 -9.45
CA ASP A 70 0.21 12.87 -9.76
C ASP A 70 1.34 12.65 -8.76
N ASP A 71 0.93 12.22 -7.57
CA ASP A 71 1.84 11.87 -6.48
C ASP A 71 2.60 10.61 -6.82
N PHE A 72 1.98 9.72 -7.55
CA PHE A 72 2.68 8.52 -7.99
C PHE A 72 3.61 8.87 -9.14
N GLN A 73 3.33 9.93 -9.89
CA GLN A 73 4.14 10.23 -11.06
C GLN A 73 5.53 10.73 -10.68
N ARG A 74 5.74 10.98 -9.40
CA ARG A 74 7.03 11.48 -8.95
C ARG A 74 7.86 10.35 -8.39
N LEU A 75 7.26 9.18 -8.29
CA LEU A 75 7.94 8.00 -7.76
C LEU A 75 7.88 6.86 -8.77
N THR A 76 6.83 6.86 -9.58
CA THR A 76 6.57 5.84 -10.59
C THR A 76 5.58 6.37 -11.62
N PRO A 77 6.08 6.77 -12.80
CA PRO A 77 5.31 7.52 -13.81
C PRO A 77 4.06 6.80 -14.33
N SER A 78 3.30 7.51 -15.17
CA SER A 78 2.04 7.02 -15.73
C SER A 78 2.24 5.71 -16.48
N TYR A 79 1.88 4.62 -15.81
CA TYR A 79 1.97 3.27 -16.36
C TYR A 79 1.72 2.29 -15.24
N ASN A 80 2.55 2.38 -14.21
CA ASN A 80 2.39 1.56 -13.02
C ASN A 80 1.59 2.33 -11.99
N ALA A 81 1.62 3.65 -12.08
CA ALA A 81 0.77 4.51 -11.27
C ALA A 81 -0.69 4.14 -11.50
N ASP A 82 -1.06 4.12 -12.77
CA ASP A 82 -2.40 3.69 -13.22
C ASP A 82 -2.72 2.26 -12.85
N ILE A 83 -1.75 1.52 -12.34
CA ILE A 83 -1.99 0.16 -11.92
C ILE A 83 -2.28 0.14 -10.42
N LEU A 84 -1.28 0.55 -9.64
CA LEU A 84 -1.36 0.56 -8.18
C LEU A 84 -2.57 1.35 -7.68
N LEU A 85 -2.76 2.54 -8.24
CA LEU A 85 -3.77 3.45 -7.74
C LEU A 85 -5.15 2.89 -7.98
N SER A 86 -5.40 2.48 -9.21
CA SER A 86 -6.65 1.84 -9.59
C SER A 86 -6.97 0.67 -8.66
N HIS A 87 -5.95 -0.12 -8.34
CA HIS A 87 -6.13 -1.24 -7.43
C HIS A 87 -6.50 -0.77 -6.04
N LEU A 88 -5.84 0.28 -5.57
CA LEU A 88 -6.06 0.75 -4.21
C LEU A 88 -7.49 1.26 -4.05
N HIS A 89 -7.94 2.00 -5.04
CA HIS A 89 -9.29 2.57 -5.05
C HIS A 89 -10.34 1.48 -5.28
N TYR A 90 -9.89 0.30 -5.66
CA TYR A 90 -10.78 -0.81 -5.98
C TYR A 90 -10.97 -1.68 -4.73
N LEU A 91 -9.87 -1.87 -4.01
CA LEU A 91 -9.86 -2.63 -2.78
C LEU A 91 -10.80 -2.00 -1.74
N ARG A 92 -10.80 -0.68 -1.67
CA ARG A 92 -11.67 0.08 -0.76
C ARG A 92 -13.13 0.11 -1.20
N GLU A 93 -13.45 -0.51 -2.33
CA GLU A 93 -14.85 -0.63 -2.75
C GLU A 93 -15.64 -1.55 -1.82
N THR A 94 -14.95 -2.18 -0.88
CA THR A 94 -15.58 -2.97 0.15
C THR A 94 -14.86 -2.74 1.49
N PRO A 95 -15.07 -1.55 2.09
CA PRO A 95 -14.34 -1.12 3.31
C PRO A 95 -14.46 -2.11 4.46
N LEU A 96 -13.41 -2.16 5.28
CA LEU A 96 -13.37 -3.08 6.41
C LEU A 96 -14.51 -2.79 7.39
N PRO A 97 -15.18 -3.85 7.87
CA PRO A 97 -16.25 -3.74 8.85
C PRO A 97 -15.70 -3.37 10.23
#